data_2W2D
#
_entry.id   2W2D
#
_cell.length_a   78.365
_cell.length_b   156.909
_cell.length_c   211.651
_cell.angle_alpha   90.00
_cell.angle_beta   90.00
_cell.angle_gamma   90.00
#
_symmetry.space_group_name_H-M   'P 21 21 21'
#
loop_
_entity.id
_entity.type
_entity.pdbx_description
1 polymer 'BOTULINUM NEUROTOXIN A LIGHT CHAIN'
2 polymer 'BOTULINUM NEUROTOXIN A HEAVY CHAIN'
3 non-polymer 'SULFATE ION'
4 non-polymer 'ZINC ION'
5 non-polymer 'CHLORIDE ION'
6 non-polymer GLYCEROL
7 non-polymer 'ACETATE ION'
8 water water
#
loop_
_entity_poly.entity_id
_entity_poly.type
_entity_poly.pdbx_seq_one_letter_code
_entity_poly.pdbx_strand_id
1 'polypeptide(L)'
;EFGSMEFVNKQFNYKDPVNGVDIAYIKIPNAGQMQPVKAFKIHNKIWVIPERDTFTNPEEGDLNPPPEAKQVPVSYYDST
YLSTDNEKDNYLKGVTKLFERIYSTDLGRMLLTSIVRGIPFWGGSTIDTELKVIDTNCINVIQPDGSYRSEELNLVIIGP
SADIIQFECKSFGHEVLNLTRNGYGSTQYIRFSPDFTFGFEESLEVDTNPLLGAGKFATDPAVTLAHELIHAGHRLYGIA
INPNRVFKVNTNAYYEMSGLEVSFEELRTFGGHDAKFIDSLQENEFRLYYYNKFKDIASTLNKAKSIVGTTASLQYMKNV
FKEKYLLSEDTSGKFSVDKLKFDKLYKMLTEIYTEDNFVKFFKVLNRKTYLNFDKAVFKINIVPKVNYTIYDGFNLRNTN
LAANFNGQNTEINNMNFTKLKNFTGLFEFYKLLCVDGIITSKTKSLIEGR
;
A,C
2 'polypeptide(L)'
;NKALNLQCIKVNNWDLFFSPSEDNFTNDLNKGEEITSDTNIEAAEENISLDLIQQYYLTFNFDNEPENISIENLSSDIIG
QLELMPNIERFPNGKKYELDKYTMFHYLRAQEFEHGKSRIALTNSVNEALLNPSRVYTFFSSDYVKKVNKATEAAMFLGW
VEQLVYDFTDETSEVSTTDKIADITIIIPYIGPALNIGNMLYKDDFVGALIFSGAVILLEFIPEIAIPVLGTFALVSYIA
NKVLTVQTIDNALSKRNEKWDEVYKYIVTNWLAKVNTQIDLIRKKMKEALENQAEATKAIINYQYNQYTEEEKNNINFNI
DDLSSKLNESINKAMININKFLNQCSVSYLMNSMIPYGVKRLEDFDASLKDALLKYIYDNRGTLIGQVDRLKDKVNNTLS
TDIPFQLSKYVDNQRLLSTFTEYIKNIINTS
;
B,D
#
loop_
_chem_comp.id
_chem_comp.type
_chem_comp.name
_chem_comp.formula
ACT non-polymer 'ACETATE ION' 'C2 H3 O2 -1'
CL non-polymer 'CHLORIDE ION' 'Cl -1'
GOL non-polymer GLYCEROL 'C3 H8 O3'
SO4 non-polymer 'SULFATE ION' 'O4 S -2'
ZN non-polymer 'ZINC ION' 'Zn 2'
#
# COMPACT_ATOMS: atom_id res chain seq x y z
N GLU A 1 2.45 21.03 11.37
CA GLU A 1 1.44 21.78 12.18
C GLU A 1 0.22 22.10 11.35
N PHE A 2 0.15 21.51 10.15
CA PHE A 2 -0.97 21.75 9.25
C PHE A 2 -2.15 20.85 9.64
N GLY A 3 -3.19 20.87 8.81
CA GLY A 3 -4.37 20.05 9.10
C GLY A 3 -4.93 20.33 10.48
N SER A 4 -4.79 21.57 10.95
CA SER A 4 -5.26 21.97 12.27
C SER A 4 -6.75 22.33 12.26
N MET A 5 -7.14 23.20 11.34
CA MET A 5 -8.54 23.61 11.21
C MET A 5 -9.13 22.73 10.11
N GLU A 6 -9.27 21.43 10.39
CA GLU A 6 -9.82 20.53 9.38
C GLU A 6 -10.95 19.61 9.86
N PHE A 7 -10.67 18.60 10.69
CA PHE A 7 -11.76 17.75 11.14
C PHE A 7 -12.52 18.43 12.25
N VAL A 8 -11.81 19.26 13.02
CA VAL A 8 -12.40 20.02 14.12
C VAL A 8 -12.16 21.48 13.80
N ASN A 9 -13.14 22.11 13.16
CA ASN A 9 -13.01 23.51 12.76
C ASN A 9 -13.46 24.49 13.83
N LYS A 10 -12.95 24.33 15.05
CA LYS A 10 -13.31 25.22 16.15
C LYS A 10 -12.15 25.35 17.11
N GLN A 11 -11.75 26.57 17.44
CA GLN A 11 -10.61 26.76 18.35
C GLN A 11 -11.05 26.89 19.81
N PHE A 12 -11.93 25.99 20.23
CA PHE A 12 -12.46 25.97 21.58
C PHE A 12 -11.47 26.23 22.70
N ASN A 13 -11.91 27.01 23.66
CA ASN A 13 -11.17 27.24 24.88
C ASN A 13 -12.16 26.77 25.93
N TYR A 14 -11.74 25.96 26.88
CA TYR A 14 -12.67 25.41 27.89
C TYR A 14 -13.59 26.43 28.57
N LYS A 15 -13.07 27.61 28.89
CA LYS A 15 -13.85 28.65 29.56
C LYS A 15 -14.76 29.48 28.65
N ASP A 16 -14.79 29.19 27.36
CA ASP A 16 -15.65 29.97 26.47
C ASP A 16 -17.11 29.84 26.90
N PRO A 17 -17.86 30.95 26.87
CA PRO A 17 -19.27 30.97 27.25
C PRO A 17 -20.11 29.94 26.48
N VAL A 18 -21.08 29.35 27.16
CA VAL A 18 -21.96 28.38 26.55
C VAL A 18 -22.86 29.03 25.50
N ASN A 19 -23.29 28.27 24.49
CA ASN A 19 -24.16 28.83 23.46
C ASN A 19 -25.31 27.92 23.11
N GLY A 20 -25.30 26.70 23.64
CA GLY A 20 -26.37 25.77 23.34
C GLY A 20 -26.28 25.10 21.98
N VAL A 21 -25.21 25.37 21.23
CA VAL A 21 -25.08 24.75 19.92
C VAL A 21 -23.88 23.82 19.90
N ASP A 22 -22.67 24.37 20.03
CA ASP A 22 -21.48 23.51 20.06
C ASP A 22 -20.74 23.61 21.40
N ILE A 23 -21.18 24.53 22.27
CA ILE A 23 -20.62 24.70 23.61
C ILE A 23 -21.80 24.78 24.58
N ALA A 24 -22.03 23.72 25.35
CA ALA A 24 -23.15 23.74 26.27
C ALA A 24 -23.07 22.71 27.39
N TYR A 25 -23.84 22.95 28.45
CA TYR A 25 -23.92 21.98 29.53
C TYR A 25 -24.89 20.95 29.00
N ILE A 26 -24.60 19.68 29.23
CA ILE A 26 -25.47 18.64 28.72
C ILE A 26 -25.71 17.56 29.75
N LYS A 27 -26.70 16.71 29.47
CA LYS A 27 -27.02 15.58 30.32
C LYS A 27 -27.08 14.38 29.40
N ILE A 28 -26.58 13.26 29.86
CA ILE A 28 -26.52 12.05 29.06
C ILE A 28 -27.34 10.93 29.70
N PRO A 29 -27.57 9.82 28.96
CA PRO A 29 -28.35 8.71 29.53
C PRO A 29 -27.79 8.39 30.92
N ASN A 30 -28.67 8.18 31.88
CA ASN A 30 -28.20 7.94 33.22
C ASN A 30 -29.21 7.20 34.08
N ALA A 31 -28.72 6.55 35.13
CA ALA A 31 -29.59 5.80 36.04
C ALA A 31 -30.48 6.77 36.80
N GLY A 32 -29.92 7.45 37.78
CA GLY A 32 -30.71 8.39 38.55
C GLY A 32 -30.78 9.70 37.79
N GLN A 33 -30.21 10.73 38.38
CA GLN A 33 -30.20 12.05 37.78
C GLN A 33 -28.79 12.61 37.94
N MET A 34 -28.20 13.09 36.85
CA MET A 34 -26.86 13.64 36.89
C MET A 34 -26.90 15.15 36.73
N GLN A 35 -25.88 15.83 37.24
CA GLN A 35 -25.79 17.28 37.10
C GLN A 35 -25.20 17.53 35.72
N PRO A 36 -25.62 18.61 35.07
CA PRO A 36 -25.09 18.94 33.74
C PRO A 36 -23.57 19.11 33.72
N VAL A 37 -22.93 18.59 32.68
CA VAL A 37 -21.48 18.74 32.55
C VAL A 37 -21.22 19.60 31.31
N LYS A 38 -20.21 20.46 31.38
CA LYS A 38 -19.88 21.31 30.24
C LYS A 38 -19.25 20.43 29.13
N ALA A 39 -19.84 20.48 27.94
CA ALA A 39 -19.36 19.67 26.82
C ALA A 39 -19.13 20.48 25.55
N PHE A 40 -18.37 19.90 24.63
CA PHE A 40 -18.07 20.59 23.37
C PHE A 40 -18.35 19.69 22.17
N LYS A 41 -18.89 20.29 21.12
CA LYS A 41 -19.19 19.56 19.90
C LYS A 41 -18.09 19.89 18.89
N ILE A 42 -17.14 18.97 18.73
CA ILE A 42 -16.01 19.18 17.83
C ILE A 42 -16.28 18.86 16.37
N HIS A 43 -17.38 18.17 16.09
CA HIS A 43 -17.72 17.80 14.73
C HIS A 43 -19.13 17.22 14.73
N ASN A 44 -19.76 17.19 13.57
CA ASN A 44 -21.09 16.64 13.41
C ASN A 44 -21.14 15.26 14.08
N LYS A 45 -22.08 15.09 15.01
CA LYS A 45 -22.27 13.81 15.72
C LYS A 45 -21.22 13.46 16.79
N ILE A 46 -20.27 14.36 17.05
CA ILE A 46 -19.23 14.04 18.03
C ILE A 46 -19.00 15.09 19.10
N TRP A 47 -19.07 14.65 20.36
CA TRP A 47 -18.87 15.54 21.49
C TRP A 47 -17.73 15.09 22.38
N VAL A 48 -17.22 16.04 23.14
CA VAL A 48 -16.14 15.82 24.08
C VAL A 48 -16.55 16.39 25.44
N ILE A 49 -16.43 15.57 26.49
CA ILE A 49 -16.75 15.99 27.86
C ILE A 49 -15.47 15.95 28.70
N PRO A 50 -14.84 17.11 28.93
CA PRO A 50 -13.60 17.17 29.73
C PRO A 50 -13.82 16.95 31.23
N GLU A 51 -14.45 15.84 31.59
CA GLU A 51 -14.72 15.49 33.00
C GLU A 51 -14.35 14.03 33.26
N ARG A 52 -14.00 13.71 34.50
CA ARG A 52 -13.71 12.33 34.82
C ARG A 52 -15.08 11.66 34.73
N ASP A 53 -15.13 10.43 34.24
CA ASP A 53 -16.41 9.74 34.11
C ASP A 53 -16.91 9.21 35.45
N THR A 54 -17.77 9.97 36.10
CA THR A 54 -18.36 9.57 37.38
C THR A 54 -19.89 9.59 37.24
N PHE A 55 -20.38 9.31 36.03
CA PHE A 55 -21.82 9.31 35.82
C PHE A 55 -22.39 8.25 34.88
N THR A 56 -21.56 7.70 34.00
CA THR A 56 -22.08 6.68 33.09
C THR A 56 -22.39 5.40 33.87
N ASN A 57 -21.58 5.13 34.89
CA ASN A 57 -21.75 3.93 35.71
C ASN A 57 -21.94 4.30 37.18
N PRO A 58 -23.13 3.99 37.73
CA PRO A 58 -23.51 4.27 39.12
C PRO A 58 -22.57 3.63 40.16
N GLU A 59 -22.04 2.46 39.81
CA GLU A 59 -21.12 1.73 40.68
C GLU A 59 -19.70 2.26 40.55
N GLU A 60 -19.54 3.35 39.82
CA GLU A 60 -18.23 3.96 39.60
C GLU A 60 -18.24 5.48 39.84
N GLY A 61 -18.34 5.86 41.12
CA GLY A 61 -18.35 7.27 41.47
C GLY A 61 -17.09 7.69 42.21
N ASP A 62 -16.50 6.76 42.95
CA ASP A 62 -15.28 7.03 43.70
C ASP A 62 -14.06 7.01 42.77
N LEU A 63 -13.24 8.05 42.85
CA LEU A 63 -12.05 8.12 42.02
C LEU A 63 -10.78 7.65 42.73
N ASN A 64 -10.95 6.78 43.72
CA ASN A 64 -9.80 6.26 44.46
C ASN A 64 -9.56 4.80 44.11
N PRO A 65 -8.34 4.31 44.38
CA PRO A 65 -8.01 2.91 44.08
C PRO A 65 -9.03 1.99 44.73
N PRO A 66 -9.51 0.97 44.00
CA PRO A 66 -10.49 0.01 44.50
C PRO A 66 -9.96 -0.85 45.65
N PRO A 67 -10.86 -1.58 46.34
CA PRO A 67 -10.37 -2.42 47.44
C PRO A 67 -9.40 -3.43 46.84
N GLU A 68 -9.93 -4.23 45.91
CA GLU A 68 -9.17 -5.21 45.17
C GLU A 68 -8.49 -4.39 44.05
N ALA A 69 -7.23 -4.69 43.78
CA ALA A 69 -6.48 -3.93 42.78
C ALA A 69 -7.22 -3.83 41.46
N LYS A 70 -6.89 -4.70 40.52
CA LYS A 70 -7.48 -4.71 39.19
C LYS A 70 -6.57 -5.51 38.27
N GLN A 71 -6.86 -6.81 38.15
CA GLN A 71 -5.95 -7.73 37.49
C GLN A 71 -5.59 -7.25 36.10
N VAL A 72 -4.77 -6.20 36.06
CA VAL A 72 -4.27 -5.59 34.84
C VAL A 72 -2.78 -5.41 35.06
N PRO A 73 -1.98 -5.43 33.97
CA PRO A 73 -0.53 -5.24 34.00
C PRO A 73 -0.12 -3.89 34.57
N VAL A 74 -0.83 -2.85 34.13
CA VAL A 74 -0.52 -1.49 34.58
C VAL A 74 -1.80 -0.74 34.92
N SER A 75 -1.72 0.11 35.94
CA SER A 75 -2.86 0.91 36.36
C SER A 75 -2.34 2.17 37.03
N TYR A 76 -3.16 3.22 37.03
CA TYR A 76 -2.76 4.48 37.65
C TYR A 76 -3.96 5.18 38.28
N TYR A 77 -3.75 5.77 39.45
CA TYR A 77 -4.82 6.49 40.15
C TYR A 77 -4.38 7.85 40.63
N ASP A 78 -5.33 8.78 40.63
CA ASP A 78 -5.12 10.15 41.08
C ASP A 78 -6.44 10.90 40.96
N SER A 79 -7.18 10.90 42.05
CA SER A 79 -8.49 11.56 42.09
C SER A 79 -8.43 13.05 41.75
N THR A 80 -7.24 13.63 41.83
CA THR A 80 -7.07 15.05 41.54
C THR A 80 -7.02 15.38 40.05
N TYR A 81 -6.69 14.40 39.21
CA TYR A 81 -6.59 14.60 37.77
C TYR A 81 -7.90 14.99 37.06
N LEU A 82 -7.80 16.01 36.20
CA LEU A 82 -8.92 16.54 35.42
C LEU A 82 -9.95 17.27 36.28
N SER A 83 -9.49 18.13 37.18
CA SER A 83 -10.39 18.84 38.07
C SER A 83 -10.28 20.36 37.99
N THR A 84 -9.30 20.86 37.24
CA THR A 84 -9.11 22.29 37.09
C THR A 84 -9.43 22.71 35.66
N ASP A 85 -9.81 23.98 35.47
CA ASP A 85 -10.12 24.49 34.14
C ASP A 85 -8.95 24.29 33.19
N ASN A 86 -7.74 24.56 33.67
CA ASN A 86 -6.52 24.39 32.87
C ASN A 86 -6.40 22.94 32.40
N GLU A 87 -6.60 22.00 33.32
CA GLU A 87 -6.51 20.59 32.98
C GLU A 87 -7.54 20.25 31.90
N LYS A 88 -8.76 20.74 32.11
CA LYS A 88 -9.83 20.48 31.16
C LYS A 88 -9.56 21.17 29.82
N ASP A 89 -8.98 22.36 29.85
CA ASP A 89 -8.70 23.02 28.59
C ASP A 89 -7.65 22.22 27.82
N ASN A 90 -6.60 21.79 28.52
CA ASN A 90 -5.54 21.03 27.88
C ASN A 90 -6.04 19.68 27.38
N TYR A 91 -7.01 19.11 28.08
CA TYR A 91 -7.59 17.81 27.70
C TYR A 91 -8.38 17.97 26.38
N LEU A 92 -9.13 19.07 26.31
CA LEU A 92 -9.94 19.38 25.13
C LEU A 92 -9.01 19.54 23.92
N LYS A 93 -7.92 20.29 24.11
CA LYS A 93 -6.96 20.50 23.04
C LYS A 93 -6.22 19.22 22.66
N GLY A 94 -5.96 18.37 23.66
CA GLY A 94 -5.28 17.12 23.39
C GLY A 94 -6.13 16.17 22.56
N VAL A 95 -7.37 15.96 22.99
CA VAL A 95 -8.28 15.08 22.28
C VAL A 95 -8.49 15.58 20.85
N THR A 96 -8.56 16.90 20.71
CA THR A 96 -8.75 17.50 19.40
C THR A 96 -7.55 17.27 18.48
N LYS A 97 -6.35 17.43 19.01
CA LYS A 97 -5.15 17.25 18.21
C LYS A 97 -5.07 15.80 17.74
N LEU A 98 -5.41 14.87 18.61
CA LEU A 98 -5.37 13.48 18.22
C LEU A 98 -6.36 13.21 17.08
N PHE A 99 -7.49 13.89 17.10
CA PHE A 99 -8.47 13.71 16.03
C PHE A 99 -7.90 14.19 14.69
N GLU A 100 -7.24 15.35 14.71
CA GLU A 100 -6.65 15.90 13.50
C GLU A 100 -5.58 14.94 12.97
N ARG A 101 -4.77 14.41 13.88
CA ARG A 101 -3.73 13.49 13.47
C ARG A 101 -4.36 12.27 12.82
N ILE A 102 -5.40 11.71 13.44
CA ILE A 102 -6.06 10.55 12.87
C ILE A 102 -6.69 10.88 11.53
N TYR A 103 -7.33 12.05 11.47
CA TYR A 103 -7.99 12.49 10.26
C TYR A 103 -7.01 12.76 9.12
N SER A 104 -5.79 13.16 9.44
CA SER A 104 -4.79 13.44 8.42
C SER A 104 -4.24 12.21 7.70
N THR A 105 -4.67 11.01 8.09
CA THR A 105 -4.22 9.82 7.38
C THR A 105 -5.41 9.36 6.53
N ASP A 106 -5.17 8.62 5.46
CA ASP A 106 -6.28 8.17 4.62
C ASP A 106 -7.19 7.24 5.39
N LEU A 107 -6.60 6.30 6.12
CA LEU A 107 -7.35 5.34 6.90
C LEU A 107 -8.13 6.11 7.95
N GLY A 108 -7.47 7.07 8.56
CA GLY A 108 -8.13 7.87 9.58
C GLY A 108 -9.32 8.61 9.03
N ARG A 109 -9.18 9.13 7.81
CA ARG A 109 -10.24 9.87 7.17
C ARG A 109 -11.42 8.96 6.94
N MET A 110 -11.13 7.74 6.49
CA MET A 110 -12.18 6.76 6.21
C MET A 110 -12.92 6.38 7.49
N LEU A 111 -12.19 5.95 8.52
CA LEU A 111 -12.79 5.56 9.79
C LEU A 111 -13.63 6.68 10.42
N LEU A 112 -13.13 7.90 10.40
CA LEU A 112 -13.89 9.02 10.97
C LEU A 112 -15.18 9.27 10.18
N THR A 113 -15.14 9.04 8.88
CA THR A 113 -16.32 9.26 8.06
C THR A 113 -17.29 8.12 8.29
N SER A 114 -16.77 6.91 8.45
CA SER A 114 -17.64 5.77 8.70
C SER A 114 -18.35 5.97 10.04
N ILE A 115 -17.65 6.54 11.01
CA ILE A 115 -18.24 6.78 12.32
C ILE A 115 -19.39 7.79 12.25
N VAL A 116 -19.18 8.91 11.54
CA VAL A 116 -20.22 9.91 11.44
C VAL A 116 -21.48 9.40 10.74
N ARG A 117 -21.33 8.49 9.78
CA ARG A 117 -22.47 7.93 9.07
C ARG A 117 -23.10 6.79 9.87
N GLY A 118 -22.35 6.26 10.84
CA GLY A 118 -22.84 5.15 11.64
C GLY A 118 -23.91 5.49 12.65
N ILE A 119 -24.86 6.32 12.24
CA ILE A 119 -25.97 6.76 13.07
C ILE A 119 -26.75 5.58 13.63
N PRO A 120 -26.92 5.50 14.97
CA PRO A 120 -27.67 4.38 15.57
C PRO A 120 -29.06 4.27 14.95
N PHE A 121 -29.47 3.07 14.60
CA PHE A 121 -30.77 2.86 13.96
C PHE A 121 -31.97 3.39 14.73
N TRP A 122 -32.98 3.84 13.99
CA TRP A 122 -34.21 4.34 14.59
C TRP A 122 -35.12 3.12 14.75
N GLY A 123 -34.83 2.31 15.75
CA GLY A 123 -35.62 1.12 15.99
C GLY A 123 -36.28 1.07 17.35
N GLY A 124 -36.71 2.22 17.87
CA GLY A 124 -37.34 2.26 19.17
C GLY A 124 -38.85 2.10 19.21
N SER A 125 -39.48 1.93 18.06
CA SER A 125 -40.93 1.78 18.02
C SER A 125 -41.38 0.37 18.33
N THR A 126 -42.53 0.25 18.99
CA THR A 126 -43.08 -1.07 19.31
C THR A 126 -44.10 -1.37 18.23
N ILE A 127 -44.36 -0.37 17.39
CA ILE A 127 -45.29 -0.48 16.28
C ILE A 127 -44.44 -0.47 15.00
N ASP A 128 -44.24 -1.66 14.43
CA ASP A 128 -43.41 -1.83 13.24
C ASP A 128 -43.63 -0.95 12.01
N THR A 129 -44.75 -0.25 11.92
CA THR A 129 -44.99 0.61 10.76
C THR A 129 -44.51 2.02 11.04
N GLU A 130 -43.79 2.20 12.15
CA GLU A 130 -43.27 3.51 12.53
C GLU A 130 -41.80 3.49 12.91
N LEU A 131 -41.06 4.48 12.40
CA LEU A 131 -39.64 4.60 12.73
C LEU A 131 -39.53 5.60 13.87
N LYS A 132 -38.91 5.18 14.95
CA LYS A 132 -38.75 6.05 16.10
C LYS A 132 -37.32 5.95 16.60
N VAL A 133 -36.76 7.06 17.04
CA VAL A 133 -35.39 7.03 17.55
C VAL A 133 -35.39 6.34 18.90
N ILE A 134 -34.21 5.91 19.35
CA ILE A 134 -34.06 5.29 20.66
C ILE A 134 -33.42 6.37 21.50
N ASP A 135 -34.15 6.84 22.51
CA ASP A 135 -33.68 7.93 23.34
C ASP A 135 -32.30 7.83 23.98
N THR A 136 -31.80 6.62 24.22
CA THR A 136 -30.47 6.52 24.83
C THR A 136 -29.35 6.82 23.82
N ASN A 137 -29.74 7.12 22.58
CA ASN A 137 -28.76 7.48 21.54
C ASN A 137 -28.78 8.99 21.35
N CYS A 138 -29.17 9.71 22.41
CA CYS A 138 -29.25 11.18 22.37
C CYS A 138 -28.74 11.79 23.65
N ILE A 139 -28.72 13.12 23.66
CA ILE A 139 -28.30 13.86 24.84
C ILE A 139 -29.19 15.09 24.88
N ASN A 140 -29.20 15.79 26.01
CA ASN A 140 -29.97 17.01 26.11
C ASN A 140 -28.96 18.14 26.19
N VAL A 141 -29.08 19.08 25.26
CA VAL A 141 -28.19 20.22 25.19
C VAL A 141 -28.91 21.38 25.88
N ILE A 142 -28.37 21.80 27.03
CA ILE A 142 -29.00 22.89 27.76
C ILE A 142 -28.60 24.22 27.16
N GLN A 143 -29.60 25.04 26.92
CA GLN A 143 -29.39 26.35 26.32
C GLN A 143 -29.01 27.39 27.35
N PRO A 144 -28.50 28.53 26.88
CA PRO A 144 -28.10 29.62 27.78
C PRO A 144 -29.25 30.09 28.67
N ASP A 145 -30.46 30.12 28.11
CA ASP A 145 -31.65 30.57 28.85
C ASP A 145 -32.21 29.52 29.81
N GLY A 146 -31.52 28.39 29.95
CA GLY A 146 -32.01 27.37 30.87
C GLY A 146 -32.95 26.36 30.26
N SER A 147 -33.41 26.61 29.04
CA SER A 147 -34.30 25.68 28.37
C SER A 147 -33.38 24.62 27.79
N TYR A 148 -33.93 23.67 27.03
CA TYR A 148 -33.09 22.65 26.44
C TYR A 148 -33.71 22.00 25.23
N ARG A 149 -32.91 21.24 24.49
CA ARG A 149 -33.38 20.51 23.32
C ARG A 149 -32.56 19.22 23.23
N SER A 150 -33.19 18.17 22.72
CA SER A 150 -32.53 16.88 22.57
C SER A 150 -31.84 16.78 21.23
N GLU A 151 -30.77 15.98 21.18
CA GLU A 151 -29.99 15.82 19.97
C GLU A 151 -29.37 14.44 19.86
N GLU A 152 -29.30 13.90 18.65
CA GLU A 152 -28.70 12.58 18.46
C GLU A 152 -27.20 12.80 18.26
N LEU A 153 -26.41 11.79 18.61
CA LEU A 153 -24.96 11.85 18.45
C LEU A 153 -24.47 10.41 18.38
N ASN A 154 -23.29 10.22 17.79
CA ASN A 154 -22.77 8.87 17.65
C ASN A 154 -21.58 8.60 18.57
N LEU A 155 -20.89 9.66 18.96
CA LEU A 155 -19.70 9.48 19.74
C LEU A 155 -19.41 10.55 20.79
N VAL A 156 -18.96 10.11 21.95
CA VAL A 156 -18.61 11.02 23.04
C VAL A 156 -17.31 10.56 23.67
N ILE A 157 -16.38 11.50 23.81
CA ILE A 157 -15.09 11.24 24.41
C ILE A 157 -15.11 11.90 25.80
N ILE A 158 -15.02 11.09 26.83
CA ILE A 158 -15.04 11.60 28.21
C ILE A 158 -13.76 11.22 28.93
N GLY A 159 -13.50 11.90 30.05
CA GLY A 159 -12.32 11.59 30.83
C GLY A 159 -12.42 10.19 31.43
N PRO A 160 -11.30 9.63 31.92
CA PRO A 160 -11.36 8.30 32.50
C PRO A 160 -12.05 8.25 33.87
N SER A 161 -12.41 7.04 34.27
CA SER A 161 -13.03 6.80 35.56
C SER A 161 -11.90 6.75 36.60
N ALA A 162 -12.05 5.93 37.64
CA ALA A 162 -11.02 5.85 38.68
C ALA A 162 -9.61 5.48 38.13
N ASP A 163 -9.49 4.35 37.45
CA ASP A 163 -8.22 3.93 36.84
C ASP A 163 -8.02 4.84 35.63
N ILE A 164 -7.20 5.87 35.81
CA ILE A 164 -6.94 6.86 34.78
C ILE A 164 -6.50 6.35 33.40
N ILE A 165 -5.86 5.18 33.34
CA ILE A 165 -5.43 4.69 32.04
C ILE A 165 -6.18 3.45 31.59
N GLN A 166 -7.43 3.34 32.03
CA GLN A 166 -8.30 2.26 31.62
C GLN A 166 -9.23 2.92 30.58
N PHE A 167 -8.94 2.71 29.30
CA PHE A 167 -9.73 3.30 28.21
C PHE A 167 -10.66 2.26 27.65
N GLU A 168 -11.90 2.63 27.39
CA GLU A 168 -12.87 1.68 26.86
C GLU A 168 -14.08 2.33 26.24
N CYS A 169 -14.84 1.52 25.52
CA CYS A 169 -16.05 1.98 24.86
C CYS A 169 -17.27 1.57 25.66
N LYS A 170 -18.03 2.55 26.12
CA LYS A 170 -19.24 2.27 26.87
C LYS A 170 -20.48 2.80 26.15
N SER A 171 -21.56 2.04 26.16
CA SER A 171 -22.79 2.48 25.53
C SER A 171 -24.01 1.94 26.29
N PHE A 172 -25.11 2.67 26.22
CA PHE A 172 -26.35 2.29 26.89
C PHE A 172 -27.12 1.34 25.99
N GLY A 173 -27.94 0.47 26.59
CA GLY A 173 -28.67 -0.47 25.79
C GLY A 173 -30.16 -0.37 25.95
N HIS A 174 -30.86 -1.32 25.33
CA HIS A 174 -32.30 -1.38 25.40
C HIS A 174 -32.62 -2.52 26.34
N GLU A 175 -33.86 -2.58 26.81
CA GLU A 175 -34.25 -3.62 27.73
C GLU A 175 -34.20 -5.01 27.10
N VAL A 176 -34.62 -5.11 25.85
CA VAL A 176 -34.61 -6.40 25.17
C VAL A 176 -33.57 -6.52 24.05
N LEU A 177 -33.28 -5.41 23.37
CA LEU A 177 -32.31 -5.40 22.28
C LEU A 177 -30.84 -5.37 22.70
N ASN A 178 -29.97 -5.87 21.83
CA ASN A 178 -28.52 -5.87 22.04
C ASN A 178 -27.95 -4.97 20.94
N LEU A 179 -28.12 -3.67 21.10
CA LEU A 179 -27.71 -2.67 20.12
C LEU A 179 -26.33 -2.80 19.46
N THR A 180 -25.31 -3.20 20.20
CA THR A 180 -23.99 -3.31 19.63
C THR A 180 -23.78 -4.62 18.87
N ARG A 181 -24.75 -5.53 18.96
CA ARG A 181 -24.61 -6.81 18.28
C ARG A 181 -25.78 -7.21 17.41
N ASN A 182 -26.60 -6.26 17.00
CA ASN A 182 -27.75 -6.59 16.18
C ASN A 182 -27.86 -5.68 14.97
N GLY A 183 -26.80 -4.93 14.70
CA GLY A 183 -26.78 -4.05 13.55
C GLY A 183 -27.36 -2.67 13.77
N TYR A 184 -28.12 -2.49 14.85
CA TYR A 184 -28.71 -1.19 15.14
C TYR A 184 -27.67 -0.13 15.46
N GLY A 185 -26.73 -0.49 16.32
CA GLY A 185 -25.71 0.44 16.74
C GLY A 185 -26.26 1.31 17.87
N SER A 186 -25.35 1.94 18.60
CA SER A 186 -25.74 2.81 19.71
C SER A 186 -24.66 3.84 19.97
N THR A 187 -25.04 4.98 20.54
CA THR A 187 -24.08 6.02 20.84
C THR A 187 -22.95 5.49 21.70
N GLN A 188 -21.73 5.82 21.34
CA GLN A 188 -20.58 5.34 22.08
C GLN A 188 -19.91 6.39 22.95
N TYR A 189 -19.58 5.98 24.18
CA TYR A 189 -18.90 6.85 25.12
C TYR A 189 -17.53 6.23 25.33
N ILE A 190 -16.49 7.01 25.08
CA ILE A 190 -15.14 6.51 25.23
C ILE A 190 -14.39 7.20 26.34
N ARG A 191 -13.95 6.40 27.30
CA ARG A 191 -13.16 6.92 28.40
C ARG A 191 -11.76 6.97 27.82
N PHE A 192 -11.16 8.15 27.85
CA PHE A 192 -9.86 8.30 27.27
C PHE A 192 -9.16 9.52 27.81
N SER A 193 -7.83 9.47 27.80
CA SER A 193 -7.01 10.58 28.24
C SER A 193 -5.81 10.76 27.32
N PRO A 194 -5.57 11.99 26.84
CA PRO A 194 -4.44 12.26 25.95
C PRO A 194 -3.27 12.72 26.82
N ASP A 195 -3.47 12.67 28.13
CA ASP A 195 -2.46 13.12 29.08
C ASP A 195 -1.53 12.06 29.66
N PHE A 196 -1.74 10.81 29.28
CA PHE A 196 -0.90 9.70 29.76
C PHE A 196 -0.78 8.69 28.65
N THR A 197 0.26 7.87 28.70
CA THR A 197 0.39 6.84 27.70
C THR A 197 1.16 5.66 28.28
N PHE A 198 1.14 4.57 27.55
CA PHE A 198 1.80 3.35 28.01
C PHE A 198 3.22 3.18 27.49
N GLY A 199 3.98 2.38 28.23
CA GLY A 199 5.35 2.09 27.85
C GLY A 199 5.40 0.61 27.50
N PHE A 200 6.09 0.28 26.41
CA PHE A 200 6.22 -1.11 26.00
C PHE A 200 7.64 -1.32 25.54
N GLU A 201 8.03 -2.59 25.42
CA GLU A 201 9.38 -2.90 25.00
C GLU A 201 9.42 -3.49 23.59
N GLU A 202 10.38 -3.04 22.79
CA GLU A 202 10.54 -3.52 21.43
C GLU A 202 11.58 -4.63 21.35
N SER A 203 11.29 -5.63 20.56
CA SER A 203 12.22 -6.70 20.42
C SER A 203 12.38 -6.95 18.93
N LEU A 204 12.16 -5.97 18.09
CA LEU A 204 12.21 -6.42 16.72
C LEU A 204 12.47 -5.45 15.62
N GLU A 205 12.24 -4.17 15.84
CA GLU A 205 12.46 -3.22 14.74
C GLU A 205 13.89 -3.31 14.24
N VAL A 206 14.78 -3.17 15.20
CA VAL A 206 16.19 -3.24 14.93
C VAL A 206 16.44 -3.60 13.48
N ASP A 207 16.81 -4.85 13.22
CA ASP A 207 17.07 -5.31 11.87
C ASP A 207 17.01 -4.17 10.87
N THR A 208 15.97 -3.34 10.99
CA THR A 208 15.80 -2.21 10.09
C THR A 208 16.34 -0.92 10.70
N ASN A 209 16.42 -0.89 12.04
CA ASN A 209 16.92 0.28 12.75
C ASN A 209 17.96 -0.10 13.79
N PRO A 210 19.15 -0.55 13.35
CA PRO A 210 20.23 -0.94 14.26
C PRO A 210 20.59 0.08 15.35
N LEU A 211 20.21 1.34 15.14
CA LEU A 211 20.51 2.37 16.12
C LEU A 211 19.32 2.66 17.03
N LEU A 212 18.36 1.75 17.01
CA LEU A 212 17.16 1.87 17.83
C LEU A 212 17.56 2.15 19.29
N GLY A 213 16.84 3.06 19.94
CA GLY A 213 17.12 3.41 21.33
C GLY A 213 17.08 2.25 22.30
N ALA A 214 17.45 2.50 23.54
CA ALA A 214 17.51 1.43 24.53
C ALA A 214 16.30 1.07 25.38
N GLY A 215 15.81 2.00 26.19
CA GLY A 215 14.72 1.69 27.09
C GLY A 215 13.37 1.25 26.56
N LYS A 216 12.34 1.82 27.16
CA LYS A 216 10.97 1.54 26.77
C LYS A 216 10.53 2.63 25.82
N PHE A 217 9.60 2.29 24.95
CA PHE A 217 9.06 3.26 24.01
C PHE A 217 7.63 3.58 24.40
N ALA A 218 7.20 4.81 24.14
CA ALA A 218 5.85 5.21 24.47
C ALA A 218 4.88 5.02 23.32
N THR A 219 3.74 4.38 23.61
CA THR A 219 2.69 4.18 22.61
C THR A 219 2.23 5.56 22.19
N ASP A 220 1.96 5.74 20.90
CA ASP A 220 1.50 7.03 20.39
C ASP A 220 0.01 7.12 20.72
N PRO A 221 -0.38 8.15 21.50
CA PRO A 221 -1.75 8.42 21.93
C PRO A 221 -2.78 8.29 20.79
N ALA A 222 -2.36 8.69 19.59
CA ALA A 222 -3.20 8.61 18.39
C ALA A 222 -3.58 7.17 18.07
N VAL A 223 -2.65 6.25 18.30
CA VAL A 223 -2.90 4.84 18.03
C VAL A 223 -3.91 4.33 19.05
N THR A 224 -3.69 4.69 20.32
CA THR A 224 -4.58 4.27 21.38
C THR A 224 -6.02 4.74 21.08
N LEU A 225 -6.19 6.02 20.75
CA LEU A 225 -7.51 6.55 20.45
C LEU A 225 -8.10 5.85 19.24
N ALA A 226 -7.30 5.69 18.18
CA ALA A 226 -7.78 5.03 16.96
C ALA A 226 -8.25 3.62 17.31
N HIS A 227 -7.56 3.00 18.26
CA HIS A 227 -7.93 1.67 18.68
C HIS A 227 -9.38 1.71 19.20
N GLU A 228 -9.65 2.64 20.12
CA GLU A 228 -11.00 2.80 20.67
C GLU A 228 -12.02 3.18 19.60
N LEU A 229 -11.62 4.01 18.63
CA LEU A 229 -12.53 4.40 17.57
C LEU A 229 -12.93 3.19 16.72
N ILE A 230 -12.02 2.20 16.62
CA ILE A 230 -12.34 1.00 15.85
C ILE A 230 -13.42 0.23 16.61
N HIS A 231 -13.26 0.11 17.92
CA HIS A 231 -14.29 -0.54 18.70
C HIS A 231 -15.58 0.26 18.48
N ALA A 232 -15.49 1.58 18.64
CA ALA A 232 -16.66 2.43 18.44
C ALA A 232 -17.30 2.15 17.09
N GLY A 233 -16.47 2.00 16.05
CA GLY A 233 -16.99 1.74 14.73
C GLY A 233 -17.80 0.45 14.70
N HIS A 234 -17.28 -0.61 15.31
CA HIS A 234 -17.98 -1.89 15.32
C HIS A 234 -19.34 -1.72 16.01
N ARG A 235 -19.30 -1.12 17.18
CA ARG A 235 -20.50 -0.89 17.97
C ARG A 235 -21.53 -0.04 17.27
N LEU A 236 -21.09 0.99 16.56
CA LEU A 236 -22.03 1.85 15.85
C LEU A 236 -22.76 1.11 14.74
N TYR A 237 -22.15 0.04 14.22
CA TYR A 237 -22.77 -0.74 13.15
C TYR A 237 -23.36 -2.04 13.67
N GLY A 238 -23.44 -2.14 15.00
CA GLY A 238 -24.00 -3.31 15.65
C GLY A 238 -23.39 -4.64 15.24
N ILE A 239 -22.06 -4.64 15.03
CA ILE A 239 -21.36 -5.86 14.63
C ILE A 239 -20.22 -6.27 15.56
N ALA A 240 -20.12 -5.66 16.74
CA ALA A 240 -19.06 -6.03 17.67
C ALA A 240 -19.30 -7.46 18.10
N ILE A 241 -18.23 -8.23 18.28
CA ILE A 241 -18.40 -9.63 18.67
C ILE A 241 -18.78 -9.70 20.13
N ASN A 242 -19.71 -10.59 20.44
CA ASN A 242 -20.19 -10.79 21.80
C ASN A 242 -19.01 -10.99 22.77
N PRO A 243 -18.97 -10.21 23.85
CA PRO A 243 -17.92 -10.27 24.86
C PRO A 243 -17.71 -11.64 25.47
N ASN A 244 -18.70 -12.52 25.30
CA ASN A 244 -18.60 -13.85 25.86
C ASN A 244 -17.60 -14.67 25.06
N ARG A 245 -17.48 -14.34 23.77
CA ARG A 245 -16.53 -15.06 22.92
C ARG A 245 -15.15 -14.53 23.27
N VAL A 246 -14.38 -15.33 23.99
CA VAL A 246 -13.04 -14.94 24.40
C VAL A 246 -12.07 -16.08 24.14
N PHE A 247 -10.80 -15.75 23.97
CA PHE A 247 -9.78 -16.76 23.70
C PHE A 247 -9.33 -17.43 24.99
N LYS A 248 -10.02 -18.49 25.36
CA LYS A 248 -9.71 -19.25 26.57
C LYS A 248 -8.26 -19.76 26.56
N VAL A 249 -7.56 -19.61 27.68
CA VAL A 249 -6.18 -20.07 27.80
C VAL A 249 -6.05 -21.17 28.86
N ASN A 250 -5.00 -22.00 28.74
CA ASN A 250 -4.73 -23.05 29.72
C ASN A 250 -3.93 -22.34 30.82
N THR A 251 -4.09 -22.73 32.08
CA THR A 251 -3.34 -22.05 33.13
C THR A 251 -2.74 -22.97 34.20
N ASN A 252 -2.99 -24.28 34.08
CA ASN A 252 -2.48 -25.24 35.05
C ASN A 252 -0.96 -25.28 35.16
N ALA A 253 -0.27 -25.38 34.03
CA ALA A 253 1.20 -25.45 34.02
C ALA A 253 1.85 -24.27 34.74
N TYR A 254 3.07 -24.49 35.23
CA TYR A 254 3.81 -23.45 35.95
C TYR A 254 4.21 -22.28 35.05
N TYR A 255 4.42 -22.56 33.78
CA TYR A 255 4.84 -21.54 32.83
C TYR A 255 3.73 -20.70 32.21
N GLU A 256 2.48 -21.13 32.41
CA GLU A 256 1.33 -20.44 31.84
C GLU A 256 0.81 -19.26 32.67
N MET A 257 0.22 -18.28 31.99
CA MET A 257 -0.34 -17.14 32.70
C MET A 257 -1.37 -17.69 33.70
N SER A 258 -1.55 -17.02 34.83
CA SER A 258 -2.53 -17.50 35.82
C SER A 258 -3.93 -17.24 35.27
N GLY A 259 -4.02 -16.26 34.37
CA GLY A 259 -5.29 -15.92 33.76
C GLY A 259 -5.09 -14.80 32.77
N LEU A 260 -6.01 -14.68 31.82
CA LEU A 260 -5.93 -13.64 30.81
C LEU A 260 -7.31 -13.35 30.23
N GLU A 261 -7.71 -14.15 29.24
CA GLU A 261 -9.02 -13.96 28.62
C GLU A 261 -9.11 -12.65 27.81
N VAL A 262 -8.69 -12.74 26.56
CA VAL A 262 -8.72 -11.65 25.60
C VAL A 262 -9.88 -12.01 24.69
N SER A 263 -10.78 -11.07 24.46
CA SER A 263 -11.95 -11.35 23.64
C SER A 263 -11.63 -11.40 22.16
N PHE A 264 -12.52 -12.03 21.40
CA PHE A 264 -12.39 -12.14 19.96
C PHE A 264 -12.45 -10.73 19.38
N GLU A 265 -13.40 -9.95 19.89
CA GLU A 265 -13.58 -8.57 19.46
C GLU A 265 -12.26 -7.80 19.59
N GLU A 266 -11.49 -8.14 20.61
CA GLU A 266 -10.20 -7.52 20.85
C GLU A 266 -9.18 -7.95 19.81
N LEU A 267 -9.10 -9.25 19.54
CA LEU A 267 -8.17 -9.78 18.56
C LEU A 267 -8.51 -9.19 17.20
N ARG A 268 -9.81 -9.07 16.93
CA ARG A 268 -10.29 -8.52 15.68
C ARG A 268 -9.82 -7.08 15.51
N THR A 269 -10.00 -6.29 16.57
CA THR A 269 -9.65 -4.89 16.56
C THR A 269 -8.16 -4.62 16.39
N PHE A 270 -7.31 -5.41 17.04
CA PHE A 270 -5.87 -5.21 16.91
C PHE A 270 -5.36 -5.47 15.49
N GLY A 271 -5.83 -6.56 14.88
CA GLY A 271 -5.39 -6.91 13.53
C GLY A 271 -4.13 -7.78 13.55
N GLY A 272 -3.31 -7.63 12.52
CA GLY A 272 -2.08 -8.41 12.44
C GLY A 272 -2.27 -9.92 12.57
N HIS A 273 -1.38 -10.56 13.32
CA HIS A 273 -1.45 -11.99 13.57
C HIS A 273 -2.64 -12.32 14.45
N ASP A 274 -2.76 -11.55 15.52
CA ASP A 274 -3.81 -11.69 16.52
C ASP A 274 -5.15 -12.06 15.94
N ALA A 275 -5.61 -11.28 14.96
CA ALA A 275 -6.91 -11.53 14.36
C ALA A 275 -6.98 -12.88 13.64
N LYS A 276 -5.82 -13.43 13.27
CA LYS A 276 -5.79 -14.70 12.59
C LYS A 276 -5.81 -15.90 13.54
N PHE A 277 -5.94 -15.62 14.83
CA PHE A 277 -6.02 -16.68 15.83
C PHE A 277 -7.42 -17.28 15.71
N ILE A 278 -8.31 -16.54 15.07
CA ILE A 278 -9.70 -16.95 14.89
C ILE A 278 -9.85 -17.78 13.62
N ASP A 279 -10.26 -19.04 13.77
CA ASP A 279 -10.43 -19.91 12.61
C ASP A 279 -11.53 -19.39 11.67
N SER A 280 -11.53 -19.86 10.43
CA SER A 280 -12.50 -19.42 9.44
C SER A 280 -13.92 -19.87 9.71
N LEU A 281 -14.06 -21.03 10.34
CA LEU A 281 -15.40 -21.54 10.63
C LEU A 281 -16.16 -20.52 11.47
N GLN A 282 -15.48 -19.97 12.48
CA GLN A 282 -16.12 -18.99 13.36
C GLN A 282 -16.23 -17.61 12.71
N GLU A 283 -15.28 -17.28 11.86
CA GLU A 283 -15.32 -15.98 11.21
C GLU A 283 -16.53 -15.95 10.28
N ASN A 284 -16.78 -17.05 9.59
CA ASN A 284 -17.92 -17.13 8.69
C ASN A 284 -19.21 -17.14 9.50
N GLU A 285 -19.14 -17.68 10.71
CA GLU A 285 -20.30 -17.72 11.59
C GLU A 285 -20.69 -16.29 11.90
N PHE A 286 -19.71 -15.48 12.29
CA PHE A 286 -19.96 -14.09 12.62
C PHE A 286 -20.53 -13.29 11.45
N ARG A 287 -19.90 -13.42 10.29
CA ARG A 287 -20.34 -12.68 9.12
C ARG A 287 -21.77 -13.04 8.71
N LEU A 288 -22.05 -14.34 8.62
CA LEU A 288 -23.41 -14.76 8.25
C LEU A 288 -24.40 -14.15 9.25
N TYR A 289 -24.05 -14.22 10.52
CA TYR A 289 -24.89 -13.68 11.59
C TYR A 289 -25.24 -12.21 11.37
N TYR A 290 -24.23 -11.37 11.19
CA TYR A 290 -24.45 -9.95 10.99
C TYR A 290 -25.09 -9.63 9.64
N TYR A 291 -24.90 -10.50 8.67
CA TYR A 291 -25.51 -10.30 7.35
C TYR A 291 -27.02 -10.47 7.54
N ASN A 292 -27.40 -11.45 8.35
CA ASN A 292 -28.82 -11.67 8.59
C ASN A 292 -29.39 -10.50 9.41
N LYS A 293 -28.60 -9.94 10.32
CA LYS A 293 -29.07 -8.80 11.09
C LYS A 293 -29.34 -7.62 10.15
N PHE A 294 -28.45 -7.42 9.18
CA PHE A 294 -28.61 -6.34 8.22
C PHE A 294 -29.87 -6.56 7.38
N LYS A 295 -30.20 -7.81 7.06
CA LYS A 295 -31.39 -8.06 6.29
C LYS A 295 -32.65 -7.73 7.11
N ASP A 296 -32.55 -7.91 8.43
CA ASP A 296 -33.66 -7.59 9.31
C ASP A 296 -33.90 -6.09 9.24
N ILE A 297 -32.84 -5.30 9.39
CA ILE A 297 -32.96 -3.85 9.30
C ILE A 297 -33.65 -3.48 7.99
N ALA A 298 -33.23 -4.12 6.90
CA ALA A 298 -33.79 -3.87 5.58
C ALA A 298 -35.30 -4.11 5.58
N SER A 299 -35.73 -5.21 6.20
CA SER A 299 -37.15 -5.54 6.28
C SER A 299 -37.87 -4.46 7.08
N THR A 300 -37.31 -4.11 8.23
CA THR A 300 -37.90 -3.10 9.09
C THR A 300 -38.09 -1.76 8.35
N LEU A 301 -37.13 -1.39 7.51
CA LEU A 301 -37.25 -0.14 6.78
C LEU A 301 -38.41 -0.22 5.78
N ASN A 302 -38.59 -1.39 5.20
CA ASN A 302 -39.64 -1.62 4.23
C ASN A 302 -41.01 -1.72 4.88
N LYS A 303 -41.04 -2.01 6.18
CA LYS A 303 -42.30 -2.11 6.91
C LYS A 303 -42.79 -0.72 7.36
N ALA A 304 -41.86 0.22 7.47
CA ALA A 304 -42.18 1.57 7.92
C ALA A 304 -43.09 2.37 6.99
N LYS A 305 -44.19 2.87 7.55
CA LYS A 305 -45.13 3.67 6.79
C LYS A 305 -45.05 5.11 7.26
N SER A 306 -44.64 5.31 8.52
CA SER A 306 -44.52 6.64 9.08
C SER A 306 -43.35 6.79 10.04
N ILE A 307 -42.92 8.03 10.26
CA ILE A 307 -41.81 8.34 11.17
C ILE A 307 -42.36 9.23 12.28
N VAL A 308 -41.97 8.96 13.52
CA VAL A 308 -42.46 9.78 14.63
C VAL A 308 -41.36 10.57 15.30
N GLY A 309 -41.73 11.72 15.86
CA GLY A 309 -40.79 12.55 16.60
C GLY A 309 -39.86 13.51 15.87
N THR A 310 -40.11 13.81 14.61
CA THR A 310 -39.23 14.73 13.89
C THR A 310 -39.87 15.31 12.65
N THR A 311 -39.40 16.50 12.24
CA THR A 311 -39.94 17.14 11.04
C THR A 311 -39.25 16.54 9.84
N ALA A 312 -38.24 15.72 10.08
CA ALA A 312 -37.51 15.06 9.01
C ALA A 312 -38.43 14.00 8.42
N SER A 313 -38.53 13.96 7.10
CA SER A 313 -39.40 13.01 6.41
C SER A 313 -38.98 11.55 6.58
N LEU A 314 -39.91 10.64 6.31
CA LEU A 314 -39.64 9.21 6.41
C LEU A 314 -38.66 8.83 5.31
N GLN A 315 -38.76 9.53 4.19
CA GLN A 315 -37.90 9.28 3.05
C GLN A 315 -36.44 9.58 3.41
N TYR A 316 -36.22 10.77 3.97
CA TYR A 316 -34.87 11.15 4.38
C TYR A 316 -34.26 10.10 5.31
N MET A 317 -35.00 9.75 6.36
CA MET A 317 -34.52 8.78 7.34
C MET A 317 -34.24 7.41 6.73
N LYS A 318 -35.03 6.99 5.75
CA LYS A 318 -34.78 5.70 5.13
C LYS A 318 -33.51 5.77 4.30
N ASN A 319 -33.30 6.91 3.65
CA ASN A 319 -32.12 7.10 2.82
C ASN A 319 -30.88 7.12 3.71
N VAL A 320 -31.01 7.74 4.88
CA VAL A 320 -29.91 7.81 5.84
C VAL A 320 -29.42 6.43 6.19
N PHE A 321 -30.34 5.49 6.33
CA PHE A 321 -29.95 4.14 6.69
C PHE A 321 -29.61 3.30 5.48
N LYS A 322 -30.06 3.73 4.31
CA LYS A 322 -29.74 3.03 3.09
C LYS A 322 -28.24 3.22 2.94
N GLU A 323 -27.81 4.47 3.13
CA GLU A 323 -26.42 4.83 3.00
C GLU A 323 -25.52 4.22 4.05
N LYS A 324 -25.94 4.26 5.32
CA LYS A 324 -25.14 3.68 6.39
C LYS A 324 -24.86 2.20 6.18
N TYR A 325 -25.90 1.43 5.86
CA TYR A 325 -25.71 -0.01 5.66
C TYR A 325 -25.47 -0.38 4.21
N LEU A 326 -25.35 0.63 3.35
CA LEU A 326 -25.10 0.41 1.93
C LEU A 326 -26.08 -0.58 1.28
N LEU A 327 -27.36 -0.38 1.58
CA LEU A 327 -28.45 -1.21 1.05
C LEU A 327 -28.79 -0.80 -0.38
N SER A 328 -29.43 -1.70 -1.11
CA SER A 328 -29.86 -1.40 -2.47
C SER A 328 -31.36 -1.18 -2.47
N GLU A 329 -31.87 -0.48 -3.47
CA GLU A 329 -33.30 -0.28 -3.58
C GLU A 329 -33.74 -0.23 -5.02
N ASP A 330 -34.91 -0.81 -5.28
CA ASP A 330 -35.48 -0.84 -6.62
C ASP A 330 -36.12 0.50 -6.92
N THR A 331 -36.65 0.61 -8.13
CA THR A 331 -37.33 1.82 -8.54
C THR A 331 -38.61 1.92 -7.72
N SER A 332 -39.05 0.79 -7.18
CA SER A 332 -40.26 0.74 -6.35
C SER A 332 -40.00 1.22 -4.93
N GLY A 333 -38.72 1.39 -4.60
CA GLY A 333 -38.36 1.85 -3.27
C GLY A 333 -38.03 0.72 -2.32
N LYS A 334 -38.15 -0.52 -2.76
CA LYS A 334 -37.84 -1.64 -1.89
C LYS A 334 -36.35 -1.67 -1.54
N PHE A 335 -36.05 -1.97 -0.27
CA PHE A 335 -34.67 -2.06 0.18
C PHE A 335 -34.27 -3.52 0.39
N SER A 336 -33.01 -3.83 0.10
CA SER A 336 -32.50 -5.18 0.25
C SER A 336 -31.00 -5.11 0.53
N VAL A 337 -30.45 -6.23 0.96
CA VAL A 337 -29.02 -6.32 1.26
C VAL A 337 -28.25 -7.07 0.18
N ASP A 338 -27.34 -6.37 -0.49
CA ASP A 338 -26.52 -6.95 -1.54
C ASP A 338 -25.33 -7.66 -0.89
N LYS A 339 -25.24 -8.98 -1.09
CA LYS A 339 -24.18 -9.78 -0.53
C LYS A 339 -22.78 -9.21 -0.78
N LEU A 340 -22.52 -8.78 -2.00
CA LEU A 340 -21.22 -8.23 -2.31
C LEU A 340 -20.96 -6.97 -1.49
N LYS A 341 -21.87 -6.01 -1.57
CA LYS A 341 -21.72 -4.76 -0.81
C LYS A 341 -21.64 -5.01 0.70
N PHE A 342 -22.42 -5.95 1.21
CA PHE A 342 -22.35 -6.27 2.63
C PHE A 342 -20.93 -6.73 2.94
N ASP A 343 -20.41 -7.64 2.12
CA ASP A 343 -19.08 -8.17 2.33
C ASP A 343 -17.97 -7.11 2.38
N LYS A 344 -18.03 -6.13 1.48
CA LYS A 344 -17.02 -5.08 1.46
C LYS A 344 -17.09 -4.25 2.73
N LEU A 345 -18.31 -3.82 3.04
CA LEU A 345 -18.54 -3.01 4.23
C LEU A 345 -18.10 -3.75 5.47
N TYR A 346 -18.39 -5.04 5.50
CA TYR A 346 -18.04 -5.84 6.66
C TYR A 346 -16.53 -6.02 6.75
N LYS A 347 -15.88 -6.19 5.60
CA LYS A 347 -14.44 -6.37 5.60
C LYS A 347 -13.76 -5.07 6.00
N MET A 348 -14.30 -3.96 5.50
CA MET A 348 -13.71 -2.67 5.79
C MET A 348 -13.76 -2.31 7.27
N LEU A 349 -14.89 -2.54 7.91
CA LEU A 349 -15.06 -2.22 9.32
C LEU A 349 -14.31 -3.19 10.20
N THR A 350 -14.21 -4.43 9.75
CA THR A 350 -13.56 -5.49 10.50
C THR A 350 -12.09 -5.78 10.25
N GLU A 351 -11.66 -5.69 9.00
CA GLU A 351 -10.27 -5.98 8.65
C GLU A 351 -9.45 -4.78 8.19
N ILE A 352 -10.10 -3.72 7.70
CA ILE A 352 -9.32 -2.58 7.25
C ILE A 352 -9.03 -1.68 8.44
N TYR A 353 -10.05 -1.39 9.24
CA TYR A 353 -9.87 -0.56 10.41
C TYR A 353 -9.35 -1.46 11.53
N THR A 354 -8.05 -1.39 11.76
CA THR A 354 -7.40 -2.20 12.78
C THR A 354 -6.26 -1.37 13.31
N GLU A 355 -5.86 -1.63 14.55
CA GLU A 355 -4.78 -0.89 15.17
C GLU A 355 -3.51 -1.01 14.34
N ASP A 356 -3.21 -2.23 13.91
CA ASP A 356 -2.03 -2.52 13.13
C ASP A 356 -1.95 -1.73 11.82
N ASN A 357 -3.06 -1.64 11.09
CA ASN A 357 -3.05 -0.89 9.85
C ASN A 357 -2.85 0.60 10.15
N PHE A 358 -3.29 1.05 11.33
CA PHE A 358 -3.12 2.43 11.68
C PHE A 358 -1.65 2.71 11.95
N VAL A 359 -0.97 1.71 12.54
CA VAL A 359 0.46 1.83 12.82
C VAL A 359 1.14 2.08 11.49
N LYS A 360 0.66 1.37 10.46
CA LYS A 360 1.21 1.50 9.11
C LYS A 360 1.08 2.93 8.61
N PHE A 361 -0.11 3.50 8.72
CA PHE A 361 -0.29 4.86 8.24
C PHE A 361 0.45 5.89 9.06
N PHE A 362 0.53 5.69 10.37
CA PHE A 362 1.23 6.65 11.22
C PHE A 362 2.75 6.48 11.13
N LYS A 363 3.19 5.25 10.83
CA LYS A 363 4.62 4.94 10.72
C LYS A 363 5.36 5.17 12.04
N VAL A 364 4.77 4.76 13.14
CA VAL A 364 5.39 4.91 14.44
C VAL A 364 5.72 3.53 14.98
N LEU A 365 6.44 3.49 16.09
CA LEU A 365 6.77 2.22 16.73
C LEU A 365 5.53 1.84 17.59
N ASN A 366 5.17 0.57 17.60
CA ASN A 366 3.99 0.13 18.33
C ASN A 366 4.11 -1.36 18.66
N ARG A 367 3.38 -1.83 19.66
CA ARG A 367 3.43 -3.25 20.00
C ARG A 367 2.96 -4.01 18.75
N LYS A 368 3.50 -5.19 18.51
CA LYS A 368 3.11 -5.95 17.33
C LYS A 368 2.03 -6.97 17.63
N THR A 369 1.63 -7.04 18.89
CA THR A 369 0.62 -7.98 19.35
C THR A 369 -0.07 -7.37 20.54
N TYR A 370 -1.30 -7.80 20.74
CA TYR A 370 -2.10 -7.36 21.87
C TYR A 370 -1.45 -8.01 23.09
N LEU A 371 -0.78 -9.13 22.84
CA LEU A 371 -0.13 -9.86 23.90
C LEU A 371 1.18 -9.26 24.41
N ASN A 372 1.64 -8.18 23.80
CA ASN A 372 2.86 -7.54 24.29
C ASN A 372 2.36 -6.51 25.29
N PHE A 373 2.21 -6.95 26.53
CA PHE A 373 1.68 -6.13 27.61
C PHE A 373 2.51 -4.91 27.98
N ASP A 374 1.82 -3.83 28.29
CA ASP A 374 2.48 -2.60 28.68
C ASP A 374 3.24 -2.89 29.96
N LYS A 375 4.31 -2.15 30.21
CA LYS A 375 5.08 -2.37 31.41
C LYS A 375 5.24 -1.09 32.21
N ALA A 376 4.79 0.02 31.66
CA ALA A 376 4.93 1.26 32.38
C ALA A 376 3.89 2.29 31.95
N VAL A 377 3.75 3.33 32.78
CA VAL A 377 2.83 4.41 32.52
C VAL A 377 3.58 5.74 32.67
N PHE A 378 3.41 6.62 31.69
CA PHE A 378 4.09 7.91 31.67
C PHE A 378 3.10 9.07 31.59
N LYS A 379 3.55 10.23 32.03
CA LYS A 379 2.75 11.45 31.96
C LYS A 379 3.34 12.15 30.73
N ILE A 380 2.47 12.74 29.91
CA ILE A 380 2.90 13.43 28.69
C ILE A 380 2.04 14.68 28.45
N ASN A 381 2.48 15.52 27.51
CA ASN A 381 1.74 16.72 27.12
C ASN A 381 1.93 16.93 25.63
N ILE A 382 1.01 16.39 24.83
CA ILE A 382 1.09 16.48 23.39
C ILE A 382 0.59 17.77 22.74
N VAL A 383 0.04 18.69 23.54
CA VAL A 383 -0.48 19.93 23.01
C VAL A 383 0.55 20.87 22.41
N PRO A 384 1.65 21.13 23.13
CA PRO A 384 2.65 22.03 22.56
C PRO A 384 3.20 21.40 21.27
N LYS A 385 3.22 22.17 20.18
CA LYS A 385 3.70 21.67 18.90
C LYS A 385 5.16 21.26 18.95
N VAL A 386 5.90 21.81 19.91
CA VAL A 386 7.29 21.44 20.02
C VAL A 386 7.48 20.05 20.63
N ASN A 387 6.39 19.45 21.15
CA ASN A 387 6.46 18.12 21.75
C ASN A 387 5.83 17.04 20.90
N TYR A 388 4.88 17.46 20.08
CA TYR A 388 4.15 16.49 19.30
C TYR A 388 3.40 17.17 18.17
N THR A 389 3.38 16.56 16.99
CA THR A 389 2.70 17.18 15.88
C THR A 389 1.67 16.29 15.25
N ILE A 390 0.74 16.91 14.54
CA ILE A 390 -0.31 16.20 13.84
C ILE A 390 0.31 15.31 12.77
N TYR A 391 1.44 15.73 12.20
CA TYR A 391 2.05 14.95 11.14
C TYR A 391 3.07 13.93 11.58
N ASP A 392 3.85 14.23 12.62
CA ASP A 392 4.89 13.30 13.06
C ASP A 392 4.73 12.70 14.46
N GLY A 393 3.69 13.09 15.20
CA GLY A 393 3.54 12.57 16.54
C GLY A 393 4.74 13.03 17.36
N PHE A 394 5.44 12.08 17.99
CA PHE A 394 6.60 12.40 18.82
C PHE A 394 7.88 12.53 18.01
N ASN A 395 7.97 11.76 16.93
CA ASN A 395 9.17 11.75 16.09
C ASN A 395 9.30 12.94 15.13
N LEU A 396 9.48 14.14 15.68
CA LEU A 396 9.58 15.37 14.89
C LEU A 396 10.66 15.39 13.81
N ARG A 397 10.24 15.62 12.56
CA ARG A 397 11.19 15.68 11.46
C ARG A 397 12.12 16.89 11.60
N ASN A 398 13.32 16.79 11.02
CA ASN A 398 14.32 17.85 11.08
C ASN A 398 14.62 18.17 12.55
N THR A 399 14.80 17.09 13.29
CA THR A 399 15.08 17.11 14.72
C THR A 399 15.83 15.82 15.00
N ASN A 400 16.50 15.75 16.15
CA ASN A 400 17.23 14.55 16.51
C ASN A 400 16.27 13.44 16.95
N LEU A 401 14.98 13.73 16.97
CA LEU A 401 13.97 12.74 17.35
C LEU A 401 13.31 12.16 16.09
N ALA A 402 13.70 12.69 14.93
CA ALA A 402 13.14 12.27 13.65
C ALA A 402 13.40 10.82 13.27
N ALA A 403 14.61 10.34 13.48
CA ALA A 403 14.93 8.96 13.11
C ALA A 403 14.89 7.95 14.24
N ASN A 404 14.72 6.70 13.86
CA ASN A 404 14.68 5.56 14.78
C ASN A 404 13.62 5.67 15.89
N PHE A 405 12.54 6.39 15.61
CA PHE A 405 11.45 6.57 16.57
C PHE A 405 12.01 7.14 17.88
N ASN A 406 13.12 7.88 17.76
CA ASN A 406 13.74 8.47 18.93
C ASN A 406 12.74 9.26 19.77
N GLY A 407 11.78 9.91 19.10
CA GLY A 407 10.79 10.69 19.81
C GLY A 407 9.99 9.83 20.78
N GLN A 408 9.76 8.58 20.38
CA GLN A 408 9.02 7.64 21.18
C GLN A 408 9.86 6.95 22.22
N ASN A 409 11.15 7.25 22.22
CA ASN A 409 12.06 6.65 23.17
C ASN A 409 12.05 7.45 24.46
N THR A 410 11.71 6.77 25.54
CA THR A 410 11.62 7.35 26.87
C THR A 410 12.90 7.97 27.39
N GLU A 411 14.03 7.30 27.20
CA GLU A 411 15.28 7.84 27.70
C GLU A 411 15.78 8.98 26.82
N ILE A 412 15.77 8.79 25.50
CA ILE A 412 16.21 9.83 24.57
C ILE A 412 15.35 11.08 24.70
N ASN A 413 14.04 10.91 24.52
CA ASN A 413 13.10 12.03 24.61
C ASN A 413 12.52 12.08 26.02
N ASN A 414 13.41 12.18 27.01
CA ASN A 414 13.02 12.19 28.41
C ASN A 414 12.27 13.45 28.85
N MET A 415 12.44 14.57 28.16
CA MET A 415 11.71 15.77 28.53
C MET A 415 10.22 15.64 28.18
N ASN A 416 9.83 14.56 27.50
CA ASN A 416 8.44 14.37 27.13
C ASN A 416 7.75 13.21 27.83
N PHE A 417 8.47 12.52 28.70
CA PHE A 417 7.86 11.41 29.40
C PHE A 417 8.34 11.39 30.83
N THR A 418 7.40 11.34 31.77
CA THR A 418 7.74 11.27 33.19
C THR A 418 7.14 9.97 33.66
N LYS A 419 7.97 9.04 34.14
CA LYS A 419 7.45 7.77 34.60
C LYS A 419 6.64 7.91 35.89
N LEU A 420 5.43 7.37 35.87
CA LEU A 420 4.54 7.43 37.02
C LEU A 420 4.50 6.06 37.68
N LYS A 421 4.14 6.06 38.96
CA LYS A 421 4.05 4.81 39.70
C LYS A 421 2.92 3.95 39.16
N ASN A 422 3.23 2.69 38.88
CA ASN A 422 2.21 1.76 38.41
C ASN A 422 1.50 1.38 39.71
N PHE A 423 0.18 1.28 39.69
CA PHE A 423 -0.53 0.92 40.90
C PHE A 423 -0.84 -0.56 40.99
N THR A 424 -0.38 -1.29 39.99
CA THR A 424 -0.55 -2.73 40.00
C THR A 424 0.84 -3.26 40.29
N GLY A 425 1.03 -3.70 41.53
CA GLY A 425 2.32 -4.21 41.96
C GLY A 425 2.97 -5.19 41.01
N LEU A 426 4.30 -5.18 41.04
CA LEU A 426 5.08 -6.08 40.20
C LEU A 426 4.70 -7.50 40.53
N PHE A 427 4.32 -7.69 41.78
CA PHE A 427 3.94 -8.98 42.30
C PHE A 427 2.51 -9.07 42.85
N GLU A 428 1.61 -8.25 42.33
CA GLU A 428 0.23 -8.32 42.82
C GLU A 428 -0.36 -9.62 42.31
N PHE A 429 -0.16 -9.87 41.03
CA PHE A 429 -0.67 -11.07 40.40
C PHE A 429 0.53 -11.88 39.92
N TYR A 430 0.68 -13.09 40.45
CA TYR A 430 1.83 -13.91 40.09
C TYR A 430 1.72 -15.37 40.47
N LYS A 431 2.76 -16.11 40.10
CA LYS A 431 2.86 -17.53 40.41
C LYS A 431 4.17 -17.69 41.17
N LEU A 432 4.18 -18.57 42.15
CA LEU A 432 5.39 -18.79 42.93
C LEU A 432 6.12 -20.00 42.37
N LEU A 433 7.28 -19.77 41.78
CA LEU A 433 8.05 -20.85 41.21
C LEU A 433 9.17 -21.20 42.19
N CYS A 434 9.15 -22.44 42.69
CA CYS A 434 10.14 -22.87 43.65
C CYS A 434 10.96 -24.04 43.18
N VAL A 435 12.22 -24.05 43.58
CA VAL A 435 13.11 -25.14 43.23
C VAL A 435 13.67 -25.66 44.55
N ASP A 436 13.80 -26.97 44.64
CA ASP A 436 14.31 -27.64 45.84
C ASP A 436 15.80 -27.40 46.07
N GLY A 437 16.29 -27.72 47.17
N ALA B 3 10.51 -32.56 49.68
CA ALA B 3 11.11 -31.21 49.47
C ALA B 3 10.95 -30.33 50.70
N LEU B 4 11.96 -30.34 51.57
CA LEU B 4 11.92 -29.54 52.78
C LEU B 4 12.22 -28.07 52.51
N ASN B 5 13.42 -27.80 51.99
CA ASN B 5 13.86 -26.44 51.69
C ASN B 5 13.58 -25.99 50.26
N LEU B 6 13.17 -24.73 50.12
CA LEU B 6 12.84 -24.18 48.81
C LEU B 6 13.38 -22.79 48.53
N GLN B 7 13.77 -22.60 47.27
CA GLN B 7 14.24 -21.34 46.80
C GLN B 7 13.14 -20.87 45.88
N CYS B 8 12.45 -19.79 46.25
CA CYS B 8 11.32 -19.38 45.43
C CYS B 8 11.40 -17.96 44.86
N ILE B 9 10.80 -17.79 43.69
CA ILE B 9 10.74 -16.49 43.05
C ILE B 9 9.32 -16.24 42.56
N LYS B 10 8.87 -14.99 42.69
CA LYS B 10 7.56 -14.58 42.25
C LYS B 10 7.64 -14.16 40.78
N VAL B 11 6.89 -14.84 39.93
CA VAL B 11 6.90 -14.48 38.53
C VAL B 11 5.61 -13.78 38.16
N ASN B 12 5.75 -12.52 37.76
CA ASN B 12 4.63 -11.68 37.36
C ASN B 12 3.76 -12.44 36.37
N ASN B 13 2.45 -12.37 36.54
CA ASN B 13 1.54 -13.08 35.65
C ASN B 13 1.77 -12.74 34.19
N TRP B 14 1.95 -11.46 33.91
CA TRP B 14 2.15 -10.96 32.56
C TRP B 14 3.48 -11.33 31.88
N ASP B 15 4.38 -12.00 32.60
CA ASP B 15 5.65 -12.41 32.03
C ASP B 15 5.61 -13.89 31.68
N LEU B 16 4.43 -14.50 31.83
CA LEU B 16 4.23 -15.92 31.57
C LEU B 16 3.75 -16.23 30.15
N PHE B 17 3.73 -17.52 29.81
CA PHE B 17 3.34 -17.93 28.47
C PHE B 17 1.85 -17.97 28.20
N PHE B 18 1.51 -17.60 26.97
CA PHE B 18 0.15 -17.56 26.49
C PHE B 18 -0.48 -18.97 26.51
N SER B 19 -0.45 -19.69 25.41
CA SER B 19 -1.03 -21.05 25.34
C SER B 19 -2.56 -21.13 25.27
N PRO B 20 -3.13 -21.01 24.07
CA PRO B 20 -4.57 -21.07 23.81
C PRO B 20 -5.17 -22.43 24.17
N SER B 21 -6.48 -22.48 24.42
CA SER B 21 -7.15 -23.74 24.72
C SER B 21 -7.46 -24.40 23.39
N GLU B 22 -7.37 -25.71 23.35
CA GLU B 22 -7.64 -26.44 22.12
C GLU B 22 -9.08 -26.18 21.64
N ASP B 23 -9.92 -25.69 22.55
CA ASP B 23 -11.33 -25.41 22.24
C ASP B 23 -11.52 -24.27 21.26
N ASN B 24 -10.65 -23.26 21.34
CA ASN B 24 -10.73 -22.10 20.47
C ASN B 24 -10.60 -22.51 19.00
N PHE B 25 -10.02 -23.67 18.74
CA PHE B 25 -9.80 -24.09 17.37
C PHE B 25 -10.80 -25.13 16.88
N THR B 26 -11.68 -24.72 15.99
CA THR B 26 -12.69 -25.61 15.44
C THR B 26 -12.60 -25.61 13.93
N ASN B 27 -13.22 -26.61 13.31
CA ASN B 27 -13.21 -26.72 11.85
C ASN B 27 -14.16 -27.84 11.44
N ASP B 28 -14.61 -27.81 10.19
CA ASP B 28 -15.50 -28.85 9.69
C ASP B 28 -14.87 -29.53 8.48
N LEU B 29 -13.55 -29.74 8.56
CA LEU B 29 -12.78 -30.35 7.48
C LEU B 29 -13.23 -31.77 7.14
N ASN B 30 -13.63 -32.53 8.15
CA ASN B 30 -14.07 -33.92 7.93
C ASN B 30 -15.44 -34.00 7.30
N LYS B 31 -16.11 -32.86 7.19
CA LYS B 31 -17.44 -32.78 6.62
C LYS B 31 -17.46 -33.10 5.12
N GLY B 32 -18.30 -34.07 4.74
CA GLY B 32 -18.42 -34.45 3.34
C GLY B 32 -19.08 -33.37 2.50
N GLU B 33 -19.28 -33.65 1.22
CA GLU B 33 -19.89 -32.64 0.35
C GLU B 33 -20.32 -33.23 -0.98
N GLU B 34 -21.39 -32.69 -1.56
CA GLU B 34 -21.88 -33.16 -2.83
C GLU B 34 -21.75 -32.05 -3.87
N ILE B 35 -21.04 -32.33 -4.95
CA ILE B 35 -20.84 -31.35 -6.01
C ILE B 35 -21.92 -31.49 -7.06
N THR B 36 -22.46 -30.35 -7.48
CA THR B 36 -23.51 -30.32 -8.49
C THR B 36 -23.13 -29.24 -9.48
N SER B 37 -23.89 -29.12 -10.57
CA SER B 37 -23.60 -28.11 -11.59
C SER B 37 -23.86 -26.71 -11.04
N ASP B 38 -24.44 -26.65 -9.85
CA ASP B 38 -24.76 -25.39 -9.20
C ASP B 38 -23.98 -25.15 -7.91
N THR B 39 -22.93 -25.94 -7.68
CA THR B 39 -22.14 -25.77 -6.47
C THR B 39 -21.53 -24.37 -6.45
N ASN B 40 -21.82 -23.61 -5.39
CA ASN B 40 -21.30 -22.26 -5.28
C ASN B 40 -19.79 -22.25 -5.06
N ILE B 41 -19.08 -21.59 -5.96
CA ILE B 41 -17.64 -21.50 -5.88
C ILE B 41 -17.20 -20.22 -5.19
N GLU B 42 -16.48 -20.35 -4.09
CA GLU B 42 -16.00 -19.21 -3.34
C GLU B 42 -14.83 -18.52 -4.05
N ALA B 43 -14.99 -17.25 -4.41
CA ALA B 43 -13.94 -16.49 -5.08
C ALA B 43 -12.75 -16.32 -4.13
N ALA B 44 -11.60 -15.98 -4.68
CA ALA B 44 -10.37 -15.79 -3.89
C ALA B 44 -10.40 -14.53 -3.02
N GLU B 45 -10.32 -14.75 -1.71
CA GLU B 45 -10.33 -13.66 -0.71
C GLU B 45 -9.04 -12.84 -0.72
N GLU B 46 -9.02 -11.75 -1.50
CA GLU B 46 -7.84 -10.89 -1.57
C GLU B 46 -7.37 -10.43 -0.18
N ASN B 47 -6.06 -10.54 0.05
CA ASN B 47 -5.48 -10.17 1.34
C ASN B 47 -5.47 -8.66 1.56
N ILE B 48 -5.45 -8.27 2.84
CA ILE B 48 -5.44 -6.87 3.22
C ILE B 48 -4.04 -6.32 3.00
N SER B 49 -3.96 -5.17 2.36
CA SER B 49 -2.67 -4.55 2.07
C SER B 49 -2.90 -3.07 1.82
N LEU B 50 -1.82 -2.30 1.80
CA LEU B 50 -1.96 -0.87 1.56
C LEU B 50 -2.64 -0.64 0.21
N ASP B 51 -2.55 -1.61 -0.68
CA ASP B 51 -3.16 -1.51 -1.99
C ASP B 51 -4.67 -1.68 -1.90
N LEU B 52 -5.12 -2.71 -1.19
CA LEU B 52 -6.54 -2.93 -1.04
C LEU B 52 -7.15 -1.70 -0.39
N ILE B 53 -6.52 -1.24 0.70
CA ILE B 53 -7.00 -0.07 1.44
C ILE B 53 -7.11 1.13 0.51
N GLN B 54 -6.25 1.15 -0.50
CA GLN B 54 -6.22 2.23 -1.48
C GLN B 54 -7.49 2.15 -2.32
N GLN B 55 -7.83 0.95 -2.78
CA GLN B 55 -9.01 0.74 -3.60
C GLN B 55 -10.25 1.15 -2.82
N TYR B 56 -10.29 0.83 -1.53
CA TYR B 56 -11.42 1.18 -0.69
C TYR B 56 -11.55 2.68 -0.51
N TYR B 57 -10.41 3.35 -0.42
CA TYR B 57 -10.41 4.80 -0.24
C TYR B 57 -11.03 5.51 -1.45
N LEU B 58 -10.75 5.01 -2.65
CA LEU B 58 -11.28 5.61 -3.87
C LEU B 58 -12.80 5.49 -4.00
N THR B 59 -13.32 4.31 -3.71
CA THR B 59 -14.76 4.05 -3.76
C THR B 59 -15.32 4.48 -2.42
N PHE B 60 -15.06 5.72 -2.03
CA PHE B 60 -15.50 6.21 -0.74
C PHE B 60 -16.13 7.59 -0.87
N ASN B 61 -17.27 7.76 -0.22
CA ASN B 61 -18.03 9.00 -0.22
C ASN B 61 -17.77 9.81 1.05
N PHE B 62 -17.11 10.96 0.90
CA PHE B 62 -16.78 11.79 2.06
C PHE B 62 -17.79 12.92 2.30
N ASP B 63 -18.34 13.46 1.23
CA ASP B 63 -19.30 14.54 1.33
C ASP B 63 -20.69 14.11 1.80
N ASN B 64 -21.49 15.08 2.22
CA ASN B 64 -22.83 14.84 2.71
C ASN B 64 -22.90 13.81 3.83
N GLU B 65 -22.69 14.27 5.06
CA GLU B 65 -22.81 13.37 6.19
C GLU B 65 -24.28 13.46 6.53
N PRO B 66 -24.79 12.52 7.32
CA PRO B 66 -26.21 12.64 7.65
C PRO B 66 -26.38 13.96 8.42
N GLU B 67 -27.48 14.65 8.18
CA GLU B 67 -27.74 15.93 8.84
C GLU B 67 -28.06 15.86 10.33
N ASN B 68 -27.99 17.01 10.99
CA ASN B 68 -28.31 17.13 12.41
C ASN B 68 -29.79 17.52 12.48
N ILE B 69 -30.65 16.62 12.05
CA ILE B 69 -32.08 16.88 12.04
C ILE B 69 -32.60 17.09 13.45
N SER B 70 -33.64 17.91 13.56
CA SER B 70 -34.24 18.23 14.85
C SER B 70 -35.19 17.12 15.29
N ILE B 71 -35.14 16.78 16.58
CA ILE B 71 -36.05 15.77 17.13
C ILE B 71 -36.78 16.45 18.24
N GLU B 72 -37.90 15.87 18.66
CA GLU B 72 -38.68 16.45 19.73
C GLU B 72 -38.04 16.16 21.08
N ASN B 73 -38.08 17.15 21.97
CA ASN B 73 -37.47 17.02 23.29
C ASN B 73 -37.84 15.75 24.05
N LEU B 74 -36.83 15.15 24.67
CA LEU B 74 -37.02 13.95 25.46
C LEU B 74 -37.21 14.46 26.88
N SER B 75 -37.42 13.55 27.81
CA SER B 75 -37.57 13.94 29.22
C SER B 75 -36.26 14.61 29.66
N SER B 76 -36.33 15.57 30.58
CA SER B 76 -35.13 16.29 31.04
C SER B 76 -34.08 15.33 31.61
N ASP B 77 -34.49 14.11 31.92
CA ASP B 77 -33.59 13.10 32.41
C ASP B 77 -33.80 11.86 31.58
N ILE B 78 -32.78 11.50 30.81
CA ILE B 78 -32.83 10.33 29.96
C ILE B 78 -32.40 9.14 30.81
N ILE B 79 -33.31 8.18 30.99
CA ILE B 79 -33.02 7.01 31.80
C ILE B 79 -32.35 5.92 30.98
N GLY B 80 -31.17 5.51 31.41
CA GLY B 80 -30.45 4.48 30.70
C GLY B 80 -29.55 3.66 31.60
N GLN B 81 -29.12 2.52 31.10
CA GLN B 81 -28.25 1.62 31.83
C GLN B 81 -27.26 1.07 30.79
N LEU B 82 -25.97 1.09 31.15
CA LEU B 82 -24.90 0.62 30.27
C LEU B 82 -25.06 -0.86 29.90
N GLU B 83 -24.45 -1.25 28.78
CA GLU B 83 -24.50 -2.65 28.34
C GLU B 83 -23.90 -3.53 29.41
N LEU B 84 -24.64 -4.56 29.80
CA LEU B 84 -24.25 -5.52 30.83
C LEU B 84 -22.74 -5.62 31.08
N MET B 85 -22.06 -6.35 30.20
CA MET B 85 -20.62 -6.61 30.29
C MET B 85 -20.41 -7.83 31.19
N PRO B 86 -20.06 -8.99 30.58
CA PRO B 86 -19.85 -10.24 31.31
C PRO B 86 -18.94 -10.10 32.54
N ASN B 87 -19.25 -10.88 33.56
CA ASN B 87 -18.48 -10.86 34.79
C ASN B 87 -17.39 -11.93 34.74
N ILE B 88 -16.14 -11.50 34.83
CA ILE B 88 -15.00 -12.41 34.80
C ILE B 88 -14.52 -12.72 36.20
N GLU B 89 -14.58 -14.00 36.57
CA GLU B 89 -14.13 -14.43 37.88
C GLU B 89 -12.67 -14.02 38.04
N ARG B 90 -12.34 -13.47 39.19
CA ARG B 90 -10.97 -13.06 39.47
C ARG B 90 -10.10 -14.30 39.28
N PHE B 91 -8.97 -14.14 38.59
CA PHE B 91 -8.05 -15.25 38.34
C PHE B 91 -7.36 -15.66 39.65
N PRO B 92 -7.13 -16.97 39.82
CA PRO B 92 -6.47 -17.47 41.04
C PRO B 92 -5.09 -16.87 41.12
N ASN B 93 -4.66 -16.50 42.32
CA ASN B 93 -3.34 -15.87 42.49
C ASN B 93 -2.39 -16.60 43.45
N GLY B 94 -1.11 -16.24 43.39
CA GLY B 94 -0.10 -16.81 44.27
C GLY B 94 0.16 -18.31 44.22
N LYS B 95 -0.45 -19.02 43.27
CA LYS B 95 -0.25 -20.45 43.15
C LYS B 95 1.23 -20.82 43.20
N LYS B 96 1.57 -21.80 44.03
CA LYS B 96 2.95 -22.24 44.21
C LYS B 96 3.28 -23.47 43.36
N TYR B 97 4.53 -23.54 42.90
CA TYR B 97 4.99 -24.67 42.10
C TYR B 97 6.38 -25.12 42.55
N GLU B 98 6.56 -26.43 42.65
CA GLU B 98 7.84 -27.02 43.03
C GLU B 98 8.44 -27.72 41.83
N LEU B 99 9.53 -27.16 41.32
CA LEU B 99 10.19 -27.72 40.15
C LEU B 99 11.48 -28.46 40.41
N ASP B 100 11.77 -29.42 39.55
CA ASP B 100 12.97 -30.24 39.64
C ASP B 100 14.06 -29.61 38.77
N LYS B 101 13.80 -28.42 38.25
CA LYS B 101 14.77 -27.77 37.39
C LYS B 101 14.69 -26.28 37.52
N TYR B 102 15.75 -25.58 37.12
CA TYR B 102 15.75 -24.12 37.14
C TYR B 102 15.03 -23.76 35.86
N THR B 103 14.18 -22.76 35.91
CA THR B 103 13.43 -22.37 34.72
C THR B 103 13.97 -21.12 34.08
N MET B 104 13.38 -20.83 32.93
CA MET B 104 13.68 -19.67 32.12
C MET B 104 13.57 -18.43 33.01
N PHE B 105 12.53 -18.44 33.83
CA PHE B 105 12.24 -17.35 34.76
C PHE B 105 13.28 -17.22 35.85
N HIS B 106 13.82 -18.34 36.34
CA HIS B 106 14.85 -18.30 37.40
C HIS B 106 16.13 -17.72 36.83
N TYR B 107 16.53 -18.26 35.69
CA TYR B 107 17.72 -17.80 35.00
C TYR B 107 17.63 -16.31 34.73
N LEU B 108 16.47 -15.89 34.25
CA LEU B 108 16.25 -14.49 33.94
C LEU B 108 16.28 -13.66 35.22
N ARG B 109 15.58 -14.12 36.26
CA ARG B 109 15.53 -13.42 37.53
C ARG B 109 16.93 -13.34 38.10
N ALA B 110 17.72 -14.40 37.92
CA ALA B 110 19.08 -14.42 38.43
C ALA B 110 19.96 -13.28 37.87
N GLN B 111 19.59 -12.74 36.70
CA GLN B 111 20.36 -11.69 36.07
C GLN B 111 19.93 -10.29 36.50
N GLU B 112 19.26 -10.21 37.64
CA GLU B 112 18.79 -8.92 38.13
C GLU B 112 19.47 -8.44 39.41
N PHE B 113 19.34 -7.15 39.68
CA PHE B 113 19.91 -6.51 40.86
C PHE B 113 19.20 -5.17 40.99
N GLU B 114 19.21 -4.60 42.20
CA GLU B 114 18.56 -3.30 42.42
C GLU B 114 19.49 -2.14 42.10
N HIS B 115 19.15 -1.39 41.06
CA HIS B 115 19.95 -0.23 40.65
C HIS B 115 19.94 0.85 41.72
N GLY B 116 19.76 0.43 42.97
CA GLY B 116 19.73 1.37 44.09
C GLY B 116 21.10 1.84 44.48
N LYS B 117 21.36 1.89 45.79
CA LYS B 117 22.64 2.34 46.30
C LYS B 117 23.65 1.19 46.36
N SER B 118 23.19 0.05 46.86
CA SER B 118 24.05 -1.13 46.97
C SER B 118 24.99 -1.24 45.76
N ARG B 119 26.08 -0.54 45.82
CA ARG B 119 27.05 -0.56 44.73
C ARG B 119 28.22 -1.49 45.06
N ILE B 120 28.03 -2.76 44.83
CA ILE B 120 29.04 -3.74 45.06
C ILE B 120 28.60 -4.95 44.28
N ALA B 121 27.92 -4.76 43.16
CA ALA B 121 27.48 -5.88 42.35
C ALA B 121 28.69 -6.60 41.79
N LEU B 122 28.57 -7.91 41.59
CA LEU B 122 29.65 -8.72 41.04
C LEU B 122 29.11 -9.83 40.15
N THR B 123 29.47 -9.79 38.88
CA THR B 123 29.03 -10.81 37.94
C THR B 123 29.58 -12.17 38.36
N ASN B 124 28.89 -13.24 37.98
CA ASN B 124 29.33 -14.60 38.28
C ASN B 124 28.53 -15.59 37.43
N SER B 125 29.08 -16.78 37.23
CA SER B 125 28.44 -17.78 36.38
C SER B 125 27.50 -18.81 37.01
N VAL B 126 27.09 -18.62 38.27
CA VAL B 126 26.18 -19.59 38.89
C VAL B 126 24.87 -18.92 39.33
N ASN B 127 23.77 -19.66 39.24
CA ASN B 127 22.47 -19.12 39.62
C ASN B 127 22.33 -18.79 41.09
N GLU B 128 23.45 -18.82 41.81
CA GLU B 128 23.44 -18.51 43.23
C GLU B 128 23.56 -16.99 43.39
N ALA B 129 23.28 -16.32 42.28
CA ALA B 129 23.28 -14.86 42.22
C ALA B 129 21.82 -14.55 42.53
N LEU B 130 21.04 -15.62 42.54
CA LEU B 130 19.60 -15.58 42.82
C LEU B 130 19.45 -15.37 44.33
N LEU B 131 20.41 -15.90 45.08
CA LEU B 131 20.45 -15.79 46.53
C LEU B 131 20.97 -14.41 46.97
N ASN B 132 22.20 -14.12 46.60
CA ASN B 132 22.85 -12.84 46.94
C ASN B 132 22.43 -11.73 45.98
N PRO B 133 21.80 -10.67 46.50
CA PRO B 133 21.32 -9.51 45.74
C PRO B 133 22.44 -8.61 45.22
N SER B 134 23.68 -8.97 45.53
CA SER B 134 24.83 -8.20 45.09
C SER B 134 25.58 -9.01 44.05
N ARG B 135 25.09 -10.20 43.77
CA ARG B 135 25.70 -11.07 42.78
C ARG B 135 24.75 -11.30 41.60
N VAL B 136 25.19 -10.91 40.41
CA VAL B 136 24.37 -11.05 39.20
C VAL B 136 24.89 -12.19 38.32
N TYR B 137 23.98 -13.01 37.80
CA TYR B 137 24.37 -14.13 36.94
C TYR B 137 24.60 -13.68 35.50
N THR B 138 25.52 -14.36 34.81
CA THR B 138 25.81 -14.07 33.40
C THR B 138 26.09 -15.33 32.63
N PHE B 139 25.59 -15.38 31.40
CA PHE B 139 25.79 -16.52 30.53
C PHE B 139 27.04 -16.25 29.69
N PHE B 140 27.74 -15.18 30.04
CA PHE B 140 28.98 -14.83 29.34
C PHE B 140 30.07 -15.78 29.79
N SER B 141 31.16 -15.84 29.03
CA SER B 141 32.30 -16.70 29.35
C SER B 141 32.84 -16.35 30.73
N SER B 142 33.45 -17.34 31.37
CA SER B 142 34.04 -17.15 32.70
C SER B 142 35.14 -16.08 32.70
N ASP B 143 35.80 -15.89 31.56
CA ASP B 143 36.87 -14.90 31.45
C ASP B 143 36.29 -13.50 31.60
N TYR B 144 35.08 -13.32 31.07
CA TYR B 144 34.40 -12.05 31.15
C TYR B 144 34.14 -11.68 32.62
N VAL B 145 33.69 -12.64 33.41
CA VAL B 145 33.39 -12.35 34.82
C VAL B 145 34.68 -11.95 35.54
N LYS B 146 35.77 -12.64 35.26
CA LYS B 146 37.04 -12.33 35.89
C LYS B 146 37.44 -10.89 35.64
N LYS B 147 37.40 -10.46 34.38
CA LYS B 147 37.79 -9.11 34.05
C LYS B 147 36.87 -8.03 34.61
N VAL B 148 35.57 -8.20 34.44
CA VAL B 148 34.62 -7.21 34.92
C VAL B 148 34.65 -7.06 36.44
N ASN B 149 34.81 -8.15 37.17
CA ASN B 149 34.83 -8.09 38.63
C ASN B 149 36.12 -7.48 39.20
N LYS B 150 37.22 -7.67 38.48
CA LYS B 150 38.54 -7.16 38.90
C LYS B 150 38.62 -5.68 39.23
N ALA B 151 39.15 -5.37 40.42
CA ALA B 151 39.32 -3.98 40.84
C ALA B 151 40.32 -3.38 39.87
N THR B 152 40.00 -2.21 39.30
CA THR B 152 40.89 -1.60 38.33
C THR B 152 41.41 -0.21 38.69
N GLU B 153 42.70 -0.03 38.47
CA GLU B 153 43.42 1.21 38.75
C GLU B 153 42.87 2.39 37.96
N ALA B 154 42.82 3.55 38.60
CA ALA B 154 42.32 4.76 37.95
C ALA B 154 43.10 5.05 36.68
N ALA B 155 44.35 4.61 36.66
CA ALA B 155 45.22 4.84 35.51
C ALA B 155 44.89 3.87 34.38
N MET B 156 44.15 2.82 34.69
CA MET B 156 43.79 1.82 33.68
C MET B 156 42.29 1.72 33.43
N PHE B 157 41.52 2.59 34.06
CA PHE B 157 40.07 2.59 33.91
C PHE B 157 39.59 2.59 32.46
N LEU B 158 39.83 3.68 31.74
CA LEU B 158 39.40 3.80 30.35
C LEU B 158 39.77 2.64 29.45
N GLY B 159 40.99 2.14 29.58
CA GLY B 159 41.41 1.03 28.75
C GLY B 159 40.60 -0.19 29.13
N TRP B 160 40.44 -0.36 30.43
CA TRP B 160 39.68 -1.46 31.01
C TRP B 160 38.28 -1.49 30.40
N VAL B 161 37.62 -0.33 30.44
CA VAL B 161 36.27 -0.16 29.91
C VAL B 161 36.21 -0.50 28.43
N GLU B 162 37.04 0.17 27.65
CA GLU B 162 37.08 -0.05 26.21
C GLU B 162 37.14 -1.54 25.87
N GLN B 163 37.95 -2.30 26.60
CA GLN B 163 38.06 -3.71 26.32
C GLN B 163 36.79 -4.47 26.71
N LEU B 164 36.08 -3.96 27.71
CA LEU B 164 34.83 -4.58 28.15
C LEU B 164 33.75 -4.36 27.10
N VAL B 165 33.77 -3.17 26.49
CA VAL B 165 32.81 -2.86 25.45
C VAL B 165 33.04 -3.87 24.33
N TYR B 166 34.29 -4.04 23.94
CA TYR B 166 34.61 -5.01 22.89
C TYR B 166 34.26 -6.41 23.37
N ASP B 167 34.70 -6.76 24.58
CA ASP B 167 34.41 -8.07 25.14
C ASP B 167 32.90 -8.32 25.10
N PHE B 168 32.14 -7.31 25.50
CA PHE B 168 30.68 -7.37 25.51
C PHE B 168 30.14 -7.70 24.12
N THR B 169 30.61 -6.96 23.12
CA THR B 169 30.17 -7.20 21.74
C THR B 169 30.56 -8.61 21.28
N ASP B 170 31.75 -9.07 21.67
CA ASP B 170 32.22 -10.41 21.27
C ASP B 170 31.28 -11.49 21.80
N GLU B 171 30.94 -11.38 23.08
CA GLU B 171 30.05 -12.33 23.75
C GLU B 171 28.67 -12.40 23.08
N THR B 172 28.08 -11.23 22.85
CA THR B 172 26.74 -11.16 22.27
C THR B 172 26.63 -11.32 20.75
N SER B 173 27.71 -11.03 20.03
CA SER B 173 27.68 -11.17 18.56
C SER B 173 27.94 -12.61 18.12
N GLU B 174 28.19 -13.49 19.08
CA GLU B 174 28.45 -14.90 18.83
C GLU B 174 27.38 -15.52 17.93
N VAL B 175 27.81 -16.24 16.90
CA VAL B 175 26.88 -16.89 15.97
C VAL B 175 27.49 -18.15 15.35
N SER B 176 26.67 -19.17 15.18
CA SER B 176 27.10 -20.44 14.58
C SER B 176 26.33 -20.68 13.30
N THR B 177 26.94 -21.40 12.37
CA THR B 177 26.29 -21.71 11.11
C THR B 177 26.19 -23.21 10.94
N THR B 178 25.29 -23.63 10.05
CA THR B 178 25.09 -25.04 9.76
C THR B 178 23.99 -25.18 8.73
N ASP B 179 23.86 -26.40 8.23
CA ASP B 179 22.85 -26.72 7.24
C ASP B 179 22.45 -28.17 7.54
N LYS B 180 22.71 -28.56 8.79
CA LYS B 180 22.43 -29.89 9.28
C LYS B 180 21.12 -29.90 10.07
N ILE B 181 20.36 -28.82 9.95
CA ILE B 181 19.09 -28.70 10.67
C ILE B 181 17.92 -28.48 9.72
N ALA B 182 18.20 -27.99 8.52
CA ALA B 182 17.16 -27.74 7.54
C ALA B 182 16.20 -26.64 7.95
N ASP B 183 16.25 -25.54 7.22
CA ASP B 183 15.41 -24.37 7.45
C ASP B 183 15.94 -23.49 8.57
N ILE B 184 17.02 -23.93 9.19
CA ILE B 184 17.66 -23.17 10.26
C ILE B 184 19.14 -23.19 9.95
N THR B 185 19.66 -22.08 9.47
CA THR B 185 21.07 -22.02 9.11
C THR B 185 21.96 -21.45 10.22
N ILE B 186 21.44 -20.48 10.98
CA ILE B 186 22.24 -19.92 12.06
C ILE B 186 21.76 -20.38 13.42
N ILE B 187 22.63 -20.25 14.43
CA ILE B 187 22.30 -20.67 15.79
C ILE B 187 23.07 -19.82 16.78
N ILE B 188 22.34 -19.21 17.72
CA ILE B 188 22.97 -18.40 18.75
C ILE B 188 23.08 -19.28 19.98
N PRO B 189 24.25 -19.91 20.17
CA PRO B 189 24.59 -20.82 21.27
C PRO B 189 24.41 -20.31 22.69
N TYR B 190 24.53 -19.00 22.92
CA TYR B 190 24.40 -18.54 24.29
C TYR B 190 22.94 -18.46 24.75
N ILE B 191 21.99 -18.68 23.83
CA ILE B 191 20.59 -18.65 24.21
C ILE B 191 20.36 -19.79 25.20
N GLY B 192 21.02 -20.92 24.93
CA GLY B 192 20.89 -22.08 25.79
C GLY B 192 21.15 -21.73 27.24
N PRO B 193 22.36 -21.26 27.58
CA PRO B 193 22.74 -20.90 28.94
C PRO B 193 22.14 -19.58 29.45
N ALA B 194 21.42 -18.85 28.60
CA ALA B 194 20.83 -17.57 29.00
C ALA B 194 19.43 -17.76 29.61
N LEU B 195 18.69 -18.71 29.07
CA LEU B 195 17.33 -18.99 29.54
C LEU B 195 17.24 -20.46 29.93
N ASN B 196 18.39 -21.12 29.92
CA ASN B 196 18.46 -22.53 30.29
C ASN B 196 17.55 -23.38 29.39
N ILE B 197 17.35 -22.94 28.17
CA ILE B 197 16.50 -23.68 27.23
C ILE B 197 16.79 -25.17 27.26
N GLY B 198 15.73 -25.96 27.45
CA GLY B 198 15.87 -27.41 27.48
C GLY B 198 16.55 -27.92 28.73
N ASN B 199 16.86 -27.01 29.65
CA ASN B 199 17.51 -27.36 30.90
C ASN B 199 18.86 -28.05 30.62
N MET B 200 19.85 -27.24 30.25
CA MET B 200 21.19 -27.75 29.95
C MET B 200 22.24 -26.70 30.32
N LEU B 201 21.90 -25.43 30.10
CA LEU B 201 22.79 -24.32 30.42
C LEU B 201 24.23 -24.50 29.95
N TYR B 202 24.42 -24.78 28.67
CA TYR B 202 25.74 -24.98 28.08
C TYR B 202 25.67 -24.80 26.56
N LYS B 203 26.06 -23.62 26.09
CA LYS B 203 26.02 -23.31 24.66
C LYS B 203 26.26 -24.59 23.88
N ASP B 204 27.31 -25.29 24.30
CA ASP B 204 27.75 -26.55 23.73
C ASP B 204 26.60 -27.56 23.55
N ASP B 205 25.96 -27.93 24.65
CA ASP B 205 24.84 -28.87 24.60
C ASP B 205 23.73 -28.29 23.73
N PHE B 206 23.45 -27.01 23.92
CA PHE B 206 22.40 -26.32 23.19
C PHE B 206 22.45 -26.57 21.68
N VAL B 207 23.52 -26.10 21.05
CA VAL B 207 23.66 -26.28 19.60
C VAL B 207 23.41 -27.73 19.19
N GLY B 208 23.87 -28.66 20.03
CA GLY B 208 23.66 -30.06 19.73
C GLY B 208 22.19 -30.43 19.73
N ALA B 209 21.52 -30.14 20.84
CA ALA B 209 20.09 -30.45 20.99
C ALA B 209 19.29 -29.92 19.80
N LEU B 210 19.58 -28.70 19.40
CA LEU B 210 18.88 -28.06 18.29
C LEU B 210 19.02 -28.83 16.99
N ILE B 211 20.24 -29.24 16.67
CA ILE B 211 20.51 -29.98 15.44
C ILE B 211 19.87 -31.36 15.47
N PHE B 212 19.80 -31.93 16.65
CA PHE B 212 19.22 -33.25 16.82
C PHE B 212 17.72 -33.27 16.55
N SER B 213 16.95 -32.56 17.36
CA SER B 213 15.49 -32.53 17.23
C SER B 213 14.84 -31.30 16.64
N GLY B 214 15.63 -30.28 16.29
CA GLY B 214 15.02 -29.10 15.70
C GLY B 214 14.50 -28.02 16.63
N ALA B 215 13.62 -27.18 16.09
CA ALA B 215 13.05 -26.06 16.83
C ALA B 215 12.20 -26.42 18.03
N VAL B 216 11.61 -27.62 18.03
CA VAL B 216 10.77 -28.04 19.15
C VAL B 216 11.45 -27.81 20.49
N ILE B 217 12.78 -27.82 20.48
CA ILE B 217 13.60 -27.61 21.67
C ILE B 217 13.26 -26.33 22.43
N LEU B 218 12.89 -25.28 21.69
CA LEU B 218 12.56 -23.98 22.28
C LEU B 218 11.18 -23.87 22.93
N LEU B 219 10.20 -24.53 22.35
CA LEU B 219 8.82 -24.48 22.83
C LEU B 219 8.62 -24.90 24.29
N GLU B 220 7.84 -24.10 25.00
CA GLU B 220 7.53 -24.34 26.40
C GLU B 220 6.50 -25.45 26.50
N PHE B 221 5.86 -25.75 25.38
CA PHE B 221 4.86 -26.79 25.30
C PHE B 221 4.64 -27.14 23.83
N ILE B 222 4.59 -28.44 23.53
CA ILE B 222 4.39 -28.85 22.16
C ILE B 222 2.93 -28.69 21.77
N PRO B 223 2.64 -27.81 20.81
CA PRO B 223 1.25 -27.62 20.39
C PRO B 223 0.68 -28.89 19.79
N GLU B 224 -0.63 -29.00 19.82
CA GLU B 224 -1.31 -30.15 19.25
C GLU B 224 -1.95 -29.66 17.96
N ILE B 225 -1.94 -30.47 16.92
CA ILE B 225 -2.56 -30.07 15.66
C ILE B 225 -2.90 -31.27 14.79
N ALA B 226 -4.19 -31.57 14.70
CA ALA B 226 -4.61 -32.71 13.90
C ALA B 226 -5.54 -32.29 12.77
N ILE B 227 -5.45 -33.02 11.67
CA ILE B 227 -6.26 -32.79 10.49
C ILE B 227 -6.98 -34.11 10.22
N PRO B 228 -8.28 -34.18 10.54
CA PRO B 228 -8.99 -35.44 10.30
C PRO B 228 -8.94 -35.85 8.85
N VAL B 229 -9.52 -37.00 8.56
CA VAL B 229 -9.60 -37.47 7.18
C VAL B 229 -10.51 -36.43 6.55
N LEU B 230 -10.11 -35.88 5.42
CA LEU B 230 -10.93 -34.87 4.79
C LEU B 230 -12.23 -35.46 4.23
N GLY B 231 -13.28 -34.65 4.23
CA GLY B 231 -14.56 -35.08 3.71
C GLY B 231 -14.39 -35.29 2.22
N THR B 232 -15.09 -36.26 1.66
CA THR B 232 -14.97 -36.54 0.24
C THR B 232 -16.13 -35.91 -0.54
N PHE B 233 -15.96 -35.86 -1.85
CA PHE B 233 -16.97 -35.29 -2.73
C PHE B 233 -17.80 -36.37 -3.41
N ALA B 234 -19.08 -36.08 -3.58
CA ALA B 234 -20.01 -36.96 -4.27
C ALA B 234 -20.34 -36.13 -5.52
N LEU B 235 -20.53 -36.78 -6.66
CA LEU B 235 -20.82 -36.06 -7.90
C LEU B 235 -22.16 -36.43 -8.51
N VAL B 236 -22.87 -35.43 -9.03
CA VAL B 236 -24.16 -35.65 -9.67
C VAL B 236 -23.98 -35.64 -11.17
N SER B 237 -24.46 -36.67 -11.85
CA SER B 237 -24.33 -36.72 -13.30
C SER B 237 -25.63 -36.23 -13.91
N TYR B 238 -25.55 -35.66 -15.10
CA TYR B 238 -26.72 -35.15 -15.78
C TYR B 238 -26.82 -35.76 -17.17
N ILE B 239 -27.32 -36.98 -17.24
CA ILE B 239 -27.44 -37.70 -18.50
C ILE B 239 -27.95 -36.84 -19.65
N ALA B 240 -27.16 -36.78 -20.71
CA ALA B 240 -27.50 -36.03 -21.92
C ALA B 240 -27.30 -34.52 -21.77
N ASN B 241 -26.89 -34.07 -20.59
CA ASN B 241 -26.66 -32.65 -20.36
C ASN B 241 -25.18 -32.37 -20.17
N LYS B 242 -24.48 -32.21 -21.29
CA LYS B 242 -23.05 -31.95 -21.30
C LYS B 242 -22.66 -30.78 -20.39
N VAL B 243 -23.21 -29.61 -20.66
CA VAL B 243 -22.89 -28.41 -19.88
C VAL B 243 -22.91 -28.60 -18.36
N LEU B 244 -24.01 -29.14 -17.84
CA LEU B 244 -24.13 -29.37 -16.40
C LEU B 244 -23.12 -30.39 -15.90
N THR B 245 -22.88 -31.41 -16.72
CA THR B 245 -21.92 -32.44 -16.36
C THR B 245 -20.53 -31.79 -16.26
N VAL B 246 -20.19 -30.98 -17.26
CA VAL B 246 -18.90 -30.31 -17.26
C VAL B 246 -18.78 -29.40 -16.05
N GLN B 247 -19.79 -28.56 -15.84
CA GLN B 247 -19.77 -27.64 -14.70
C GLN B 247 -19.49 -28.38 -13.40
N THR B 248 -20.05 -29.58 -13.26
CA THR B 248 -19.84 -30.35 -12.05
C THR B 248 -18.38 -30.70 -11.87
N ILE B 249 -17.74 -31.12 -12.96
CA ILE B 249 -16.33 -31.50 -12.96
C ILE B 249 -15.41 -30.33 -12.65
N ASP B 250 -15.76 -29.14 -13.13
CA ASP B 250 -14.96 -27.97 -12.88
C ASP B 250 -15.14 -27.51 -11.44
N ASN B 251 -16.35 -27.68 -10.91
CA ASN B 251 -16.63 -27.28 -9.54
C ASN B 251 -15.94 -28.23 -8.58
N ALA B 252 -15.92 -29.51 -8.91
CA ALA B 252 -15.25 -30.49 -8.05
C ALA B 252 -13.79 -30.08 -7.96
N LEU B 253 -13.21 -29.70 -9.09
CA LEU B 253 -11.82 -29.29 -9.15
C LEU B 253 -11.57 -28.00 -8.39
N SER B 254 -12.26 -26.93 -8.78
CA SER B 254 -12.08 -25.65 -8.11
C SER B 254 -12.31 -25.80 -6.61
N LYS B 255 -13.20 -26.73 -6.25
CA LYS B 255 -13.52 -27.00 -4.85
C LYS B 255 -12.34 -27.67 -4.13
N ARG B 256 -11.53 -28.43 -4.85
CA ARG B 256 -10.38 -29.09 -4.25
C ARG B 256 -9.34 -28.05 -3.87
N ASN B 257 -9.23 -27.01 -4.69
CA ASN B 257 -8.29 -25.95 -4.44
C ASN B 257 -8.67 -25.21 -3.17
N GLU B 258 -9.97 -24.97 -2.99
CA GLU B 258 -10.45 -24.29 -1.79
C GLU B 258 -10.09 -25.14 -0.58
N LYS B 259 -10.28 -26.45 -0.74
CA LYS B 259 -9.98 -27.41 0.31
C LYS B 259 -8.52 -27.35 0.77
N TRP B 260 -7.60 -27.28 -0.19
CA TRP B 260 -6.18 -27.19 0.15
C TRP B 260 -5.94 -25.86 0.86
N ASP B 261 -6.61 -24.81 0.37
CA ASP B 261 -6.47 -23.49 0.97
C ASP B 261 -7.01 -23.51 2.41
N GLU B 262 -8.15 -24.16 2.58
CA GLU B 262 -8.79 -24.28 3.88
C GLU B 262 -7.87 -24.97 4.88
N VAL B 263 -7.28 -26.09 4.48
CA VAL B 263 -6.40 -26.82 5.37
C VAL B 263 -5.15 -26.00 5.67
N TYR B 264 -4.62 -25.34 4.65
CA TYR B 264 -3.42 -24.52 4.84
C TYR B 264 -3.68 -23.37 5.80
N LYS B 265 -4.78 -22.67 5.57
CA LYS B 265 -5.17 -21.54 6.41
C LYS B 265 -5.41 -21.96 7.86
N TYR B 266 -6.02 -23.11 8.04
CA TYR B 266 -6.30 -23.61 9.38
C TYR B 266 -5.00 -23.85 10.17
N ILE B 267 -4.05 -24.49 9.50
CA ILE B 267 -2.77 -24.80 10.12
C ILE B 267 -2.01 -23.53 10.45
N VAL B 268 -2.16 -22.50 9.61
CA VAL B 268 -1.48 -21.25 9.86
C VAL B 268 -2.08 -20.57 11.08
N THR B 269 -3.39 -20.68 11.27
CA THR B 269 -4.03 -20.09 12.42
C THR B 269 -3.50 -20.75 13.69
N ASN B 270 -3.42 -22.09 13.68
CA ASN B 270 -2.93 -22.83 14.82
C ASN B 270 -1.46 -22.52 15.11
N TRP B 271 -0.65 -22.55 14.07
CA TRP B 271 0.78 -22.27 14.19
C TRP B 271 1.00 -20.89 14.79
N LEU B 272 0.25 -19.93 14.26
CA LEU B 272 0.32 -18.53 14.66
C LEU B 272 -0.04 -18.30 16.12
N ALA B 273 -1.06 -19.02 16.61
CA ALA B 273 -1.52 -18.87 17.98
C ALA B 273 -0.76 -19.69 19.02
N LYS B 274 -0.35 -20.90 18.65
CA LYS B 274 0.34 -21.78 19.58
C LYS B 274 1.87 -21.78 19.54
N VAL B 275 2.44 -21.65 18.34
CA VAL B 275 3.88 -21.69 18.21
C VAL B 275 4.54 -20.32 18.18
N ASN B 276 4.22 -19.54 17.14
CA ASN B 276 4.79 -18.22 16.95
C ASN B 276 4.72 -17.36 18.21
N THR B 277 3.67 -17.50 19.00
CA THR B 277 3.53 -16.73 20.24
C THR B 277 4.66 -17.09 21.19
N GLN B 278 4.98 -18.38 21.29
CA GLN B 278 6.05 -18.80 22.19
C GLN B 278 7.40 -18.25 21.72
N ILE B 279 7.64 -18.26 20.41
CA ILE B 279 8.91 -17.73 19.93
C ILE B 279 8.97 -16.24 20.26
N ASP B 280 7.87 -15.54 20.07
CA ASP B 280 7.85 -14.11 20.34
C ASP B 280 8.22 -13.77 21.78
N LEU B 281 7.70 -14.52 22.74
CA LEU B 281 8.02 -14.23 24.13
C LEU B 281 9.50 -14.51 24.38
N ILE B 282 10.00 -15.57 23.75
CA ILE B 282 11.40 -15.91 23.90
C ILE B 282 12.29 -14.80 23.37
N ARG B 283 11.94 -14.19 22.23
CA ARG B 283 12.76 -13.11 21.72
C ARG B 283 12.66 -11.88 22.61
N LYS B 284 11.57 -11.77 23.36
CA LYS B 284 11.39 -10.63 24.27
C LYS B 284 12.26 -10.84 25.51
N LYS B 285 12.37 -12.10 25.93
CA LYS B 285 13.17 -12.45 27.08
C LYS B 285 14.66 -12.34 26.78
N MET B 286 15.05 -12.67 25.54
CA MET B 286 16.46 -12.55 25.17
C MET B 286 16.86 -11.10 25.27
N LYS B 287 15.95 -10.23 24.84
CA LYS B 287 16.20 -8.80 24.88
C LYS B 287 16.32 -8.36 26.33
N GLU B 288 15.54 -8.99 27.22
CA GLU B 288 15.59 -8.64 28.63
C GLU B 288 16.95 -9.06 29.20
N ALA B 289 17.33 -10.29 28.92
CA ALA B 289 18.60 -10.82 29.41
C ALA B 289 19.76 -9.92 28.98
N LEU B 290 19.81 -9.59 27.70
CA LEU B 290 20.86 -8.73 27.18
C LEU B 290 20.92 -7.41 27.91
N GLU B 291 19.75 -6.81 28.16
CA GLU B 291 19.73 -5.53 28.86
C GLU B 291 20.19 -5.69 30.29
N ASN B 292 19.88 -6.83 30.90
CA ASN B 292 20.28 -7.07 32.27
C ASN B 292 21.79 -7.04 32.35
N GLN B 293 22.42 -7.71 31.37
CA GLN B 293 23.88 -7.78 31.29
C GLN B 293 24.50 -6.41 31.13
N ALA B 294 23.95 -5.61 30.23
CA ALA B 294 24.48 -4.28 30.01
C ALA B 294 24.39 -3.46 31.30
N GLU B 295 23.27 -3.58 32.01
CA GLU B 295 23.08 -2.83 33.25
C GLU B 295 24.04 -3.27 34.35
N ALA B 296 24.20 -4.57 34.51
CA ALA B 296 25.10 -5.09 35.52
C ALA B 296 26.53 -4.59 35.25
N THR B 297 26.99 -4.75 34.01
CA THR B 297 28.32 -4.30 33.63
C THR B 297 28.47 -2.80 33.87
N LYS B 298 27.47 -2.01 33.44
CA LYS B 298 27.54 -0.56 33.68
C LYS B 298 27.59 -0.29 35.18
N ALA B 299 26.79 -1.05 35.93
CA ALA B 299 26.76 -0.88 37.38
C ALA B 299 28.17 -1.08 37.92
N ILE B 300 28.77 -2.23 37.60
CA ILE B 300 30.10 -2.54 38.07
C ILE B 300 31.13 -1.50 37.63
N ILE B 301 31.09 -1.14 36.35
CA ILE B 301 32.02 -0.15 35.81
C ILE B 301 31.88 1.22 36.46
N ASN B 302 30.66 1.66 36.68
CA ASN B 302 30.44 2.96 37.28
C ASN B 302 30.86 2.99 38.76
N TYR B 303 30.65 1.87 39.44
CA TYR B 303 31.04 1.76 40.84
C TYR B 303 32.54 2.00 40.95
N GLN B 304 33.29 1.34 40.07
CA GLN B 304 34.74 1.47 40.05
C GLN B 304 35.13 2.94 39.95
N TYR B 305 34.49 3.65 39.02
CA TYR B 305 34.75 5.06 38.78
C TYR B 305 34.51 5.93 40.01
N ASN B 306 33.45 5.63 40.77
CA ASN B 306 33.13 6.41 41.96
C ASN B 306 34.10 6.12 43.10
N GLN B 307 34.87 5.05 42.98
CA GLN B 307 35.84 4.69 44.01
C GLN B 307 37.09 5.54 43.91
N TYR B 308 37.27 6.22 42.77
CA TYR B 308 38.45 7.05 42.59
C TYR B 308 38.34 8.33 43.40
N THR B 309 39.32 9.21 43.28
CA THR B 309 39.30 10.44 44.07
C THR B 309 39.71 11.70 43.32
N GLU B 310 38.72 12.44 42.83
CA GLU B 310 38.94 13.69 42.11
C GLU B 310 39.91 13.59 40.93
N GLU B 311 40.54 12.43 40.79
CA GLU B 311 41.45 12.17 39.69
C GLU B 311 40.52 11.84 38.53
N GLU B 312 39.28 11.53 38.89
CA GLU B 312 38.23 11.22 37.93
C GLU B 312 38.04 12.45 37.07
N LYS B 313 38.50 13.58 37.60
CA LYS B 313 38.41 14.85 36.92
C LYS B 313 39.05 14.76 35.54
N ASN B 314 40.31 15.16 35.44
CA ASN B 314 41.01 15.11 34.17
C ASN B 314 41.42 13.69 33.77
N ASN B 315 42.24 13.07 34.60
CA ASN B 315 42.75 11.72 34.36
C ASN B 315 41.71 10.82 33.70
N ILE B 316 40.43 11.01 34.02
CA ILE B 316 39.40 10.17 33.45
C ILE B 316 38.34 10.86 32.59
N ASN B 317 37.49 11.64 33.22
CA ASN B 317 36.38 12.33 32.55
C ASN B 317 35.59 11.24 31.83
N PHE B 318 34.93 10.41 32.62
CA PHE B 318 34.13 9.30 32.14
C PHE B 318 32.73 9.77 31.77
N ASN B 319 32.17 9.17 30.73
CA ASN B 319 30.82 9.52 30.31
C ASN B 319 30.02 8.24 30.18
N ILE B 320 29.34 7.85 31.26
CA ILE B 320 28.55 6.62 31.27
C ILE B 320 27.47 6.57 30.18
N ASP B 321 27.09 7.72 29.65
CA ASP B 321 26.08 7.77 28.60
C ASP B 321 26.61 7.19 27.30
N ASP B 322 27.86 7.53 26.98
CA ASP B 322 28.50 7.02 25.79
C ASP B 322 28.67 5.51 25.94
N LEU B 323 29.04 5.08 27.14
CA LEU B 323 29.23 3.65 27.40
C LEU B 323 27.92 2.91 27.18
N SER B 324 26.87 3.48 27.76
CA SER B 324 25.54 2.90 27.65
C SER B 324 25.13 2.83 26.19
N SER B 325 25.46 3.89 25.45
CA SER B 325 25.14 3.97 24.04
C SER B 325 25.80 2.86 23.22
N LYS B 326 27.07 2.61 23.49
CA LYS B 326 27.81 1.58 22.76
C LYS B 326 27.28 0.19 23.08
N LEU B 327 27.05 -0.09 24.36
CA LEU B 327 26.52 -1.38 24.75
C LEU B 327 25.13 -1.59 24.14
N ASN B 328 24.38 -0.52 23.96
CA ASN B 328 23.05 -0.67 23.38
C ASN B 328 23.15 -1.09 21.92
N GLU B 329 24.09 -0.49 21.18
CA GLU B 329 24.29 -0.85 19.78
C GLU B 329 24.66 -2.34 19.66
N SER B 330 25.39 -2.84 20.64
CA SER B 330 25.80 -4.24 20.63
C SER B 330 24.57 -5.11 20.87
N ILE B 331 23.70 -4.66 21.75
CA ILE B 331 22.47 -5.38 22.06
C ILE B 331 21.64 -5.46 20.79
N ASN B 332 21.58 -4.36 20.04
CA ASN B 332 20.80 -4.36 18.80
C ASN B 332 21.39 -5.30 17.76
N LYS B 333 22.71 -5.31 17.64
CA LYS B 333 23.37 -6.19 16.68
C LYS B 333 23.03 -7.62 17.08
N ALA B 334 23.15 -7.91 18.37
CA ALA B 334 22.86 -9.22 18.90
C ALA B 334 21.43 -9.61 18.52
N MET B 335 20.48 -8.74 18.83
CA MET B 335 19.07 -9.01 18.54
C MET B 335 18.81 -9.29 17.06
N ILE B 336 19.49 -8.55 16.19
CA ILE B 336 19.30 -8.79 14.77
C ILE B 336 19.56 -10.27 14.49
N ASN B 337 20.63 -10.82 15.07
CA ASN B 337 20.95 -12.24 14.88
C ASN B 337 19.86 -13.13 15.47
N ILE B 338 19.53 -12.88 16.74
CA ILE B 338 18.53 -13.63 17.48
C ILE B 338 17.18 -13.66 16.77
N ASN B 339 16.77 -12.51 16.25
CA ASN B 339 15.49 -12.44 15.56
C ASN B 339 15.54 -13.28 14.29
N LYS B 340 16.69 -13.26 13.62
CA LYS B 340 16.87 -14.04 12.40
C LYS B 340 16.75 -15.52 12.76
N PHE B 341 17.50 -15.93 13.78
CA PHE B 341 17.46 -17.31 14.24
C PHE B 341 16.05 -17.73 14.67
N LEU B 342 15.38 -16.89 15.45
CA LEU B 342 14.04 -17.22 15.92
C LEU B 342 13.02 -17.25 14.79
N ASN B 343 13.22 -16.41 13.78
CA ASN B 343 12.31 -16.40 12.64
C ASN B 343 12.42 -17.76 11.94
N GLN B 344 13.65 -18.23 11.80
CA GLN B 344 13.89 -19.52 11.16
C GLN B 344 13.27 -20.66 11.96
N CYS B 345 13.47 -20.65 13.28
CA CYS B 345 12.89 -21.67 14.15
C CYS B 345 11.39 -21.78 13.94
N SER B 346 10.74 -20.62 14.03
CA SER B 346 9.30 -20.51 13.87
C SER B 346 8.82 -21.10 12.56
N VAL B 347 9.32 -20.59 11.44
CA VAL B 347 8.92 -21.08 10.12
C VAL B 347 9.27 -22.55 9.93
N SER B 348 10.43 -22.94 10.45
CA SER B 348 10.87 -24.31 10.34
C SER B 348 9.86 -25.24 11.01
N TYR B 349 9.37 -24.83 12.16
CA TYR B 349 8.41 -25.63 12.88
C TYR B 349 7.11 -25.72 12.10
N LEU B 350 6.71 -24.62 11.47
CA LEU B 350 5.49 -24.62 10.69
C LEU B 350 5.61 -25.61 9.52
N MET B 351 6.68 -25.44 8.75
CA MET B 351 6.94 -26.26 7.58
C MET B 351 7.26 -27.73 7.77
N ASN B 352 8.00 -28.07 8.82
CA ASN B 352 8.39 -29.46 9.05
C ASN B 352 7.57 -30.24 10.05
N SER B 353 7.06 -29.58 11.09
CA SER B 353 6.27 -30.26 12.13
C SER B 353 4.77 -30.03 12.10
N MET B 354 4.29 -29.14 11.25
CA MET B 354 2.86 -28.87 11.21
C MET B 354 2.24 -29.04 9.83
N ILE B 355 2.66 -28.23 8.87
CA ILE B 355 2.15 -28.32 7.51
C ILE B 355 2.09 -29.75 6.98
N PRO B 356 3.16 -30.54 7.14
CA PRO B 356 3.17 -31.92 6.65
C PRO B 356 1.90 -32.72 6.96
N TYR B 357 1.40 -32.56 8.17
CA TYR B 357 0.19 -33.26 8.61
C TYR B 357 -1.02 -32.98 7.74
N GLY B 358 -1.12 -31.75 7.27
CA GLY B 358 -2.24 -31.38 6.42
C GLY B 358 -2.05 -31.91 5.01
N VAL B 359 -0.85 -31.76 4.49
CA VAL B 359 -0.54 -32.20 3.15
C VAL B 359 -0.82 -33.67 2.93
N LYS B 360 -0.52 -34.51 3.92
CA LYS B 360 -0.78 -35.93 3.75
C LYS B 360 -2.30 -36.15 3.68
N ARG B 361 -3.04 -35.45 4.54
CA ARG B 361 -4.48 -35.58 4.56
C ARG B 361 -5.03 -35.14 3.20
N LEU B 362 -4.42 -34.08 2.64
CA LEU B 362 -4.83 -33.53 1.35
C LEU B 362 -4.50 -34.45 0.19
N GLU B 363 -3.38 -35.16 0.30
CA GLU B 363 -2.98 -36.07 -0.75
C GLU B 363 -3.92 -37.26 -0.77
N ASP B 364 -4.32 -37.74 0.40
CA ASP B 364 -5.25 -38.85 0.44
C ASP B 364 -6.50 -38.42 -0.29
N PHE B 365 -6.94 -37.20 0.02
CA PHE B 365 -8.12 -36.63 -0.60
C PHE B 365 -8.02 -36.54 -2.12
N ASP B 366 -6.93 -35.98 -2.61
CA ASP B 366 -6.73 -35.86 -4.06
C ASP B 366 -6.84 -37.21 -4.74
N ALA B 367 -6.26 -38.23 -4.12
CA ALA B 367 -6.29 -39.58 -4.66
C ALA B 367 -7.72 -40.03 -4.83
N SER B 368 -8.51 -39.85 -3.78
CA SER B 368 -9.91 -40.25 -3.83
C SER B 368 -10.64 -39.48 -4.91
N LEU B 369 -10.56 -38.16 -4.86
CA LEU B 369 -11.26 -37.35 -5.84
C LEU B 369 -10.91 -37.74 -7.26
N LYS B 370 -9.63 -38.05 -7.50
CA LYS B 370 -9.16 -38.44 -8.82
C LYS B 370 -9.87 -39.69 -9.36
N ASP B 371 -9.83 -40.78 -8.59
CA ASP B 371 -10.49 -42.01 -9.02
C ASP B 371 -11.94 -41.67 -9.32
N ALA B 372 -12.55 -40.95 -8.41
CA ALA B 372 -13.94 -40.54 -8.54
C ALA B 372 -14.22 -39.83 -9.85
N LEU B 373 -13.50 -38.74 -10.09
CA LEU B 373 -13.71 -37.98 -11.32
C LEU B 373 -13.45 -38.78 -12.59
N LEU B 374 -12.37 -39.56 -12.60
CA LEU B 374 -12.09 -40.33 -13.81
C LEU B 374 -13.21 -41.33 -14.04
N LYS B 375 -13.76 -41.89 -12.97
CA LYS B 375 -14.87 -42.84 -13.09
C LYS B 375 -16.07 -42.07 -13.59
N TYR B 376 -16.23 -40.87 -13.06
CA TYR B 376 -17.33 -40.00 -13.44
C TYR B 376 -17.28 -39.80 -14.94
N ILE B 377 -16.18 -39.24 -15.44
CA ILE B 377 -16.02 -38.99 -16.87
C ILE B 377 -16.36 -40.22 -17.71
N TYR B 378 -15.90 -41.38 -17.25
CA TYR B 378 -16.14 -42.63 -17.96
C TYR B 378 -17.62 -42.96 -18.05
N ASP B 379 -18.29 -42.94 -16.91
CA ASP B 379 -19.71 -43.24 -16.82
C ASP B 379 -20.58 -42.22 -17.56
N ASN B 380 -19.98 -41.13 -18.00
CA ASN B 380 -20.74 -40.11 -18.71
C ASN B 380 -20.13 -39.79 -20.05
N ARG B 381 -19.25 -40.66 -20.49
CA ARG B 381 -18.54 -40.51 -21.76
C ARG B 381 -19.53 -40.30 -22.91
N GLY B 382 -20.77 -40.75 -22.71
CA GLY B 382 -21.78 -40.61 -23.74
C GLY B 382 -22.34 -39.20 -23.77
N THR B 383 -22.48 -38.61 -22.59
CA THR B 383 -23.00 -37.27 -22.44
C THR B 383 -21.94 -36.24 -22.80
N LEU B 384 -20.68 -36.61 -22.56
CA LEU B 384 -19.55 -35.73 -22.81
C LEU B 384 -18.85 -36.05 -24.12
N ILE B 385 -19.45 -36.90 -24.95
CA ILE B 385 -18.87 -37.32 -26.22
C ILE B 385 -17.89 -36.35 -26.88
N GLY B 386 -18.23 -35.06 -26.87
CA GLY B 386 -17.35 -34.10 -27.50
C GLY B 386 -16.00 -33.84 -26.87
N GLN B 387 -15.73 -34.34 -25.67
CA GLN B 387 -14.44 -34.03 -25.05
C GLN B 387 -14.08 -34.74 -23.74
N VAL B 388 -13.93 -36.06 -23.79
CA VAL B 388 -13.59 -36.80 -22.58
C VAL B 388 -12.09 -36.68 -22.30
N ASP B 389 -11.28 -36.72 -23.36
CA ASP B 389 -9.84 -36.63 -23.23
C ASP B 389 -9.44 -35.28 -22.64
N ARG B 390 -10.06 -34.22 -23.17
CA ARG B 390 -9.77 -32.87 -22.69
C ARG B 390 -9.96 -32.87 -21.17
N LEU B 391 -11.10 -33.40 -20.72
CA LEU B 391 -11.42 -33.47 -19.29
C LEU B 391 -10.54 -34.43 -18.52
N LYS B 392 -10.29 -35.61 -19.07
CA LYS B 392 -9.43 -36.57 -18.39
C LYS B 392 -8.06 -35.94 -18.12
N ASP B 393 -7.50 -35.32 -19.15
CA ASP B 393 -6.20 -34.67 -19.04
C ASP B 393 -6.23 -33.62 -17.95
N LYS B 394 -7.28 -32.80 -17.96
CA LYS B 394 -7.45 -31.74 -16.98
C LYS B 394 -7.43 -32.32 -15.57
N VAL B 395 -8.25 -33.35 -15.36
CA VAL B 395 -8.33 -34.00 -14.05
C VAL B 395 -6.98 -34.59 -13.63
N ASN B 396 -6.35 -35.35 -14.52
CA ASN B 396 -5.06 -35.97 -14.23
C ASN B 396 -3.97 -34.93 -13.94
N ASN B 397 -3.94 -33.88 -14.76
CA ASN B 397 -2.95 -32.83 -14.58
C ASN B 397 -3.14 -32.11 -13.25
N THR B 398 -4.39 -31.85 -12.88
CA THR B 398 -4.68 -31.12 -11.64
C THR B 398 -4.48 -31.91 -10.35
N LEU B 399 -5.05 -33.12 -10.28
CA LEU B 399 -4.96 -33.93 -9.06
C LEU B 399 -3.66 -34.68 -8.84
N SER B 400 -2.71 -34.51 -9.76
CA SER B 400 -1.42 -35.19 -9.63
C SER B 400 -0.37 -34.34 -8.94
N THR B 401 -0.59 -33.03 -8.91
CA THR B 401 0.34 -32.11 -8.28
C THR B 401 -0.26 -31.49 -7.02
N ASP B 402 0.51 -31.50 -5.93
CA ASP B 402 0.03 -30.89 -4.69
C ASP B 402 0.02 -29.40 -4.92
N ILE B 403 -0.81 -28.67 -4.19
CA ILE B 403 -0.83 -27.22 -4.35
C ILE B 403 0.19 -26.61 -3.40
N PRO B 404 1.13 -25.84 -3.94
CA PRO B 404 2.22 -25.16 -3.22
C PRO B 404 1.78 -24.35 -2.02
N PHE B 405 2.43 -24.54 -0.89
CA PHE B 405 2.10 -23.76 0.29
C PHE B 405 2.86 -22.45 0.18
N GLN B 406 2.13 -21.34 0.17
CA GLN B 406 2.74 -20.02 0.06
C GLN B 406 2.32 -19.18 1.27
N LEU B 407 3.24 -18.97 2.19
CA LEU B 407 2.95 -18.23 3.41
C LEU B 407 2.37 -16.83 3.19
N SER B 408 2.85 -16.11 2.18
CA SER B 408 2.37 -14.75 1.91
C SER B 408 0.88 -14.75 1.65
N LYS B 409 0.39 -15.90 1.24
CA LYS B 409 -1.01 -16.10 0.95
C LYS B 409 -1.81 -16.06 2.25
N TYR B 410 -1.14 -16.28 3.39
CA TYR B 410 -1.83 -16.29 4.68
C TYR B 410 -1.28 -15.33 5.72
N VAL B 411 -0.02 -14.92 5.57
CA VAL B 411 0.61 -14.02 6.52
C VAL B 411 1.12 -12.76 5.82
N ASP B 412 1.18 -11.66 6.57
CA ASP B 412 1.64 -10.39 6.02
C ASP B 412 2.96 -9.90 6.60
N ASN B 413 3.30 -10.38 7.78
CA ASN B 413 4.55 -9.97 8.41
C ASN B 413 5.71 -10.19 7.44
N GLN B 414 6.13 -9.11 6.79
CA GLN B 414 7.22 -9.17 5.82
C GLN B 414 8.50 -9.84 6.30
N ARG B 415 8.81 -9.74 7.59
CA ARG B 415 10.04 -10.35 8.09
C ARG B 415 9.90 -11.87 8.20
N LEU B 416 8.66 -12.37 8.15
CA LEU B 416 8.41 -13.81 8.21
C LEU B 416 8.31 -14.36 6.79
N LEU B 417 7.89 -13.50 5.86
CA LEU B 417 7.74 -13.88 4.46
C LEU B 417 9.10 -14.07 3.80
N SER B 418 10.05 -13.20 4.14
CA SER B 418 11.38 -13.28 3.58
C SER B 418 12.05 -14.51 4.16
N THR B 419 11.76 -14.77 5.43
CA THR B 419 12.30 -15.94 6.12
C THR B 419 11.82 -17.18 5.37
N PHE B 420 10.62 -17.06 4.80
CA PHE B 420 10.04 -18.15 4.05
C PHE B 420 10.72 -18.25 2.68
N THR B 421 10.89 -17.11 2.03
CA THR B 421 11.53 -17.07 0.72
C THR B 421 12.94 -17.66 0.81
N GLU B 422 13.68 -17.24 1.82
CA GLU B 422 15.03 -17.73 2.05
C GLU B 422 14.95 -19.23 2.27
N TYR B 423 13.91 -19.65 2.98
CA TYR B 423 13.66 -21.05 3.29
C TYR B 423 13.48 -21.86 2.01
N ILE B 424 12.72 -21.30 1.06
CA ILE B 424 12.46 -21.96 -0.22
C ILE B 424 13.75 -22.40 -0.92
N LYS B 425 14.83 -21.68 -0.67
CA LYS B 425 16.11 -22.01 -1.28
C LYS B 425 16.94 -22.86 -0.32
N ASN B 426 17.51 -22.31 0.65
N SER C 4 4.89 19.22 11.22
CA SER C 4 5.48 18.97 9.86
C SER C 4 6.28 20.17 9.40
N MET C 5 6.68 20.16 8.13
CA MET C 5 7.44 21.25 7.54
C MET C 5 7.27 21.33 6.03
N GLU C 6 7.31 22.55 5.51
CA GLU C 6 7.16 22.81 4.09
C GLU C 6 8.47 22.49 3.38
N PHE C 7 8.38 22.06 2.12
CA PHE C 7 9.59 21.78 1.36
C PHE C 7 10.24 23.12 1.08
N VAL C 8 9.41 24.10 0.74
CA VAL C 8 9.87 25.45 0.45
C VAL C 8 9.64 26.27 1.70
N ASN C 9 10.71 26.58 2.41
CA ASN C 9 10.58 27.32 3.66
C ASN C 9 10.54 28.83 3.50
N LYS C 10 10.03 29.31 2.39
CA LYS C 10 9.94 30.75 2.22
C LYS C 10 8.75 31.24 1.44
N GLN C 11 8.31 32.43 1.84
CA GLN C 11 7.17 33.09 1.22
C GLN C 11 7.78 34.04 0.20
N PHE C 12 8.10 33.50 -0.96
CA PHE C 12 8.71 34.29 -2.02
C PHE C 12 7.75 35.17 -2.78
N ASN C 13 8.14 36.42 -2.97
CA ASN C 13 7.35 37.34 -3.77
C ASN C 13 8.30 37.76 -4.88
N TYR C 14 7.89 37.49 -6.11
CA TYR C 14 8.73 37.81 -7.26
C TYR C 14 9.45 39.16 -7.22
N LYS C 15 8.79 40.18 -6.65
CA LYS C 15 9.40 41.50 -6.57
C LYS C 15 10.33 41.69 -5.37
N ASP C 16 10.48 40.64 -4.56
CA ASP C 16 11.37 40.72 -3.40
C ASP C 16 12.75 41.18 -3.83
N PRO C 17 13.36 42.12 -3.08
CA PRO C 17 14.69 42.58 -3.46
C PRO C 17 15.66 41.39 -3.40
N VAL C 18 16.63 41.36 -4.31
CA VAL C 18 17.61 40.27 -4.34
C VAL C 18 18.49 40.34 -3.10
N ASN C 19 19.05 39.21 -2.69
CA ASN C 19 19.93 39.18 -1.53
C ASN C 19 21.21 38.40 -1.83
N GLY C 20 21.25 37.75 -3.00
CA GLY C 20 22.44 37.00 -3.37
C GLY C 20 22.54 35.61 -2.75
N VAL C 21 21.53 35.22 -1.98
CA VAL C 21 21.52 33.92 -1.35
C VAL C 21 20.45 32.99 -1.91
N ASP C 22 19.19 33.37 -1.77
CA ASP C 22 18.09 32.55 -2.29
C ASP C 22 17.20 33.37 -3.23
N ILE C 23 17.60 34.62 -3.43
CA ILE C 23 16.91 35.53 -4.34
C ILE C 23 18.02 36.32 -5.04
N ALA C 24 18.24 36.03 -6.31
CA ALA C 24 19.30 36.72 -7.03
C ALA C 24 19.23 36.61 -8.55
N TYR C 25 19.95 37.49 -9.20
CA TYR C 25 20.05 37.46 -10.65
C TYR C 25 21.17 36.45 -10.90
N ILE C 26 20.90 35.48 -11.78
CA ILE C 26 21.90 34.45 -12.04
C ILE C 26 22.20 34.24 -13.51
N LYS C 27 23.29 33.53 -13.75
CA LYS C 27 23.71 33.18 -15.09
C LYS C 27 23.94 31.68 -15.10
N ILE C 28 23.40 31.01 -16.10
CA ILE C 28 23.55 29.57 -16.21
C ILE C 28 24.45 29.25 -17.40
N PRO C 29 24.77 27.96 -17.59
CA PRO C 29 25.64 27.59 -18.72
C PRO C 29 25.00 28.12 -20.01
N ASN C 30 25.83 28.54 -20.95
CA ASN C 30 25.32 29.06 -22.20
C ASN C 30 26.35 28.96 -23.34
N ALA C 31 25.84 28.81 -24.56
CA ALA C 31 26.69 28.69 -25.74
C ALA C 31 27.60 29.91 -25.93
N GLY C 32 27.14 31.07 -25.51
CA GLY C 32 27.95 32.28 -25.63
C GLY C 32 27.80 33.14 -24.39
N GLN C 33 27.12 34.27 -24.54
CA GLN C 33 26.88 35.17 -23.43
C GLN C 33 25.40 35.14 -23.12
N MET C 34 25.06 35.14 -21.84
CA MET C 34 23.66 35.11 -21.46
C MET C 34 23.35 36.32 -20.59
N GLN C 35 22.12 36.80 -20.69
CA GLN C 35 21.69 37.94 -19.90
C GLN C 35 21.18 37.39 -18.58
N PRO C 36 21.66 37.94 -17.46
CA PRO C 36 21.24 37.51 -16.12
C PRO C 36 19.72 37.45 -15.97
N VAL C 37 19.23 36.44 -15.28
CA VAL C 37 17.81 36.29 -15.04
C VAL C 37 17.55 36.20 -13.53
N LYS C 38 16.42 36.73 -13.08
CA LYS C 38 16.10 36.71 -11.66
C LYS C 38 15.63 35.30 -11.29
N ALA C 39 16.23 34.73 -10.25
CA ALA C 39 15.87 33.37 -9.84
C ALA C 39 15.62 33.24 -8.35
N PHE C 40 15.06 32.11 -7.95
CA PHE C 40 14.78 31.89 -6.54
C PHE C 40 15.19 30.50 -6.13
N LYS C 41 15.97 30.42 -5.05
CA LYS C 41 16.42 29.14 -4.52
C LYS C 41 15.34 28.70 -3.55
N ILE C 42 14.40 27.88 -4.03
CA ILE C 42 13.30 27.41 -3.20
C ILE C 42 13.70 26.30 -2.24
N HIS C 43 14.91 25.78 -2.38
CA HIS C 43 15.36 24.70 -1.50
C HIS C 43 16.80 24.37 -1.82
N ASN C 44 17.47 23.71 -0.89
CA ASN C 44 18.86 23.32 -1.08
C ASN C 44 19.00 22.62 -2.43
N LYS C 45 19.92 23.12 -3.26
CA LYS C 45 20.19 22.54 -4.58
C LYS C 45 19.12 22.78 -5.66
N ILE C 46 18.05 23.50 -5.33
CA ILE C 46 16.98 23.73 -6.30
C ILE C 46 16.60 25.19 -6.50
N TRP C 47 16.62 25.65 -7.75
CA TRP C 47 16.25 27.02 -8.07
C TRP C 47 15.09 27.05 -9.07
N VAL C 48 14.41 28.19 -9.13
CA VAL C 48 13.29 28.38 -10.04
C VAL C 48 13.52 29.70 -10.77
N ILE C 49 13.44 29.65 -12.10
CA ILE C 49 13.61 30.85 -12.94
C ILE C 49 12.27 31.13 -13.64
N PRO C 50 11.54 32.16 -13.18
CA PRO C 50 10.25 32.57 -13.73
C PRO C 50 10.41 33.32 -15.05
N GLU C 51 10.95 32.64 -16.05
CA GLU C 51 11.19 33.21 -17.36
C GLU C 51 10.87 32.19 -18.43
N ARG C 52 10.51 32.71 -19.60
CA ARG C 52 10.28 31.85 -20.73
C ARG C 52 11.69 31.38 -21.10
N ASP C 53 11.92 30.10 -21.35
CA ASP C 53 13.26 29.64 -21.67
C ASP C 53 13.70 30.04 -23.08
N THR C 54 14.50 31.11 -23.16
CA THR C 54 15.02 31.59 -24.44
C THR C 54 16.54 31.57 -24.38
N PHE C 55 17.08 30.85 -23.40
CA PHE C 55 18.53 30.78 -23.21
C PHE C 55 19.16 29.41 -23.47
N THR C 56 18.89 28.45 -22.59
CA THR C 56 19.46 27.12 -22.71
C THR C 56 19.73 26.71 -24.15
N ASN C 57 18.80 27.02 -25.04
CA ASN C 57 18.98 26.66 -26.44
C ASN C 57 19.01 27.88 -27.37
N PRO C 58 20.18 28.15 -27.98
CA PRO C 58 20.36 29.28 -28.90
C PRO C 58 19.55 29.08 -30.18
N GLU C 59 19.12 27.84 -30.39
CA GLU C 59 18.32 27.45 -31.54
C GLU C 59 16.87 27.79 -31.20
N GLU C 60 16.64 28.14 -29.94
CA GLU C 60 15.32 28.51 -29.43
C GLU C 60 15.33 29.88 -28.75
N GLY C 61 15.28 30.94 -29.56
CA GLY C 61 15.28 32.29 -29.03
C GLY C 61 13.99 33.02 -29.31
N ASP C 62 13.25 32.56 -30.33
CA ASP C 62 11.98 33.18 -30.70
C ASP C 62 10.82 32.45 -30.02
N LEU C 63 9.77 33.18 -29.66
CA LEU C 63 8.63 32.55 -28.98
C LEU C 63 7.37 32.45 -29.81
N ASN C 64 7.50 32.62 -31.12
CA ASN C 64 6.33 32.52 -32.01
C ASN C 64 6.22 31.12 -32.57
N PRO C 65 5.05 30.78 -33.13
CA PRO C 65 4.86 29.45 -33.70
C PRO C 65 5.91 29.17 -34.75
N PRO C 66 6.37 27.93 -34.86
CA PRO C 66 7.39 27.59 -35.85
C PRO C 66 6.75 27.40 -37.23
N PRO C 67 7.51 27.67 -38.30
CA PRO C 67 6.91 27.51 -39.63
C PRO C 67 6.65 26.01 -39.81
N GLU C 68 7.37 25.23 -39.01
CA GLU C 68 7.28 23.77 -39.01
C GLU C 68 6.43 23.23 -37.87
N ALA C 69 5.10 23.33 -38.02
CA ALA C 69 4.18 22.84 -37.00
C ALA C 69 4.65 21.49 -36.46
N LYS C 70 4.96 21.43 -35.16
CA LYS C 70 5.43 20.20 -34.53
C LYS C 70 4.41 19.07 -34.63
N GLN C 71 4.91 17.85 -34.83
CA GLN C 71 4.04 16.70 -34.96
C GLN C 71 3.66 16.11 -33.61
N VAL C 72 2.87 16.86 -32.85
CA VAL C 72 2.40 16.44 -31.53
C VAL C 72 0.89 16.65 -31.45
N PRO C 73 0.21 15.90 -30.57
CA PRO C 73 -1.24 16.01 -30.41
C PRO C 73 -1.72 17.43 -30.13
N VAL C 74 -1.07 18.10 -29.19
CA VAL C 74 -1.45 19.46 -28.84
C VAL C 74 -0.23 20.34 -28.62
N SER C 75 -0.41 21.64 -28.86
CA SER C 75 0.64 22.61 -28.66
C SER C 75 -0.06 23.94 -28.50
N TYR C 76 0.65 24.93 -27.98
CA TYR C 76 0.04 26.24 -27.78
C TYR C 76 1.14 27.30 -27.78
N TYR C 77 0.89 28.40 -28.49
CA TYR C 77 1.87 29.46 -28.55
C TYR C 77 1.26 30.76 -28.09
N ASP C 78 2.12 31.66 -27.63
CA ASP C 78 1.72 32.97 -27.13
C ASP C 78 2.98 33.62 -26.58
N SER C 79 3.62 34.44 -27.39
CA SER C 79 4.85 35.09 -27.01
C SER C 79 4.72 36.08 -25.85
N THR C 80 3.50 36.33 -25.40
CA THR C 80 3.32 37.30 -24.31
C THR C 80 3.21 36.67 -22.92
N TYR C 81 2.90 35.39 -22.87
CA TYR C 81 2.78 34.67 -21.60
C TYR C 81 4.08 34.77 -20.79
N LEU C 82 3.94 34.96 -19.48
CA LEU C 82 5.07 35.09 -18.56
C LEU C 82 5.95 36.28 -18.91
N SER C 83 5.34 37.44 -19.16
CA SER C 83 6.14 38.61 -19.48
C SER C 83 5.95 39.73 -18.47
N THR C 84 4.88 39.66 -17.68
CA THR C 84 4.62 40.68 -16.68
C THR C 84 5.07 40.23 -15.29
N ASP C 85 5.33 41.19 -14.40
CA ASP C 85 5.75 40.87 -13.04
C ASP C 85 4.75 39.98 -12.30
N ASN C 86 3.46 40.24 -12.50
CA ASN C 86 2.42 39.45 -11.83
C ASN C 86 2.42 38.01 -12.30
N GLU C 87 2.51 37.80 -13.61
CA GLU C 87 2.52 36.46 -14.17
C GLU C 87 3.65 35.65 -13.57
N LYS C 88 4.82 36.29 -13.50
CA LYS C 88 5.98 35.62 -12.94
C LYS C 88 5.75 35.24 -11.48
N ASP C 89 5.30 36.20 -10.69
CA ASP C 89 5.03 35.94 -9.29
C ASP C 89 4.02 34.80 -9.17
N ASN C 90 2.96 34.85 -9.98
CA ASN C 90 1.95 33.82 -9.94
C ASN C 90 2.55 32.49 -10.39
N TYR C 91 3.55 32.57 -11.26
CA TYR C 91 4.23 31.38 -11.77
C TYR C 91 5.08 30.77 -10.64
N LEU C 92 5.85 31.62 -9.97
CA LEU C 92 6.70 31.17 -8.87
C LEU C 92 5.85 30.56 -7.77
N LYS C 93 4.71 31.18 -7.49
CA LYS C 93 3.82 30.67 -6.46
C LYS C 93 3.22 29.32 -6.83
N GLY C 94 3.01 29.10 -8.12
CA GLY C 94 2.45 27.83 -8.57
C GLY C 94 3.43 26.66 -8.56
N VAL C 95 4.67 26.92 -8.93
CA VAL C 95 5.65 25.84 -8.92
C VAL C 95 5.89 25.48 -7.45
N THR C 96 6.05 26.50 -6.62
CA THR C 96 6.26 26.29 -5.20
C THR C 96 5.16 25.40 -4.61
N LYS C 97 3.92 25.77 -4.89
CA LYS C 97 2.78 25.03 -4.38
C LYS C 97 2.78 23.58 -4.83
N LEU C 98 3.21 23.33 -6.07
CA LEU C 98 3.24 21.96 -6.59
C LEU C 98 4.31 21.13 -5.88
N PHE C 99 5.41 21.78 -5.51
CA PHE C 99 6.45 21.06 -4.80
C PHE C 99 5.87 20.63 -3.46
N GLU C 100 5.14 21.53 -2.81
CA GLU C 100 4.54 21.21 -1.52
C GLU C 100 3.54 20.07 -1.66
N ARG C 101 2.71 20.09 -2.71
CA ARG C 101 1.76 19.00 -2.91
C ARG C 101 2.54 17.69 -3.12
N ILE C 102 3.58 17.73 -3.95
CA ILE C 102 4.41 16.54 -4.20
C ILE C 102 5.10 16.07 -2.91
N TYR C 103 5.63 17.03 -2.17
CA TYR C 103 6.34 16.75 -0.93
C TYR C 103 5.46 16.16 0.18
N SER C 104 4.16 16.46 0.14
CA SER C 104 3.23 16.00 1.16
C SER C 104 2.83 14.54 1.01
N THR C 105 3.29 13.88 -0.06
CA THR C 105 3.02 12.45 -0.24
C THR C 105 4.28 11.69 0.16
N ASP C 106 4.14 10.41 0.50
CA ASP C 106 5.32 9.64 0.88
C ASP C 106 6.29 9.56 -0.30
N LEU C 107 5.78 9.10 -1.44
CA LEU C 107 6.57 8.96 -2.65
C LEU C 107 7.31 10.25 -2.99
N GLY C 108 6.59 11.37 -2.94
CA GLY C 108 7.18 12.65 -3.24
C GLY C 108 8.27 13.06 -2.27
N ARG C 109 8.06 12.84 -0.99
CA ARG C 109 9.07 13.20 0.01
C ARG C 109 10.37 12.44 -0.29
N MET C 110 10.22 11.21 -0.73
CA MET C 110 11.40 10.40 -1.05
C MET C 110 12.08 10.94 -2.29
N LEU C 111 11.34 11.01 -3.40
CA LEU C 111 11.85 11.51 -4.67
C LEU C 111 12.57 12.84 -4.53
N LEU C 112 11.97 13.78 -3.82
CA LEU C 112 12.60 15.08 -3.64
C LEU C 112 13.90 14.97 -2.83
N THR C 113 14.00 13.99 -1.95
CA THR C 113 15.21 13.81 -1.17
C THR C 113 16.27 13.22 -2.09
N SER C 114 15.88 12.24 -2.89
CA SER C 114 16.81 11.63 -3.83
C SER C 114 17.36 12.70 -4.75
N ILE C 115 16.49 13.56 -5.25
CA ILE C 115 16.91 14.63 -6.14
C ILE C 115 17.93 15.51 -5.46
N VAL C 116 17.60 16.01 -4.28
CA VAL C 116 18.51 16.87 -3.56
C VAL C 116 19.86 16.20 -3.27
N ARG C 117 19.82 14.89 -3.07
CA ARG C 117 21.03 14.14 -2.75
C ARG C 117 21.84 13.71 -3.97
N GLY C 118 21.19 13.71 -5.14
CA GLY C 118 21.85 13.29 -6.37
C GLY C 118 22.78 14.30 -7.02
N ILE C 119 23.75 14.77 -6.26
CA ILE C 119 24.71 15.73 -6.76
C ILE C 119 25.49 15.20 -7.97
N PRO C 120 25.56 15.99 -9.04
CA PRO C 120 26.29 15.58 -10.25
C PRO C 120 27.74 15.28 -9.88
N PHE C 121 28.27 14.15 -10.35
CA PHE C 121 29.64 13.76 -10.02
C PHE C 121 30.77 14.73 -10.41
N TRP C 122 31.81 14.77 -9.59
CA TRP C 122 32.98 15.62 -9.82
C TRP C 122 33.97 14.92 -10.72
N GLY C 123 33.60 14.72 -11.98
CA GLY C 123 34.49 14.05 -12.91
C GLY C 123 34.99 14.95 -14.02
N GLY C 124 35.34 16.19 -13.70
CA GLY C 124 35.80 17.12 -14.72
C GLY C 124 37.29 17.31 -14.95
N SER C 125 38.12 16.48 -14.34
CA SER C 125 39.55 16.62 -14.53
C SER C 125 40.09 15.62 -15.55
N THR C 126 41.15 16.02 -16.25
CA THR C 126 41.78 15.15 -17.23
C THR C 126 42.71 14.17 -16.51
N ILE C 127 43.11 14.54 -15.29
CA ILE C 127 43.97 13.70 -14.47
C ILE C 127 43.05 12.72 -13.74
N ASP C 128 43.18 11.44 -14.04
CA ASP C 128 42.32 10.40 -13.48
C ASP C 128 42.30 10.17 -11.97
N THR C 129 43.18 10.80 -11.20
CA THR C 129 43.15 10.59 -9.75
C THR C 129 42.73 11.85 -9.00
N GLU C 130 42.38 12.88 -9.76
CA GLU C 130 41.97 14.17 -9.21
C GLU C 130 40.44 14.39 -9.32
N LEU C 131 39.82 14.87 -8.24
CA LEU C 131 38.38 15.14 -8.28
C LEU C 131 38.16 16.61 -8.59
N LYS C 132 37.35 16.88 -9.61
CA LYS C 132 37.09 18.25 -10.04
C LYS C 132 35.64 18.39 -10.48
N VAL C 133 35.05 19.53 -10.19
CA VAL C 133 33.65 19.78 -10.57
C VAL C 133 33.60 20.13 -12.04
N ILE C 134 32.47 19.83 -12.68
CA ILE C 134 32.25 20.18 -14.08
C ILE C 134 31.40 21.45 -13.96
N ASP C 135 31.89 22.57 -14.49
CA ASP C 135 31.17 23.84 -14.34
C ASP C 135 29.77 23.97 -14.95
N THR C 136 29.40 23.09 -15.87
CA THR C 136 28.07 23.18 -16.45
C THR C 136 27.05 22.62 -15.45
N ASN C 137 27.56 22.24 -14.29
CA ASN C 137 26.74 21.72 -13.20
C ASN C 137 26.67 22.81 -12.15
N CYS C 138 26.95 24.03 -12.59
CA CYS C 138 26.95 25.19 -11.72
C CYS C 138 26.23 26.39 -12.35
N ILE C 139 26.09 27.45 -11.56
CA ILE C 139 25.49 28.69 -12.02
C ILE C 139 26.30 29.75 -11.32
N ASN C 140 26.18 31.00 -11.77
CA ASN C 140 26.89 32.08 -11.12
C ASN C 140 25.81 32.91 -10.48
N VAL C 141 25.89 33.04 -9.15
CA VAL C 141 24.91 33.81 -8.42
C VAL C 141 25.40 35.24 -8.25
N ILE C 142 24.68 36.18 -8.86
CA ILE C 142 25.06 37.58 -8.79
C ILE C 142 24.64 38.21 -7.47
N GLN C 143 25.61 38.78 -6.76
CA GLN C 143 25.41 39.42 -5.48
C GLN C 143 24.86 40.83 -5.56
N PRO C 144 24.23 41.30 -4.48
CA PRO C 144 23.66 42.66 -4.44
C PRO C 144 24.63 43.73 -4.91
N ASP C 145 25.87 43.67 -4.44
CA ASP C 145 26.87 44.67 -4.82
C ASP C 145 27.35 44.60 -6.27
N GLY C 146 27.12 43.48 -6.94
CA GLY C 146 27.56 43.38 -8.33
C GLY C 146 28.53 42.25 -8.64
N SER C 147 29.21 41.75 -7.62
CA SER C 147 30.16 40.65 -7.78
C SER C 147 29.33 39.36 -7.86
N TYR C 148 29.99 38.21 -7.93
CA TYR C 148 29.24 36.95 -7.99
C TYR C 148 29.93 35.80 -7.30
N ARG C 149 29.14 34.76 -7.04
CA ARG C 149 29.63 33.54 -6.42
C ARG C 149 29.18 32.39 -7.29
N SER C 150 30.07 31.43 -7.51
CA SER C 150 29.73 30.26 -8.31
C SER C 150 29.10 29.30 -7.33
N GLU C 151 28.17 28.49 -7.81
CA GLU C 151 27.47 27.58 -6.92
C GLU C 151 26.94 26.34 -7.62
N GLU C 152 27.02 25.21 -6.93
CA GLU C 152 26.52 23.95 -7.46
C GLU C 152 25.03 23.87 -7.22
N LEU C 153 24.31 23.23 -8.14
CA LEU C 153 22.90 23.03 -7.98
C LEU C 153 22.53 21.79 -8.77
N ASN C 154 21.44 21.14 -8.41
CA ASN C 154 21.03 19.92 -9.08
C ASN C 154 19.88 20.13 -10.02
N LEU C 155 18.99 21.05 -9.66
CA LEU C 155 17.78 21.26 -10.43
C LEU C 155 17.33 22.70 -10.62
N VAL C 156 16.78 22.97 -11.80
CA VAL C 156 16.28 24.30 -12.10
C VAL C 156 14.95 24.15 -12.83
N ILE C 157 13.96 24.94 -12.43
CA ILE C 157 12.66 24.90 -13.07
C ILE C 157 12.54 26.22 -13.84
N ILE C 158 12.21 26.13 -15.13
CA ILE C 158 12.06 27.30 -15.98
C ILE C 158 10.77 27.28 -16.80
N GLY C 159 10.35 28.46 -17.22
CA GLY C 159 9.16 28.59 -18.04
C GLY C 159 9.40 27.91 -19.37
N PRO C 160 8.35 27.44 -20.05
CA PRO C 160 8.47 26.76 -21.34
C PRO C 160 9.05 27.68 -22.41
N SER C 161 9.42 27.09 -23.54
CA SER C 161 9.96 27.90 -24.63
C SER C 161 8.77 28.26 -25.53
N ALA C 162 8.98 28.30 -26.83
CA ALA C 162 7.91 28.66 -27.76
C ALA C 162 6.63 27.88 -27.49
N ASP C 163 6.67 26.55 -27.62
CA ASP C 163 5.48 25.74 -27.35
C ASP C 163 5.27 25.69 -25.83
N ILE C 164 4.36 26.54 -25.36
CA ILE C 164 4.07 26.67 -23.93
C ILE C 164 3.76 25.38 -23.19
N ILE C 165 3.11 24.42 -23.85
CA ILE C 165 2.80 23.18 -23.15
C ILE C 165 3.78 22.03 -23.39
N GLN C 166 4.96 22.34 -23.93
CA GLN C 166 5.96 21.30 -24.13
C GLN C 166 6.88 21.31 -22.91
N PHE C 167 6.77 20.28 -22.09
CA PHE C 167 7.58 20.17 -20.90
C PHE C 167 8.62 19.07 -21.12
N GLU C 168 9.85 19.32 -20.68
CA GLU C 168 10.94 18.35 -20.85
C GLU C 168 12.12 18.64 -19.93
N CYS C 169 12.99 17.66 -19.79
CA CYS C 169 14.20 17.80 -18.98
C CYS C 169 15.35 18.09 -19.91
N LYS C 170 16.21 19.02 -19.51
CA LYS C 170 17.36 19.41 -20.33
C LYS C 170 18.59 19.66 -19.47
N SER C 171 19.76 19.31 -20.00
CA SER C 171 21.00 19.53 -19.29
C SER C 171 22.17 19.70 -20.25
N PHE C 172 23.23 20.35 -19.79
CA PHE C 172 24.39 20.58 -20.62
C PHE C 172 25.32 19.38 -20.60
N GLY C 173 25.89 19.07 -21.76
CA GLY C 173 26.78 17.94 -21.86
C GLY C 173 28.26 18.21 -21.63
N HIS C 174 29.07 17.22 -21.94
CA HIS C 174 30.51 17.33 -21.78
C HIS C 174 31.17 16.94 -23.09
N GLU C 175 32.32 17.53 -23.35
CA GLU C 175 33.10 17.26 -24.55
C GLU C 175 33.03 15.80 -24.99
N VAL C 176 33.20 14.87 -24.06
CA VAL C 176 33.18 13.47 -24.43
C VAL C 176 32.41 12.55 -23.48
N LEU C 177 31.95 13.09 -22.36
CA LEU C 177 31.20 12.28 -21.39
C LEU C 177 29.69 12.30 -21.63
N ASN C 178 29.05 11.16 -21.38
CA ASN C 178 27.59 11.04 -21.50
C ASN C 178 27.06 11.08 -20.06
N LEU C 179 27.07 12.28 -19.48
CA LEU C 179 26.66 12.55 -18.10
C LEU C 179 25.38 11.91 -17.57
N THR C 180 24.32 11.94 -18.38
CA THR C 180 23.05 11.39 -17.96
C THR C 180 23.00 9.88 -18.17
N ARG C 181 24.02 9.32 -18.82
CA ARG C 181 24.03 7.89 -19.06
C ARG C 181 25.26 7.13 -18.57
N ASN C 182 26.14 7.80 -17.81
CA ASN C 182 27.33 7.14 -17.28
C ASN C 182 27.44 7.12 -15.76
N GLY C 183 26.33 7.37 -15.08
CA GLY C 183 26.33 7.35 -13.62
C GLY C 183 26.65 8.69 -12.99
N TYR C 184 27.36 9.55 -13.72
CA TYR C 184 27.75 10.86 -13.23
C TYR C 184 26.61 11.79 -12.87
N GLY C 185 25.67 11.94 -13.79
CA GLY C 185 24.56 12.85 -13.58
C GLY C 185 24.97 14.26 -13.96
N SER C 186 24.00 15.16 -14.05
CA SER C 186 24.26 16.56 -14.40
C SER C 186 23.07 17.43 -14.02
N THR C 187 23.33 18.70 -13.75
CA THR C 187 22.25 19.59 -13.37
C THR C 187 21.12 19.54 -14.40
N GLN C 188 19.89 19.35 -13.93
CA GLN C 188 18.76 19.27 -14.84
C GLN C 188 17.95 20.56 -14.88
N TYR C 189 17.56 20.95 -16.10
CA TYR C 189 16.75 22.15 -16.32
C TYR C 189 15.41 21.74 -16.89
N ILE C 190 14.36 21.89 -16.10
CA ILE C 190 13.04 21.50 -16.55
C ILE C 190 12.22 22.66 -17.10
N ARG C 191 11.65 22.47 -18.28
CA ARG C 191 10.79 23.48 -18.88
C ARG C 191 9.42 23.07 -18.39
N PHE C 192 8.74 23.97 -17.69
CA PHE C 192 7.45 23.64 -17.13
C PHE C 192 6.61 24.86 -16.79
N SER C 193 5.29 24.65 -16.78
CA SER C 193 4.36 25.71 -16.43
C SER C 193 3.22 25.19 -15.60
N PRO C 194 2.84 25.93 -14.55
CA PRO C 194 1.75 25.54 -13.67
C PRO C 194 0.49 26.25 -14.14
N ASP C 195 0.63 27.10 -15.16
CA ASP C 195 -0.47 27.88 -15.68
C ASP C 195 -1.30 27.26 -16.79
N PHE C 196 -0.97 26.03 -17.17
CA PHE C 196 -1.72 25.32 -18.19
C PHE C 196 -1.74 23.81 -17.89
N THR C 197 -2.65 23.10 -18.52
CA THR C 197 -2.73 21.65 -18.35
C THR C 197 -3.42 21.05 -19.56
N PHE C 198 -3.40 19.73 -19.64
CA PHE C 198 -3.99 19.01 -20.76
C PHE C 198 -5.33 18.39 -20.39
N GLY C 199 -6.07 18.01 -21.43
CA GLY C 199 -7.35 17.36 -21.25
C GLY C 199 -7.23 15.96 -21.81
N PHE C 200 -8.06 15.04 -21.35
CA PHE C 200 -7.96 13.68 -21.85
C PHE C 200 -9.24 12.91 -21.54
N GLU C 201 -9.49 11.86 -22.31
CA GLU C 201 -10.68 11.06 -22.11
C GLU C 201 -10.38 9.88 -21.21
N GLU C 202 -11.35 9.53 -20.38
CA GLU C 202 -11.22 8.40 -19.46
C GLU C 202 -12.24 7.38 -19.94
N SER C 203 -11.98 6.10 -19.72
CA SER C 203 -12.93 5.08 -20.16
C SER C 203 -12.99 3.84 -19.26
N LEU C 204 -12.20 3.83 -18.20
CA LEU C 204 -12.18 2.69 -17.29
C LEU C 204 -12.63 2.98 -15.86
N GLU C 205 -12.77 4.24 -15.50
CA GLU C 205 -13.16 4.57 -14.14
C GLU C 205 -14.64 4.44 -13.83
N VAL C 206 -15.44 4.07 -14.83
CA VAL C 206 -16.88 3.90 -14.63
C VAL C 206 -17.14 2.70 -13.72
N ASP C 207 -16.24 1.73 -13.77
CA ASP C 207 -16.35 0.53 -12.95
C ASP C 207 -16.25 0.90 -11.48
N THR C 208 -15.64 2.06 -11.22
CA THR C 208 -15.45 2.55 -9.86
C THR C 208 -16.35 3.72 -9.53
N ASN C 209 -16.53 4.61 -10.51
CA ASN C 209 -17.34 5.81 -10.34
C ASN C 209 -18.46 5.91 -11.38
N PRO C 210 -19.63 5.33 -11.08
CA PRO C 210 -20.81 5.32 -11.94
C PRO C 210 -21.35 6.68 -12.36
N LEU C 211 -21.06 7.71 -11.57
CA LEU C 211 -21.51 9.07 -11.87
C LEU C 211 -20.39 9.93 -12.43
N LEU C 212 -19.36 9.25 -12.92
CA LEU C 212 -18.22 9.93 -13.51
C LEU C 212 -18.71 10.90 -14.58
N GLY C 213 -18.30 12.16 -14.46
CA GLY C 213 -18.70 13.18 -15.41
C GLY C 213 -18.39 12.85 -16.86
N ALA C 214 -19.00 13.60 -17.77
CA ALA C 214 -18.77 13.39 -19.20
C ALA C 214 -17.81 14.44 -19.73
N GLY C 215 -17.10 14.09 -20.80
CA GLY C 215 -16.16 15.01 -21.39
C GLY C 215 -14.72 14.75 -20.97
N LYS C 216 -13.85 15.69 -21.31
CA LYS C 216 -12.44 15.56 -21.00
C LYS C 216 -12.10 16.01 -19.58
N PHE C 217 -11.19 15.28 -18.95
CA PHE C 217 -10.75 15.64 -17.60
C PHE C 217 -9.39 16.29 -17.71
N ALA C 218 -9.08 17.16 -16.76
CA ALA C 218 -7.81 17.85 -16.77
C ALA C 218 -6.76 17.09 -15.98
N THR C 219 -5.55 17.04 -16.52
CA THR C 219 -4.44 16.37 -15.86
C THR C 219 -4.06 17.26 -14.67
N ASP C 220 -3.82 16.68 -13.50
CA ASP C 220 -3.42 17.50 -12.37
C ASP C 220 -1.96 17.92 -12.62
N PRO C 221 -1.67 19.22 -12.61
CA PRO C 221 -0.31 19.72 -12.84
C PRO C 221 0.77 19.04 -12.00
N ALA C 222 0.39 18.59 -10.80
CA ALA C 222 1.30 17.94 -9.88
C ALA C 222 1.81 16.62 -10.44
N VAL C 223 0.97 15.91 -11.16
CA VAL C 223 1.37 14.66 -11.76
C VAL C 223 2.36 14.99 -12.88
N THR C 224 2.13 16.11 -13.54
CA THR C 224 2.98 16.53 -14.63
C THR C 224 4.36 16.93 -14.10
N LEU C 225 4.39 17.70 -13.02
CA LEU C 225 5.66 18.12 -12.48
C LEU C 225 6.45 16.91 -11.99
N ALA C 226 5.78 15.99 -11.30
CA ALA C 226 6.42 14.79 -10.78
C ALA C 226 7.04 14.01 -11.93
N HIS C 227 6.30 13.92 -13.04
CA HIS C 227 6.78 13.21 -14.23
C HIS C 227 8.17 13.74 -14.64
N GLU C 228 8.29 15.05 -14.78
CA GLU C 228 9.56 15.63 -15.15
C GLU C 228 10.62 15.38 -14.07
N LEU C 229 10.22 15.43 -12.80
CA LEU C 229 11.14 15.20 -11.70
C LEU C 229 11.67 13.76 -11.74
N ILE C 230 10.84 12.82 -12.18
CA ILE C 230 11.30 11.45 -12.27
C ILE C 230 12.40 11.39 -13.33
N HIS C 231 12.19 12.09 -14.45
CA HIS C 231 13.21 12.14 -15.50
C HIS C 231 14.45 12.79 -14.91
N ALA C 232 14.28 13.92 -14.25
CA ALA C 232 15.42 14.60 -13.65
C ALA C 232 16.20 13.67 -12.73
N GLY C 233 15.45 12.81 -12.02
CA GLY C 233 16.06 11.87 -11.09
C GLY C 233 16.93 10.85 -11.80
N HIS C 234 16.45 10.36 -12.94
CA HIS C 234 17.18 9.40 -13.74
C HIS C 234 18.47 10.01 -14.27
N ARG C 235 18.37 11.27 -14.68
CA ARG C 235 19.50 12.00 -15.24
C ARG C 235 20.54 12.45 -14.23
N LEU C 236 20.10 12.79 -13.02
CA LEU C 236 21.00 13.22 -11.97
C LEU C 236 21.83 12.05 -11.46
N TYR C 237 21.31 10.84 -11.63
CA TYR C 237 22.02 9.63 -11.23
C TYR C 237 22.65 8.95 -12.43
N GLY C 238 22.63 9.66 -13.56
CA GLY C 238 23.22 9.15 -14.79
C GLY C 238 22.74 7.79 -15.23
N ILE C 239 21.45 7.48 -15.03
CA ILE C 239 20.90 6.20 -15.45
C ILE C 239 19.74 6.33 -16.42
N ALA C 240 19.68 7.45 -17.14
CA ALA C 240 18.62 7.66 -18.13
C ALA C 240 18.85 6.76 -19.34
N ILE C 241 17.78 6.23 -19.91
CA ILE C 241 17.94 5.39 -21.08
C ILE C 241 18.17 6.27 -22.31
N ASN C 242 19.11 5.87 -23.15
CA ASN C 242 19.50 6.56 -24.37
C ASN C 242 18.29 6.93 -25.25
N PRO C 243 18.12 8.23 -25.56
CA PRO C 243 17.02 8.72 -26.39
C PRO C 243 16.88 7.93 -27.70
N ASN C 244 17.99 7.42 -28.20
CA ASN C 244 17.99 6.65 -29.44
C ASN C 244 17.28 5.32 -29.21
N ARG C 245 17.00 5.00 -27.96
CA ARG C 245 16.32 3.75 -27.64
C ARG C 245 14.81 4.05 -27.68
N VAL C 246 14.18 3.70 -28.79
CA VAL C 246 12.77 3.99 -29.01
C VAL C 246 11.90 2.79 -29.36
N PHE C 247 10.62 2.88 -29.03
CA PHE C 247 9.66 1.82 -29.31
C PHE C 247 9.05 2.05 -30.69
N LYS C 248 9.71 1.52 -31.73
CA LYS C 248 9.27 1.67 -33.12
C LYS C 248 7.92 1.04 -33.44
N VAL C 249 7.12 1.77 -34.22
CA VAL C 249 5.80 1.29 -34.59
C VAL C 249 5.67 1.04 -36.09
N ASN C 250 4.82 0.09 -36.48
CA ASN C 250 4.58 -0.16 -37.88
C ASN C 250 3.68 0.99 -38.33
N THR C 251 3.86 1.48 -39.55
CA THR C 251 3.03 2.60 -39.99
C THR C 251 2.53 2.54 -41.44
N ASN C 252 2.59 1.35 -42.03
CA ASN C 252 2.14 1.19 -43.41
C ASN C 252 0.64 0.93 -43.54
N ALA C 253 0.05 0.23 -42.58
CA ALA C 253 -1.37 -0.08 -42.62
C ALA C 253 -2.23 1.18 -42.47
N TYR C 254 -3.50 1.08 -42.87
CA TYR C 254 -4.42 2.22 -42.80
C TYR C 254 -4.86 2.52 -41.37
N TYR C 255 -4.91 1.48 -40.54
CA TYR C 255 -5.33 1.64 -39.16
C TYR C 255 -4.19 2.04 -38.24
N GLU C 256 -2.96 2.02 -38.76
CA GLU C 256 -1.80 2.35 -37.97
C GLU C 256 -1.51 3.83 -37.96
N MET C 257 -0.88 4.27 -36.87
CA MET C 257 -0.50 5.67 -36.75
C MET C 257 0.48 5.87 -37.90
N SER C 258 0.73 7.12 -38.26
CA SER C 258 1.67 7.41 -39.34
C SER C 258 3.05 7.52 -38.71
N GLY C 259 3.08 8.06 -37.50
CA GLY C 259 4.35 8.21 -36.81
C GLY C 259 4.16 8.30 -35.32
N LEU C 260 5.15 7.84 -34.57
CA LEU C 260 5.11 7.86 -33.11
C LEU C 260 6.51 7.67 -32.55
N GLU C 261 7.02 8.68 -31.84
CA GLU C 261 8.34 8.58 -31.26
C GLU C 261 8.34 8.47 -29.73
N VAL C 262 8.09 7.27 -29.20
CA VAL C 262 8.07 7.08 -27.76
C VAL C 262 9.31 6.34 -27.26
N SER C 263 10.14 7.06 -26.51
CA SER C 263 11.38 6.52 -25.97
C SER C 263 11.19 5.48 -24.86
N PHE C 264 12.19 4.63 -24.67
CA PHE C 264 12.12 3.61 -23.63
C PHE C 264 12.09 4.33 -22.28
N GLU C 265 12.92 5.37 -22.18
CA GLU C 265 13.03 6.19 -20.99
C GLU C 265 11.64 6.66 -20.60
N GLU C 266 10.82 6.91 -21.61
CA GLU C 266 9.46 7.38 -21.42
C GLU C 266 8.56 6.30 -20.83
N LEU C 267 8.67 5.08 -21.35
CA LEU C 267 7.87 3.98 -20.84
C LEU C 267 8.24 3.69 -19.40
N ARG C 268 9.54 3.64 -19.12
CA ARG C 268 10.03 3.38 -17.76
C ARG C 268 9.48 4.43 -16.79
N THR C 269 9.59 5.70 -17.18
CA THR C 269 9.12 6.80 -16.35
C THR C 269 7.62 6.80 -16.05
N PHE C 270 6.81 6.34 -17.00
CA PHE C 270 5.38 6.30 -16.76
C PHE C 270 5.02 5.19 -15.78
N GLY C 271 5.60 4.01 -15.98
CA GLY C 271 5.32 2.89 -15.10
C GLY C 271 4.12 2.08 -15.55
N GLY C 272 3.27 1.69 -14.60
CA GLY C 272 2.09 0.91 -14.93
C GLY C 272 2.46 -0.27 -15.80
N HIS C 273 1.64 -0.61 -16.78
CA HIS C 273 1.96 -1.73 -17.66
C HIS C 273 2.78 -1.28 -18.88
N ASP C 274 2.95 0.04 -19.04
CA ASP C 274 3.73 0.59 -20.14
C ASP C 274 5.17 0.13 -20.01
N ALA C 275 5.71 0.20 -18.79
CA ALA C 275 7.08 -0.18 -18.53
C ALA C 275 7.32 -1.66 -18.86
N LYS C 276 6.25 -2.45 -18.88
CA LYS C 276 6.38 -3.87 -19.19
C LYS C 276 6.41 -4.21 -20.68
N PHE C 277 6.42 -3.18 -21.53
CA PHE C 277 6.50 -3.39 -22.96
C PHE C 277 7.94 -3.77 -23.30
N ILE C 278 8.85 -3.38 -22.42
CA ILE C 278 10.28 -3.67 -22.56
C ILE C 278 10.54 -5.06 -22.00
N ASP C 279 11.07 -5.97 -22.81
CA ASP C 279 11.34 -7.34 -22.37
C ASP C 279 12.49 -7.43 -21.35
N SER C 280 12.64 -8.59 -20.73
CA SER C 280 13.68 -8.81 -19.72
C SER C 280 15.10 -8.68 -20.30
N LEU C 281 15.31 -9.17 -21.50
CA LEU C 281 16.61 -9.09 -22.13
C LEU C 281 17.13 -7.66 -22.02
N GLN C 282 16.33 -6.72 -22.50
CA GLN C 282 16.74 -5.32 -22.48
C GLN C 282 16.73 -4.70 -21.09
N GLU C 283 15.87 -5.19 -20.22
CA GLU C 283 15.79 -4.69 -18.86
C GLU C 283 17.07 -5.03 -18.09
N ASN C 284 17.51 -6.29 -18.20
CA ASN C 284 18.74 -6.71 -17.52
C ASN C 284 19.95 -6.08 -18.22
N GLU C 285 19.82 -5.84 -19.51
CA GLU C 285 20.87 -5.19 -20.28
C GLU C 285 21.19 -3.87 -19.57
N PHE C 286 20.19 -2.99 -19.51
CA PHE C 286 20.35 -1.68 -18.89
C PHE C 286 20.85 -1.72 -17.44
N ARG C 287 20.21 -2.53 -16.60
CA ARG C 287 20.57 -2.63 -15.19
C ARG C 287 22.06 -3.01 -15.06
N LEU C 288 22.44 -4.07 -15.76
CA LEU C 288 23.81 -4.54 -15.76
C LEU C 288 24.75 -3.44 -16.21
N TYR C 289 24.34 -2.69 -17.22
CA TYR C 289 25.14 -1.60 -17.74
C TYR C 289 25.37 -0.49 -16.70
N TYR C 290 24.30 -0.05 -16.06
CA TYR C 290 24.42 1.02 -15.06
C TYR C 290 25.12 0.53 -13.81
N TYR C 291 24.99 -0.75 -13.52
CA TYR C 291 25.66 -1.35 -12.38
C TYR C 291 27.18 -1.16 -12.61
N ASN C 292 27.62 -1.46 -13.83
CA ASN C 292 29.02 -1.31 -14.17
C ASN C 292 29.43 0.16 -14.15
N LYS C 293 28.50 1.06 -14.44
CA LYS C 293 28.83 2.47 -14.40
C LYS C 293 29.04 2.89 -12.94
N PHE C 294 28.24 2.33 -12.04
CA PHE C 294 28.37 2.64 -10.62
C PHE C 294 29.70 2.09 -10.11
N LYS C 295 30.08 0.93 -10.61
CA LYS C 295 31.34 0.34 -10.21
C LYS C 295 32.49 1.24 -10.66
N ASP C 296 32.43 1.73 -11.90
CA ASP C 296 33.51 2.60 -12.35
C ASP C 296 33.61 3.87 -11.49
N ILE C 297 32.47 4.40 -11.04
CA ILE C 297 32.53 5.59 -10.19
C ILE C 297 33.20 5.21 -8.88
N ALA C 298 32.89 4.02 -8.38
CA ALA C 298 33.48 3.55 -7.13
C ALA C 298 35.02 3.45 -7.25
N SER C 299 35.49 2.98 -8.41
CA SER C 299 36.91 2.85 -8.66
C SER C 299 37.58 4.21 -8.64
N THR C 300 36.98 5.16 -9.36
CA THR C 300 37.50 6.50 -9.42
C THR C 300 37.67 7.05 -8.01
N LEU C 301 36.66 6.87 -7.19
CA LEU C 301 36.74 7.38 -5.83
C LEU C 301 37.88 6.69 -5.10
N ASN C 302 37.93 5.37 -5.16
CA ASN C 302 38.99 4.63 -4.50
C ASN C 302 40.37 5.17 -4.91
N LYS C 303 40.58 5.39 -6.20
CA LYS C 303 41.84 5.89 -6.72
C LYS C 303 42.04 7.41 -6.61
N ALA C 304 41.01 8.14 -6.20
CA ALA C 304 41.14 9.59 -6.08
C ALA C 304 42.23 9.95 -5.06
N LYS C 305 43.13 10.85 -5.46
CA LYS C 305 44.23 11.25 -4.58
C LYS C 305 44.24 12.74 -4.28
N SER C 306 43.55 13.51 -5.12
CA SER C 306 43.51 14.95 -4.91
C SER C 306 42.17 15.54 -5.34
N ILE C 307 41.81 16.66 -4.72
CA ILE C 307 40.58 17.36 -5.04
C ILE C 307 40.98 18.77 -5.45
N VAL C 308 40.19 19.38 -6.33
CA VAL C 308 40.52 20.69 -6.83
C VAL C 308 39.34 21.65 -6.84
N GLY C 309 39.63 22.95 -6.67
CA GLY C 309 38.61 23.97 -6.71
C GLY C 309 37.73 24.18 -5.50
N THR C 310 38.23 23.83 -4.32
CA THR C 310 37.47 24.01 -3.09
C THR C 310 38.34 23.80 -1.86
N THR C 311 37.86 24.29 -0.73
CA THR C 311 38.57 24.13 0.53
C THR C 311 38.15 22.79 1.16
N ALA C 312 37.01 22.27 0.70
CA ALA C 312 36.51 20.98 1.19
C ALA C 312 37.61 19.94 1.01
N SER C 313 37.59 18.91 1.85
CA SER C 313 38.61 17.87 1.79
C SER C 313 38.21 16.79 0.81
N LEU C 314 39.19 15.98 0.41
CA LEU C 314 38.97 14.89 -0.51
C LEU C 314 38.04 13.87 0.12
N GLN C 315 38.15 13.71 1.44
CA GLN C 315 37.31 12.74 2.13
C GLN C 315 35.87 13.23 2.27
N TYR C 316 35.68 14.54 2.30
CA TYR C 316 34.34 15.09 2.41
C TYR C 316 33.58 14.78 1.12
N MET C 317 34.18 15.14 -0.01
CA MET C 317 33.55 14.90 -1.31
C MET C 317 33.36 13.41 -1.54
N LYS C 318 34.40 12.65 -1.22
CA LYS C 318 34.34 11.20 -1.36
C LYS C 318 33.11 10.66 -0.67
N ASN C 319 32.85 11.18 0.52
CA ASN C 319 31.72 10.72 1.31
C ASN C 319 30.38 11.17 0.74
N VAL C 320 30.37 12.35 0.14
CA VAL C 320 29.16 12.87 -0.48
C VAL C 320 28.65 11.88 -1.53
N PHE C 321 29.55 11.40 -2.38
CA PHE C 321 29.14 10.46 -3.42
C PHE C 321 28.91 9.05 -2.90
N LYS C 322 29.53 8.72 -1.76
CA LYS C 322 29.33 7.41 -1.18
C LYS C 322 27.85 7.34 -0.79
N GLU C 323 27.34 8.42 -0.21
CA GLU C 323 25.95 8.45 0.19
C GLU C 323 25.03 8.55 -1.01
N LYS C 324 25.48 9.28 -2.03
CA LYS C 324 24.67 9.43 -3.22
C LYS C 324 24.42 8.09 -3.90
N TYR C 325 25.47 7.29 -4.04
CA TYR C 325 25.33 6.01 -4.74
C TYR C 325 25.13 4.80 -3.86
N LEU C 326 24.95 5.01 -2.55
CA LEU C 326 24.75 3.91 -1.60
C LEU C 326 25.87 2.88 -1.71
N LEU C 327 27.09 3.39 -1.75
CA LEU C 327 28.26 2.55 -1.85
C LEU C 327 28.63 2.01 -0.48
N SER C 328 29.23 0.82 -0.46
CA SER C 328 29.67 0.22 0.79
C SER C 328 31.14 0.58 1.04
N GLU C 329 31.44 0.94 2.28
CA GLU C 329 32.80 1.30 2.67
C GLU C 329 33.33 0.26 3.65
N ASP C 330 34.44 -0.39 3.32
CA ASP C 330 34.95 -1.39 4.24
C ASP C 330 35.82 -0.83 5.36
N THR C 331 36.31 -1.72 6.21
CA THR C 331 37.15 -1.36 7.35
C THR C 331 38.40 -0.56 7.00
N SER C 332 38.84 -0.63 5.76
CA SER C 332 40.04 0.10 5.35
C SER C 332 39.70 1.36 4.56
N GLY C 333 38.41 1.66 4.41
CA GLY C 333 38.00 2.86 3.70
C GLY C 333 37.74 2.72 2.21
N LYS C 334 37.87 1.50 1.69
CA LYS C 334 37.65 1.27 0.26
C LYS C 334 36.15 1.11 -0.08
N PHE C 335 35.70 1.81 -1.12
CA PHE C 335 34.31 1.73 -1.55
C PHE C 335 34.04 0.60 -2.54
N SER C 336 32.84 0.05 -2.49
CA SER C 336 32.46 -1.00 -3.42
C SER C 336 30.95 -0.90 -3.65
N VAL C 337 30.48 -1.54 -4.72
CA VAL C 337 29.06 -1.54 -5.04
C VAL C 337 28.45 -2.88 -4.64
N ASP C 338 27.58 -2.84 -3.65
CA ASP C 338 26.89 -4.03 -3.19
C ASP C 338 25.74 -4.29 -4.18
N LYS C 339 25.69 -5.50 -4.73
CA LYS C 339 24.64 -5.86 -5.69
C LYS C 339 23.22 -5.66 -5.18
N LEU C 340 22.95 -6.09 -3.96
CA LEU C 340 21.60 -5.94 -3.43
C LEU C 340 21.29 -4.46 -3.19
N LYS C 341 22.25 -3.72 -2.66
CA LYS C 341 22.11 -2.30 -2.40
C LYS C 341 21.78 -1.54 -3.68
N PHE C 342 22.56 -1.83 -4.73
CA PHE C 342 22.39 -1.19 -6.01
C PHE C 342 21.04 -1.57 -6.61
N ASP C 343 20.70 -2.84 -6.53
CA ASP C 343 19.43 -3.29 -7.08
C ASP C 343 18.26 -2.53 -6.46
N LYS C 344 18.35 -2.29 -5.16
CA LYS C 344 17.29 -1.57 -4.45
C LYS C 344 17.22 -0.14 -4.90
N LEU C 345 18.38 0.50 -5.00
CA LEU C 345 18.47 1.90 -5.41
C LEU C 345 17.98 2.08 -6.84
N TYR C 346 18.35 1.15 -7.72
CA TYR C 346 17.97 1.18 -9.12
C TYR C 346 16.46 0.96 -9.26
N LYS C 347 15.94 0.02 -8.47
CA LYS C 347 14.52 -0.29 -8.54
C LYS C 347 13.71 0.90 -8.02
N MET C 348 14.22 1.57 -6.99
CA MET C 348 13.49 2.70 -6.45
C MET C 348 13.44 3.84 -7.46
N LEU C 349 14.57 4.12 -8.11
CA LEU C 349 14.62 5.21 -9.08
C LEU C 349 13.89 4.95 -10.41
N THR C 350 13.71 3.67 -10.78
CA THR C 350 13.05 3.36 -12.04
C THR C 350 11.69 2.69 -11.95
N GLU C 351 11.40 2.04 -10.83
CA GLU C 351 10.13 1.34 -10.67
C GLU C 351 9.24 1.85 -9.55
N ILE C 352 9.82 2.51 -8.57
CA ILE C 352 9.02 3.04 -7.47
C ILE C 352 8.63 4.46 -7.85
N TYR C 353 9.61 5.26 -8.26
CA TYR C 353 9.32 6.62 -8.67
C TYR C 353 8.79 6.56 -10.10
N THR C 354 7.48 6.45 -10.26
CA THR C 354 6.88 6.43 -11.59
C THR C 354 5.64 7.32 -11.55
N GLU C 355 5.16 7.70 -12.73
CA GLU C 355 3.98 8.54 -12.81
C GLU C 355 2.77 7.79 -12.28
N ASP C 356 2.65 6.52 -12.65
CA ASP C 356 1.51 5.74 -12.21
C ASP C 356 1.46 5.66 -10.70
N ASN C 357 2.61 5.49 -10.05
CA ASN C 357 2.62 5.40 -8.61
C ASN C 357 2.21 6.72 -7.98
N PHE C 358 2.69 7.83 -8.53
CA PHE C 358 2.31 9.13 -7.99
C PHE C 358 0.78 9.31 -8.04
N VAL C 359 0.18 8.87 -9.15
CA VAL C 359 -1.26 8.94 -9.35
C VAL C 359 -1.96 8.19 -8.21
N LYS C 360 -1.36 7.10 -7.75
CA LYS C 360 -1.94 6.34 -6.65
C LYS C 360 -1.92 7.17 -5.39
N PHE C 361 -0.81 7.88 -5.16
CA PHE C 361 -0.67 8.71 -3.97
C PHE C 361 -1.48 10.00 -4.03
N PHE C 362 -1.76 10.49 -5.24
CA PHE C 362 -2.52 11.72 -5.34
C PHE C 362 -4.03 11.48 -5.33
N LYS C 363 -4.44 10.26 -5.67
CA LYS C 363 -5.86 9.92 -5.72
C LYS C 363 -6.57 10.77 -6.78
N VAL C 364 -5.85 11.19 -7.83
CA VAL C 364 -6.46 11.98 -8.88
C VAL C 364 -6.72 11.10 -10.10
N LEU C 365 -7.50 11.63 -11.04
CA LEU C 365 -7.78 10.90 -12.27
C LEU C 365 -6.64 11.26 -13.22
N ASN C 366 -6.08 10.25 -13.88
CA ASN C 366 -4.95 10.45 -14.78
C ASN C 366 -4.99 9.42 -15.91
N ARG C 367 -4.25 9.67 -16.98
CA ARG C 367 -4.17 8.72 -18.09
C ARG C 367 -3.60 7.44 -17.50
N LYS C 368 -4.12 6.28 -17.92
CA LYS C 368 -3.63 5.01 -17.42
C LYS C 368 -2.46 4.49 -18.25
N THR C 369 -2.15 5.19 -19.33
CA THR C 369 -1.06 4.79 -20.22
C THR C 369 -0.54 6.04 -20.93
N TYR C 370 0.71 5.97 -21.38
CA TYR C 370 1.33 7.08 -22.10
C TYR C 370 0.68 7.27 -23.46
N LEU C 371 0.11 6.17 -23.98
CA LEU C 371 -0.52 6.21 -25.29
C LEU C 371 -1.83 7.00 -25.29
N ASN C 372 -2.45 7.16 -24.12
CA ASN C 372 -3.68 7.92 -24.02
C ASN C 372 -3.28 9.38 -24.28
N PHE C 373 -3.37 9.79 -25.54
CA PHE C 373 -2.97 11.14 -25.96
C PHE C 373 -3.83 12.32 -25.52
N ASP C 374 -3.17 13.40 -25.12
CA ASP C 374 -3.86 14.62 -24.70
C ASP C 374 -4.65 15.15 -25.89
N LYS C 375 -5.93 15.47 -25.65
CA LYS C 375 -6.77 15.96 -26.74
C LYS C 375 -7.01 17.46 -26.73
N ALA C 376 -6.77 18.14 -25.61
CA ALA C 376 -7.00 19.59 -25.56
C ALA C 376 -6.10 20.34 -24.59
N VAL C 377 -6.15 21.67 -24.66
CA VAL C 377 -5.36 22.55 -23.81
C VAL C 377 -6.26 23.50 -23.03
N PHE C 378 -5.96 23.70 -21.75
CA PHE C 378 -6.76 24.58 -20.91
C PHE C 378 -5.91 25.55 -20.14
N LYS C 379 -6.46 26.73 -19.87
CA LYS C 379 -5.75 27.72 -19.08
C LYS C 379 -6.27 27.45 -17.67
N ILE C 380 -5.38 27.53 -16.67
CA ILE C 380 -5.75 27.27 -15.29
C ILE C 380 -5.02 28.21 -14.37
N ASN C 381 -5.35 28.14 -13.08
CA ASN C 381 -4.72 28.94 -12.07
C ASN C 381 -4.88 28.19 -10.75
N ILE C 382 -3.82 27.51 -10.33
CA ILE C 382 -3.87 26.71 -9.12
C ILE C 382 -3.41 27.41 -7.87
N VAL C 383 -3.08 28.69 -7.96
CA VAL C 383 -2.62 29.41 -6.78
C VAL C 383 -3.73 29.71 -5.77
N PRO C 384 -4.89 30.17 -6.23
CA PRO C 384 -5.96 30.46 -5.26
C PRO C 384 -6.42 29.17 -4.58
N LYS C 385 -6.53 29.20 -3.25
CA LYS C 385 -6.95 28.02 -2.51
C LYS C 385 -8.37 27.62 -2.87
N VAL C 386 -9.14 28.57 -3.40
CA VAL C 386 -10.52 28.27 -3.78
C VAL C 386 -10.53 27.40 -5.03
N ASN C 387 -9.45 27.49 -5.81
CA ASN C 387 -9.35 26.73 -7.05
C ASN C 387 -8.65 25.39 -6.91
N TYR C 388 -7.59 25.36 -6.10
CA TYR C 388 -6.76 24.16 -5.97
C TYR C 388 -6.06 24.14 -4.62
N THR C 389 -5.96 22.97 -4.00
CA THR C 389 -5.27 22.87 -2.72
C THR C 389 -4.17 21.82 -2.78
N ILE C 390 -3.24 21.93 -1.84
CA ILE C 390 -2.12 21.01 -1.73
C ILE C 390 -2.57 19.59 -1.40
N TYR C 391 -3.70 19.46 -0.71
CA TYR C 391 -4.17 18.14 -0.35
C TYR C 391 -5.15 17.49 -1.32
N ASP C 392 -6.04 18.27 -1.91
CA ASP C 392 -7.02 17.69 -2.82
C ASP C 392 -6.83 18.03 -4.30
N GLY C 393 -5.95 18.98 -4.61
CA GLY C 393 -5.78 19.35 -5.99
C GLY C 393 -7.02 20.10 -6.44
N PHE C 394 -7.63 19.67 -7.54
CA PHE C 394 -8.83 20.32 -8.06
C PHE C 394 -10.10 19.74 -7.41
N ASN C 395 -10.01 18.52 -6.89
CA ASN C 395 -11.16 17.85 -6.27
C ASN C 395 -11.33 18.26 -4.80
N LEU C 396 -11.68 19.52 -4.56
CA LEU C 396 -11.84 20.03 -3.21
C LEU C 396 -12.87 19.30 -2.35
N ARG C 397 -12.41 18.76 -1.22
CA ARG C 397 -13.27 18.05 -0.29
C ARG C 397 -14.34 18.99 0.28
N ASN C 398 -15.51 18.43 0.62
CA ASN C 398 -16.61 19.22 1.16
C ASN C 398 -16.96 20.29 0.14
N THR C 399 -17.30 19.80 -1.04
CA THR C 399 -17.64 20.59 -2.20
C THR C 399 -18.19 19.55 -3.16
N ASN C 400 -18.87 19.98 -4.19
CA ASN C 400 -19.39 19.03 -5.16
C ASN C 400 -18.23 18.51 -6.01
N LEU C 401 -17.14 19.27 -6.04
CA LEU C 401 -15.96 18.89 -6.81
C LEU C 401 -15.16 17.77 -6.14
N ALA C 402 -15.53 17.41 -4.93
CA ALA C 402 -14.82 16.37 -4.19
C ALA C 402 -15.08 14.96 -4.68
N ALA C 403 -16.28 14.68 -5.18
CA ALA C 403 -16.62 13.35 -5.63
C ALA C 403 -16.44 13.10 -7.13
N ASN C 404 -16.15 11.85 -7.46
CA ASN C 404 -15.93 11.40 -8.83
C ASN C 404 -15.01 12.29 -9.67
N PHE C 405 -14.03 12.91 -9.02
CA PHE C 405 -13.07 13.77 -9.73
C PHE C 405 -13.76 14.91 -10.46
N ASN C 406 -14.94 15.29 -9.99
CA ASN C 406 -15.67 16.39 -10.65
C ASN C 406 -14.82 17.65 -10.74
N GLY C 407 -13.85 17.78 -9.85
CA GLY C 407 -13.00 18.95 -9.90
C GLY C 407 -12.09 18.91 -11.11
N GLN C 408 -11.89 17.72 -11.66
CA GLN C 408 -11.03 17.58 -12.83
C GLN C 408 -11.83 17.55 -14.13
N ASN C 409 -13.15 17.44 -14.00
CA ASN C 409 -14.02 17.40 -15.18
C ASN C 409 -14.14 18.83 -15.70
N THR C 410 -13.57 19.08 -16.88
CA THR C 410 -13.59 20.41 -17.44
C THR C 410 -14.97 21.00 -17.65
N GLU C 411 -15.99 20.15 -17.70
CA GLU C 411 -17.34 20.63 -17.88
C GLU C 411 -17.99 21.05 -16.56
N ILE C 412 -17.92 20.19 -15.56
CA ILE C 412 -18.50 20.49 -14.26
C ILE C 412 -17.78 21.65 -13.57
N ASN C 413 -16.46 21.62 -13.55
CA ASN C 413 -15.68 22.68 -12.92
C ASN C 413 -15.09 23.59 -13.99
N ASN C 414 -15.92 23.94 -14.97
CA ASN C 414 -15.51 24.80 -16.08
C ASN C 414 -15.08 26.18 -15.64
N MET C 415 -15.43 26.55 -14.42
CA MET C 415 -15.03 27.85 -13.92
C MET C 415 -13.51 27.86 -13.70
N ASN C 416 -12.91 26.67 -13.71
CA ASN C 416 -11.47 26.54 -13.50
C ASN C 416 -10.68 26.16 -14.75
N PHE C 417 -11.37 25.86 -15.83
CA PHE C 417 -10.69 25.49 -17.06
C PHE C 417 -11.17 26.23 -18.30
N THR C 418 -10.30 27.08 -18.84
CA THR C 418 -10.61 27.84 -20.04
C THR C 418 -9.99 27.12 -21.23
N LYS C 419 -10.83 26.51 -22.07
CA LYS C 419 -10.31 25.79 -23.23
C LYS C 419 -9.56 26.73 -24.16
N LEU C 420 -8.39 26.31 -24.60
CA LEU C 420 -7.59 27.13 -25.49
C LEU C 420 -7.50 26.53 -26.89
N LYS C 421 -6.95 27.30 -27.81
CA LYS C 421 -6.79 26.87 -29.18
C LYS C 421 -5.60 25.93 -29.32
N ASN C 422 -5.84 24.73 -29.84
CA ASN C 422 -4.75 23.79 -30.05
C ASN C 422 -4.08 24.24 -31.34
N PHE C 423 -2.83 24.70 -31.27
CA PHE C 423 -2.14 25.15 -32.47
C PHE C 423 -1.75 24.03 -33.43
N THR C 424 -2.18 22.81 -33.14
CA THR C 424 -1.91 21.70 -34.04
C THR C 424 -3.27 21.26 -34.54
N GLY C 425 -3.52 21.51 -35.83
CA GLY C 425 -4.78 21.16 -36.45
C GLY C 425 -5.38 19.83 -36.06
N LEU C 426 -6.71 19.76 -36.14
CA LEU C 426 -7.44 18.53 -35.82
C LEU C 426 -6.95 17.50 -36.81
N PHE C 427 -6.42 17.99 -37.93
CA PHE C 427 -5.88 17.14 -38.98
C PHE C 427 -4.64 17.81 -39.55
N GLU C 428 -3.65 17.98 -38.69
CA GLU C 428 -2.38 18.57 -39.08
C GLU C 428 -1.52 17.36 -39.44
N PHE C 429 -2.01 16.19 -39.03
CA PHE C 429 -1.36 14.91 -39.26
C PHE C 429 -2.48 13.87 -39.27
N TYR C 430 -2.74 13.32 -40.44
CA TYR C 430 -3.81 12.36 -40.60
C TYR C 430 -3.59 11.43 -41.77
N LYS C 431 -4.56 10.55 -41.98
CA LYS C 431 -4.54 9.59 -43.07
C LYS C 431 -5.89 9.70 -43.75
N LEU C 432 -5.87 9.85 -45.07
CA LEU C 432 -7.11 9.95 -45.82
C LEU C 432 -7.64 8.54 -46.07
N LEU C 433 -8.69 8.17 -45.35
CA LEU C 433 -9.28 6.84 -45.51
C LEU C 433 -10.50 6.93 -46.40
N CYS C 434 -10.31 6.54 -47.66
CA CYS C 434 -11.37 6.59 -48.66
C CYS C 434 -12.01 5.26 -48.90
N VAL C 435 -13.29 5.29 -49.27
CA VAL C 435 -14.03 4.08 -49.56
C VAL C 435 -14.62 4.17 -50.98
N ASP C 436 -14.70 3.01 -51.63
CA ASP C 436 -15.22 2.91 -52.99
C ASP C 436 -16.63 3.45 -53.14
N GLY C 437 -17.06 3.63 -54.39
CA GLY C 437 -18.39 4.15 -54.68
C GLY C 437 -19.53 3.49 -53.92
N ILE C 438 -19.27 2.35 -53.29
CA ILE C 438 -20.28 1.61 -52.52
C ILE C 438 -20.98 2.50 -51.49
N ILE C 439 -20.27 3.15 -50.70
N ALA D 3 -10.60 1.73 -59.22
CA ALA D 3 -11.98 2.27 -59.24
C ALA D 3 -12.00 3.72 -58.79
N LEU D 4 -12.96 4.50 -59.29
CA LEU D 4 -13.06 5.90 -58.90
C LEU D 4 -14.40 6.27 -58.25
N ASN D 5 -14.37 7.36 -57.50
CA ASN D 5 -15.50 7.92 -56.76
C ASN D 5 -15.31 7.41 -55.36
N LEU D 6 -14.73 8.27 -54.53
CA LEU D 6 -14.42 7.90 -53.16
C LEU D 6 -14.98 8.88 -52.12
N GLN D 7 -15.39 8.34 -51.01
CA GLN D 7 -15.84 9.09 -49.84
C GLN D 7 -14.62 9.02 -48.94
N CYS D 8 -13.95 10.15 -48.76
CA CYS D 8 -12.75 10.17 -47.92
C CYS D 8 -12.93 10.98 -46.64
N ILE D 9 -12.49 10.44 -45.51
CA ILE D 9 -12.57 11.15 -44.24
C ILE D 9 -11.14 11.33 -43.73
N LYS D 10 -10.89 12.40 -43.02
CA LYS D 10 -9.56 12.63 -42.49
C LYS D 10 -9.51 12.11 -41.05
N VAL D 11 -8.60 11.16 -40.80
CA VAL D 11 -8.44 10.57 -39.47
C VAL D 11 -7.13 11.02 -38.85
N ASN D 12 -7.23 11.82 -37.80
CA ASN D 12 -6.05 12.33 -37.10
C ASN D 12 -5.13 11.16 -36.73
N ASN D 13 -3.83 11.41 -36.84
CA ASN D 13 -2.80 10.42 -36.54
C ASN D 13 -2.97 9.81 -35.15
N TRP D 14 -3.26 10.67 -34.18
CA TRP D 14 -3.41 10.28 -32.78
C TRP D 14 -4.69 9.52 -32.44
N ASP D 15 -5.45 9.14 -33.46
CA ASP D 15 -6.67 8.38 -33.25
C ASP D 15 -6.50 7.00 -33.85
N LEU D 16 -5.30 6.74 -34.37
CA LEU D 16 -5.00 5.45 -34.98
C LEU D 16 -4.34 4.47 -33.99
N PHE D 17 -4.23 3.21 -34.41
CA PHE D 17 -3.64 2.17 -33.56
C PHE D 17 -2.12 2.17 -33.44
N PHE D 18 -1.64 1.70 -32.29
CA PHE D 18 -0.22 1.60 -31.95
C PHE D 18 0.52 0.63 -32.88
N SER D 19 0.37 -0.68 -32.64
CA SER D 19 1.04 -1.69 -33.48
C SER D 19 2.58 -1.56 -33.44
N PRO D 20 3.20 -2.10 -32.38
CA PRO D 20 4.65 -2.06 -32.17
C PRO D 20 5.49 -2.95 -33.10
N SER D 21 6.55 -2.37 -33.62
CA SER D 21 7.47 -3.07 -34.50
C SER D 21 8.04 -4.29 -33.78
N GLU D 22 8.08 -5.42 -34.49
CA GLU D 22 8.59 -6.66 -33.92
C GLU D 22 10.02 -6.55 -33.44
N ASP D 23 10.70 -5.50 -33.88
CA ASP D 23 12.09 -5.25 -33.53
C ASP D 23 12.33 -4.86 -32.08
N ASN D 24 11.27 -4.52 -31.35
CA ASN D 24 11.39 -4.12 -29.94
C ASN D 24 11.44 -5.33 -29.01
N PHE D 25 11.00 -6.47 -29.49
CA PHE D 25 10.92 -7.69 -28.67
C PHE D 25 12.06 -8.67 -28.86
N THR D 26 13.25 -8.30 -28.36
CA THR D 26 14.42 -9.16 -28.47
C THR D 26 14.47 -10.19 -27.34
N ASN D 27 15.24 -11.26 -27.52
CA ASN D 27 15.35 -12.30 -26.50
C ASN D 27 16.43 -13.32 -26.80
N ASP D 28 16.81 -14.08 -25.77
CA ASP D 28 17.84 -15.13 -25.90
C ASP D 28 17.25 -16.53 -25.66
N LEU D 29 15.94 -16.64 -25.80
CA LEU D 29 15.27 -17.91 -25.58
C LEU D 29 15.91 -19.06 -26.37
N ASN D 30 16.40 -18.75 -27.57
CA ASN D 30 17.02 -19.75 -28.44
C ASN D 30 18.42 -20.17 -27.98
N LYS D 31 19.08 -19.31 -27.21
CA LYS D 31 20.43 -19.58 -26.71
C LYS D 31 20.47 -20.73 -25.70
N GLY D 32 21.41 -21.64 -25.88
CA GLY D 32 21.55 -22.76 -24.98
C GLY D 32 22.40 -22.39 -23.76
N GLU D 33 22.40 -23.22 -22.73
CA GLU D 33 23.19 -22.91 -21.55
C GLU D 33 23.96 -24.11 -21.05
N GLU D 34 25.02 -23.81 -20.31
CA GLU D 34 25.84 -24.84 -19.71
C GLU D 34 25.57 -24.83 -18.21
N ILE D 35 25.21 -25.98 -17.67
CA ILE D 35 24.91 -26.11 -16.24
C ILE D 35 26.11 -26.71 -15.53
N THR D 36 26.54 -26.07 -14.45
CA THR D 36 27.68 -26.57 -13.68
C THR D 36 27.32 -26.68 -12.21
N SER D 37 28.28 -27.11 -11.41
CA SER D 37 28.07 -27.28 -9.97
C SER D 37 27.70 -26.00 -9.24
N ASP D 38 28.28 -24.89 -9.68
CA ASP D 38 28.01 -23.61 -9.03
C ASP D 38 27.16 -22.65 -9.86
N THR D 39 26.26 -23.18 -10.69
CA THR D 39 25.37 -22.32 -11.47
C THR D 39 24.48 -21.60 -10.44
N ASN D 40 24.22 -20.32 -10.67
CA ASN D 40 23.42 -19.52 -9.74
C ASN D 40 21.91 -19.62 -9.95
N ILE D 41 21.16 -19.56 -8.85
CA ILE D 41 19.70 -19.64 -8.88
C ILE D 41 19.01 -18.36 -9.34
N GLU D 42 19.14 -17.30 -8.54
CA GLU D 42 18.55 -16.00 -8.86
C GLU D 42 17.01 -16.04 -8.90
N ALA D 43 16.41 -15.07 -9.59
CA ALA D 43 14.95 -14.97 -9.73
C ALA D 43 14.25 -14.50 -8.44
N ALA D 44 12.91 -14.54 -8.46
CA ALA D 44 12.07 -14.13 -7.34
C ALA D 44 11.85 -12.62 -7.34
N GLU D 45 11.49 -12.08 -8.50
CA GLU D 45 11.25 -10.64 -8.69
C GLU D 45 10.12 -10.04 -7.84
N GLU D 46 10.49 -9.38 -6.74
CA GLU D 46 9.54 -8.72 -5.83
C GLU D 46 8.82 -7.59 -6.58
N ASN D 47 7.54 -7.77 -6.85
CA ASN D 47 6.78 -6.76 -7.58
C ASN D 47 6.46 -5.50 -6.78
N ILE D 48 6.40 -4.38 -7.48
CA ILE D 48 6.12 -3.09 -6.85
C ILE D 48 4.69 -3.03 -6.34
N SER D 49 4.53 -2.42 -5.17
CA SER D 49 3.24 -2.26 -4.52
C SER D 49 3.36 -1.19 -3.46
N LEU D 50 2.24 -0.72 -2.93
CA LEU D 50 2.26 0.31 -1.88
C LEU D 50 2.94 -0.23 -0.64
N ASP D 51 2.77 -1.53 -0.38
CA ASP D 51 3.39 -2.18 0.77
C ASP D 51 4.90 -2.13 0.63
N LEU D 52 5.39 -2.29 -0.60
CA LEU D 52 6.82 -2.25 -0.87
C LEU D 52 7.32 -0.82 -0.71
N ILE D 53 6.64 0.11 -1.36
CA ILE D 53 7.01 1.51 -1.31
C ILE D 53 7.08 1.98 0.13
N GLN D 54 6.10 1.54 0.92
CA GLN D 54 6.02 1.91 2.33
C GLN D 54 7.24 1.37 3.08
N GLN D 55 7.74 0.20 2.65
CA GLN D 55 8.93 -0.37 3.27
C GLN D 55 10.19 0.40 2.87
N TYR D 56 10.25 0.87 1.63
CA TYR D 56 11.42 1.65 1.23
C TYR D 56 11.44 2.94 2.04
N TYR D 57 10.26 3.53 2.20
CA TYR D 57 10.10 4.78 2.93
C TYR D 57 10.61 4.70 4.37
N LEU D 58 10.38 3.56 5.02
CA LEU D 58 10.82 3.36 6.40
C LEU D 58 12.34 3.29 6.53
N THR D 59 13.03 2.88 5.47
CA THR D 59 14.48 2.80 5.51
C THR D 59 15.06 4.11 5.04
N PHE D 60 14.20 5.02 4.62
CA PHE D 60 14.66 6.29 4.13
C PHE D 60 15.22 7.17 5.21
N ASN D 61 16.25 7.94 4.85
CA ASN D 61 16.89 8.88 5.75
C ASN D 61 16.58 10.27 5.19
N PHE D 62 15.63 10.97 5.82
CA PHE D 62 15.25 12.28 5.31
C PHE D 62 16.10 13.44 5.80
N ASP D 63 17.24 13.13 6.39
CA ASP D 63 18.11 14.19 6.88
C ASP D 63 19.53 14.06 6.35
N ASN D 64 20.36 15.03 6.71
CA ASN D 64 21.75 15.04 6.30
C ASN D 64 21.93 15.11 4.79
N GLU D 65 21.27 16.07 4.16
CA GLU D 65 21.44 16.22 2.72
C GLU D 65 22.76 16.96 2.54
N PRO D 66 23.45 16.74 1.42
CA PRO D 66 24.73 17.41 1.16
C PRO D 66 24.70 18.93 1.31
N GLU D 67 25.83 19.50 1.70
CA GLU D 67 25.96 20.94 1.90
C GLU D 67 26.31 21.75 0.65
N ASN D 68 26.37 23.07 0.83
CA ASN D 68 26.71 24.03 -0.23
C ASN D 68 28.19 24.35 0.04
N ILE D 69 29.06 23.33 -0.17
CA ILE D 69 30.51 23.36 0.11
C ILE D 69 31.33 24.63 -0.18
N SER D 70 30.97 25.45 -1.16
CA SER D 70 31.77 26.65 -1.46
C SER D 70 32.96 26.35 -2.36
N ILE D 71 32.76 26.55 -3.66
CA ILE D 71 33.74 26.29 -4.69
C ILE D 71 34.41 27.56 -5.21
N GLU D 72 35.56 27.42 -5.86
CA GLU D 72 36.26 28.59 -6.40
C GLU D 72 35.45 29.16 -7.55
N ASN D 73 35.37 30.48 -7.61
CA ASN D 73 34.63 31.16 -8.65
C ASN D 73 34.95 30.71 -10.07
N LEU D 74 33.90 30.56 -10.87
CA LEU D 74 34.04 30.14 -12.26
C LEU D 74 34.16 31.38 -13.14
N SER D 75 34.30 31.14 -14.43
CA SER D 75 34.42 32.23 -15.38
C SER D 75 33.09 32.99 -15.40
N SER D 76 33.16 34.32 -15.52
CA SER D 76 31.95 35.13 -15.54
C SER D 76 30.85 34.50 -16.40
N ASP D 77 31.23 33.99 -17.57
CA ASP D 77 30.26 33.33 -18.44
C ASP D 77 30.64 31.86 -18.53
N ILE D 78 29.69 31.00 -18.18
CA ILE D 78 29.90 29.57 -18.22
C ILE D 78 29.49 29.09 -19.58
N ILE D 79 30.45 28.50 -20.30
CA ILE D 79 30.18 27.99 -21.64
C ILE D 79 29.75 26.53 -21.58
N GLY D 80 28.62 26.23 -22.20
CA GLY D 80 28.13 24.86 -22.21
C GLY D 80 27.16 24.65 -23.35
N GLN D 81 27.08 23.42 -23.83
CA GLN D 81 26.19 23.10 -24.92
C GLN D 81 25.20 22.05 -24.41
N LEU D 82 23.93 22.22 -24.73
CA LEU D 82 22.92 21.26 -24.29
C LEU D 82 23.16 19.93 -24.93
N GLU D 83 22.89 18.85 -24.21
CA GLU D 83 23.08 17.53 -24.77
C GLU D 83 22.29 17.40 -26.05
N LEU D 84 22.97 17.01 -27.12
CA LEU D 84 22.36 16.84 -28.43
C LEU D 84 21.11 15.95 -28.35
N MET D 85 20.05 16.37 -29.02
CA MET D 85 18.81 15.59 -29.04
C MET D 85 18.62 14.99 -30.43
N PRO D 86 18.20 13.72 -30.49
CA PRO D 86 17.98 13.06 -31.79
C PRO D 86 17.06 13.86 -32.70
N ASN D 87 17.49 14.09 -33.94
CA ASN D 87 16.67 14.83 -34.90
C ASN D 87 15.55 13.94 -35.41
N ILE D 88 14.40 14.04 -34.76
CA ILE D 88 13.24 13.25 -35.12
C ILE D 88 12.85 13.50 -36.58
N GLU D 89 12.76 12.40 -37.33
CA GLU D 89 12.39 12.47 -38.75
C GLU D 89 10.88 12.68 -38.89
N ARG D 90 10.48 13.60 -39.75
CA ARG D 90 9.06 13.88 -39.95
C ARG D 90 8.39 12.71 -40.64
N PHE D 91 7.13 12.43 -40.29
CA PHE D 91 6.43 11.33 -40.92
C PHE D 91 5.49 11.85 -42.01
N PRO D 92 5.16 10.98 -42.98
CA PRO D 92 4.28 11.33 -44.09
C PRO D 92 2.88 11.75 -43.63
N ASN D 93 2.48 12.95 -44.01
CA ASN D 93 1.16 13.44 -43.63
C ASN D 93 0.21 13.42 -44.80
N GLY D 94 -0.72 12.46 -44.80
CA GLY D 94 -1.69 12.41 -45.88
C GLY D 94 -1.79 11.09 -46.61
N LYS D 95 -0.93 10.14 -46.28
CA LYS D 95 -0.98 8.84 -46.94
C LYS D 95 -2.44 8.53 -47.16
N LYS D 96 -2.80 8.32 -48.41
CA LYS D 96 -4.18 8.01 -48.79
C LYS D 96 -4.36 6.51 -48.89
N TYR D 97 -5.53 6.03 -48.51
CA TYR D 97 -5.82 4.60 -48.58
C TYR D 97 -7.20 4.40 -49.17
N GLU D 98 -7.34 3.40 -50.04
CA GLU D 98 -8.64 3.10 -50.64
C GLU D 98 -9.04 1.73 -50.15
N LEU D 99 -10.18 1.64 -49.48
CA LEU D 99 -10.62 0.36 -48.96
C LEU D 99 -11.97 -0.05 -49.51
N ASP D 100 -12.24 -1.34 -49.47
CA ASP D 100 -13.51 -1.87 -49.95
C ASP D 100 -14.38 -2.24 -48.77
N LYS D 101 -14.13 -1.56 -47.65
CA LYS D 101 -14.87 -1.78 -46.42
C LYS D 101 -14.93 -0.48 -45.63
N TYR D 102 -16.02 -0.31 -44.87
CA TYR D 102 -16.19 0.86 -44.02
C TYR D 102 -15.49 0.56 -42.70
N THR D 103 -14.31 1.14 -42.49
CA THR D 103 -13.56 0.91 -41.25
C THR D 103 -14.27 1.56 -40.08
N MET D 104 -13.94 1.13 -38.86
CA MET D 104 -14.56 1.68 -37.66
C MET D 104 -14.43 3.20 -37.58
N PHE D 105 -13.40 3.73 -38.22
CA PHE D 105 -13.18 5.17 -38.24
C PHE D 105 -14.32 5.84 -39.00
N HIS D 106 -14.77 5.18 -40.06
CA HIS D 106 -15.87 5.69 -40.88
C HIS D 106 -17.14 5.69 -40.04
N TYR D 107 -17.45 4.54 -39.46
CA TYR D 107 -18.61 4.40 -38.60
C TYR D 107 -18.64 5.50 -37.55
N LEU D 108 -17.56 5.59 -36.75
CA LEU D 108 -17.47 6.61 -35.71
C LEU D 108 -17.66 8.02 -36.28
N ARG D 109 -16.98 8.32 -37.37
CA ARG D 109 -17.10 9.63 -37.99
C ARG D 109 -18.56 9.94 -38.37
N ALA D 110 -19.26 8.92 -38.84
CA ALA D 110 -20.65 9.06 -39.27
C ALA D 110 -21.63 9.41 -38.14
N GLN D 111 -21.25 9.13 -36.90
CA GLN D 111 -22.12 9.43 -35.78
C GLN D 111 -21.83 10.82 -35.24
N GLU D 112 -21.11 11.60 -36.02
CA GLU D 112 -20.75 12.96 -35.64
C GLU D 112 -21.58 13.94 -36.46
N PHE D 113 -21.78 15.15 -35.95
CA PHE D 113 -22.56 16.17 -36.65
C PHE D 113 -22.13 17.55 -36.23
N GLU D 114 -22.89 18.57 -36.64
CA GLU D 114 -22.55 19.95 -36.27
C GLU D 114 -23.66 20.62 -35.48
N HIS D 115 -23.37 20.94 -34.22
CA HIS D 115 -24.32 21.60 -33.34
C HIS D 115 -24.59 23.05 -33.78
N ARG D 119 -31.11 24.16 -38.50
CA ARG D 119 -31.55 22.89 -39.06
C ARG D 119 -31.44 21.78 -38.03
N ILE D 120 -32.41 20.87 -38.04
CA ILE D 120 -32.44 19.75 -37.11
C ILE D 120 -31.42 18.69 -37.52
N ALA D 121 -31.82 17.42 -37.37
CA ALA D 121 -30.98 16.27 -37.73
C ALA D 121 -31.70 15.03 -37.24
N LEU D 122 -31.42 13.88 -37.84
CA LEU D 122 -32.06 12.66 -37.38
C LEU D 122 -31.25 11.39 -37.49
N THR D 123 -31.51 10.48 -36.55
CA THR D 123 -30.85 9.20 -36.46
C THR D 123 -31.15 8.28 -37.65
N ASN D 124 -30.11 7.99 -38.42
CA ASN D 124 -30.17 7.13 -39.59
C ASN D 124 -29.46 5.81 -39.25
N SER D 125 -29.84 4.72 -39.91
CA SER D 125 -29.21 3.43 -39.66
C SER D 125 -28.29 3.06 -40.83
N VAL D 126 -28.10 3.99 -41.76
CA VAL D 126 -27.24 3.77 -42.92
C VAL D 126 -26.00 4.63 -42.84
N ASN D 127 -24.85 4.05 -43.18
CA ASN D 127 -23.60 4.77 -43.12
C ASN D 127 -23.41 5.75 -44.26
N GLU D 128 -23.80 5.36 -45.48
CA GLU D 128 -23.66 6.24 -46.63
C GLU D 128 -24.19 7.62 -46.25
N ALA D 129 -25.11 7.63 -45.30
CA ALA D 129 -25.66 8.87 -44.79
C ALA D 129 -24.70 9.30 -43.68
N LEU D 130 -23.76 10.18 -44.02
CA LEU D 130 -22.77 10.66 -43.06
C LEU D 130 -23.25 11.89 -42.27
N PRO D 133 -23.69 15.16 -43.54
CA PRO D 133 -24.68 16.25 -43.51
C PRO D 133 -25.38 16.40 -42.16
N SER D 134 -26.71 16.33 -42.18
CA SER D 134 -27.50 16.44 -40.96
C SER D 134 -28.00 15.07 -40.55
N ARG D 135 -27.29 14.04 -40.98
CA ARG D 135 -27.64 12.66 -40.64
C ARG D 135 -26.55 12.08 -39.76
N VAL D 136 -26.95 11.37 -38.72
CA VAL D 136 -26.03 10.75 -37.78
C VAL D 136 -26.28 9.26 -37.77
N TYR D 137 -25.28 8.47 -38.15
CA TYR D 137 -25.46 7.02 -38.15
C TYR D 137 -25.81 6.55 -36.73
N THR D 138 -26.34 5.33 -36.63
CA THR D 138 -26.70 4.75 -35.34
C THR D 138 -26.86 3.25 -35.37
N PHE D 139 -26.36 2.61 -34.31
CA PHE D 139 -26.43 1.16 -34.17
C PHE D 139 -27.65 0.78 -33.34
N PHE D 140 -28.54 1.74 -33.13
CA PHE D 140 -29.76 1.50 -32.34
C PHE D 140 -30.89 0.92 -33.20
N SER D 141 -31.87 0.35 -32.52
CA SER D 141 -33.04 -0.24 -33.18
C SER D 141 -33.64 0.72 -34.20
N SER D 142 -34.04 0.17 -35.34
CA SER D 142 -34.65 0.97 -36.40
C SER D 142 -35.92 1.62 -35.84
N ASP D 143 -36.52 0.97 -34.85
CA ASP D 143 -37.71 1.49 -34.21
C ASP D 143 -37.31 2.77 -33.51
N TYR D 144 -36.16 2.70 -32.83
CA TYR D 144 -35.63 3.83 -32.09
C TYR D 144 -35.40 5.05 -32.98
N VAL D 145 -34.86 4.82 -34.17
CA VAL D 145 -34.60 5.93 -35.09
C VAL D 145 -35.89 6.63 -35.54
N LYS D 146 -36.98 5.88 -35.57
CA LYS D 146 -38.27 6.43 -35.98
C LYS D 146 -38.84 7.35 -34.91
N LYS D 147 -38.63 7.01 -33.64
CA LYS D 147 -39.13 7.83 -32.54
C LYS D 147 -38.45 9.20 -32.48
N VAL D 148 -37.98 9.69 -33.64
CA VAL D 148 -37.33 10.99 -33.71
C VAL D 148 -37.30 11.48 -35.16
N GLU D 153 -38.36 14.40 -29.54
CA GLU D 153 -38.97 13.47 -30.49
C GLU D 153 -40.46 13.76 -30.59
N ALA D 154 -41.24 12.75 -30.99
CA ALA D 154 -42.68 12.89 -31.14
C ALA D 154 -42.91 13.96 -32.21
N ALA D 155 -44.18 14.30 -32.40
CA ALA D 155 -44.57 15.29 -33.40
C ALA D 155 -44.15 16.69 -32.97
N MET D 156 -44.58 17.10 -31.78
CA MET D 156 -44.26 18.42 -31.25
C MET D 156 -45.47 19.04 -30.57
N PHE D 157 -45.22 19.90 -29.59
CA PHE D 157 -46.30 20.55 -28.86
C PHE D 157 -46.83 19.65 -27.76
N LEU D 158 -46.71 18.34 -27.94
CA LEU D 158 -47.18 17.37 -26.97
C LEU D 158 -46.53 16.01 -27.20
N GLY D 159 -46.04 15.40 -26.12
CA GLY D 159 -45.38 14.12 -26.21
C GLY D 159 -44.04 14.25 -25.53
N TRP D 160 -43.84 15.40 -24.89
CA TRP D 160 -42.61 15.68 -24.18
C TRP D 160 -42.38 14.67 -23.06
N VAL D 161 -43.41 14.42 -22.26
CA VAL D 161 -43.33 13.45 -21.17
C VAL D 161 -42.96 12.09 -21.74
N GLU D 162 -42.90 12.02 -23.07
CA GLU D 162 -42.59 10.78 -23.75
C GLU D 162 -41.14 10.75 -24.24
N GLN D 163 -40.21 11.13 -23.37
CA GLN D 163 -38.80 11.11 -23.72
C GLN D 163 -38.39 9.69 -24.12
N LEU D 164 -37.31 9.57 -24.88
CA LEU D 164 -36.84 8.25 -25.32
C LEU D 164 -35.81 7.70 -24.35
N VAL D 165 -35.53 8.47 -23.30
CA VAL D 165 -34.56 8.09 -22.26
C VAL D 165 -34.56 6.59 -21.99
N TYR D 166 -35.70 6.07 -21.54
CA TYR D 166 -35.81 4.65 -21.23
C TYR D 166 -35.34 3.76 -22.39
N ASP D 167 -35.64 4.17 -23.61
CA ASP D 167 -35.23 3.39 -24.78
C ASP D 167 -33.74 3.48 -25.02
N PHE D 168 -33.17 4.65 -24.75
CA PHE D 168 -31.74 4.85 -24.93
C PHE D 168 -30.99 3.85 -24.07
N THR D 169 -31.17 3.93 -22.75
CA THR D 169 -30.49 3.03 -21.84
C THR D 169 -30.81 1.57 -22.11
N ASP D 170 -32.05 1.29 -22.48
CA ASP D 170 -32.45 -0.09 -22.74
C ASP D 170 -31.55 -0.73 -23.79
N GLU D 171 -31.24 0.01 -24.86
CA GLU D 171 -30.40 -0.52 -25.91
C GLU D 171 -28.92 -0.50 -25.60
N THR D 172 -28.50 0.37 -24.68
CA THR D 172 -27.09 0.45 -24.32
C THR D 172 -26.72 -0.58 -23.25
N SER D 173 -27.70 -1.28 -22.71
CA SER D 173 -27.42 -2.25 -21.67
C SER D 173 -27.60 -3.70 -22.07
N GLU D 174 -28.10 -3.95 -23.28
CA GLU D 174 -28.29 -5.33 -23.70
C GLU D 174 -26.98 -6.10 -23.55
N VAL D 175 -27.08 -7.31 -22.99
CA VAL D 175 -25.91 -8.16 -22.78
C VAL D 175 -26.25 -9.64 -22.93
N SER D 176 -25.84 -10.24 -24.04
CA SER D 176 -26.11 -11.66 -24.25
C SER D 176 -25.06 -12.52 -23.56
N THR D 177 -25.31 -13.81 -23.48
CA THR D 177 -24.39 -14.75 -22.84
C THR D 177 -24.06 -15.90 -23.79
N ASP D 183 -14.82 -19.00 -21.51
CA ASP D 183 -13.72 -18.04 -21.36
C ASP D 183 -14.23 -16.61 -21.37
N ILE D 184 -15.37 -16.39 -22.02
CA ILE D 184 -15.98 -15.06 -22.08
C ILE D 184 -17.43 -15.22 -21.61
N THR D 185 -17.72 -14.64 -20.45
CA THR D 185 -19.05 -14.74 -19.85
C THR D 185 -20.14 -13.88 -20.49
N ILE D 186 -19.82 -12.62 -20.76
CA ILE D 186 -20.80 -11.72 -21.34
C ILE D 186 -20.41 -11.24 -22.73
N ILE D 187 -21.38 -10.69 -23.45
CA ILE D 187 -21.15 -10.18 -24.80
C ILE D 187 -22.09 -9.01 -25.08
N ILE D 188 -21.51 -7.88 -25.48
CA ILE D 188 -22.28 -6.68 -25.81
C ILE D 188 -22.44 -6.66 -27.32
N PRO D 189 -23.55 -7.21 -27.82
CA PRO D 189 -23.89 -7.31 -29.25
C PRO D 189 -23.82 -6.04 -30.09
N TYR D 190 -24.29 -4.90 -29.57
CA TYR D 190 -24.28 -3.68 -30.36
C TYR D 190 -22.89 -3.09 -30.64
N ILE D 191 -21.86 -3.76 -30.12
CA ILE D 191 -20.49 -3.32 -30.37
C ILE D 191 -20.22 -3.61 -31.85
N GLY D 192 -20.71 -4.75 -32.31
CA GLY D 192 -20.54 -5.14 -33.69
C GLY D 192 -20.92 -4.07 -34.69
N PRO D 193 -22.16 -3.54 -34.63
CA PRO D 193 -22.62 -2.49 -35.55
C PRO D 193 -22.16 -1.10 -35.16
N ALA D 194 -21.71 -0.94 -33.92
CA ALA D 194 -21.23 0.35 -33.44
C ALA D 194 -19.90 0.72 -34.10
N LEU D 195 -19.03 -0.27 -34.28
CA LEU D 195 -17.71 -0.07 -34.87
C LEU D 195 -17.46 -0.92 -36.12
N ASN D 196 -18.42 -1.77 -36.46
CA ASN D 196 -18.32 -2.66 -37.63
C ASN D 196 -17.26 -3.74 -37.39
N ILE D 197 -17.15 -4.17 -36.15
CA ILE D 197 -16.19 -5.20 -35.77
C ILE D 197 -16.47 -6.47 -36.57
N GLY D 198 -15.43 -7.25 -36.81
CA GLY D 198 -15.57 -8.49 -37.55
C GLY D 198 -16.07 -8.26 -38.97
N ASN D 199 -15.27 -8.66 -39.95
CA ASN D 199 -15.64 -8.50 -41.35
C ASN D 199 -17.05 -7.96 -41.53
N MET D 200 -17.22 -6.66 -41.30
CA MET D 200 -18.51 -6.01 -41.44
C MET D 200 -19.65 -6.95 -41.04
N LEU D 201 -20.11 -6.79 -39.80
CA LEU D 201 -21.22 -7.59 -39.28
C LEU D 201 -22.13 -6.75 -38.41
N LYS D 203 -26.55 -5.83 -32.57
CA LYS D 203 -26.66 -7.27 -32.51
C LYS D 203 -26.73 -7.89 -33.91
N ASP D 204 -25.63 -7.84 -34.63
CA ASP D 204 -25.58 -8.37 -36.00
C ASP D 204 -24.68 -9.59 -36.11
N ASP D 205 -25.27 -10.76 -35.91
CA ASP D 205 -24.53 -12.02 -36.02
C ASP D 205 -23.03 -11.76 -35.91
N PHE D 206 -22.64 -11.35 -34.70
CA PHE D 206 -21.31 -11.01 -34.41
C PHE D 206 -21.07 -11.71 -33.11
N VAL D 207 -22.18 -11.81 -32.42
CA VAL D 207 -22.21 -12.58 -31.22
C VAL D 207 -21.87 -13.97 -31.71
N GLY D 208 -22.13 -14.27 -33.01
CA GLY D 208 -21.82 -15.60 -33.51
C GLY D 208 -20.34 -15.70 -33.79
N ALA D 209 -19.73 -14.56 -34.12
CA ALA D 209 -18.31 -14.51 -34.42
C ALA D 209 -17.47 -14.81 -33.19
N LEU D 210 -17.75 -14.11 -32.09
CA LEU D 210 -17.00 -14.33 -30.86
C LEU D 210 -17.06 -15.77 -30.40
N ILE D 211 -18.23 -16.39 -30.55
CA ILE D 211 -18.42 -17.78 -30.13
C ILE D 211 -17.71 -18.75 -31.06
N PHE D 212 -17.69 -18.40 -32.34
CA PHE D 212 -17.05 -19.23 -33.34
C PHE D 212 -15.53 -19.03 -33.37
N SER D 213 -15.10 -17.79 -33.59
CA SER D 213 -13.69 -17.45 -33.68
C SER D 213 -12.98 -17.10 -32.38
N GLY D 214 -13.57 -16.18 -31.60
CA GLY D 214 -12.95 -15.78 -30.35
C GLY D 214 -12.64 -14.28 -30.34
N ALA D 215 -11.96 -13.82 -29.30
CA ALA D 215 -11.62 -12.40 -29.17
C ALA D 215 -10.85 -11.82 -30.36
N VAL D 216 -10.31 -12.70 -31.20
CA VAL D 216 -9.56 -12.27 -32.38
C VAL D 216 -10.36 -11.25 -33.17
N ILE D 217 -11.67 -11.48 -33.26
CA ILE D 217 -12.60 -10.61 -33.96
C ILE D 217 -12.39 -9.13 -33.69
N LEU D 218 -12.17 -8.78 -32.43
CA LEU D 218 -11.98 -7.40 -32.00
C LEU D 218 -10.68 -6.80 -32.53
N LEU D 219 -9.64 -7.62 -32.57
CA LEU D 219 -8.31 -7.22 -33.00
C LEU D 219 -8.22 -6.59 -34.37
N GLU D 220 -7.65 -5.40 -34.40
CA GLU D 220 -7.46 -4.65 -35.64
C GLU D 220 -6.36 -5.35 -36.45
N PHE D 221 -5.49 -6.07 -35.73
CA PHE D 221 -4.39 -6.80 -36.36
C PHE D 221 -3.92 -7.97 -35.49
N ILE D 222 -3.71 -9.13 -36.12
CA ILE D 222 -3.26 -10.31 -35.41
C ILE D 222 -1.77 -10.11 -35.13
N PRO D 223 -1.37 -10.14 -33.85
CA PRO D 223 0.02 -9.95 -33.43
C PRO D 223 0.96 -11.11 -33.73
N GLU D 224 2.22 -10.77 -33.93
CA GLU D 224 3.23 -11.77 -34.20
C GLU D 224 3.83 -12.22 -32.87
N ILE D 225 3.75 -13.50 -32.56
CA ILE D 225 4.34 -13.99 -31.32
C ILE D 225 5.46 -14.99 -31.65
N ALA D 226 6.69 -14.49 -31.69
CA ALA D 226 7.85 -15.30 -32.03
C ALA D 226 8.51 -16.07 -30.88
N ILE D 227 8.25 -17.37 -30.83
CA ILE D 227 8.84 -18.22 -29.80
C ILE D 227 9.59 -19.37 -30.50
N PRO D 228 10.92 -19.24 -30.59
CA PRO D 228 11.80 -20.22 -31.22
C PRO D 228 11.97 -21.49 -30.42
N VAL D 229 12.72 -22.43 -30.98
CA VAL D 229 13.01 -23.67 -30.28
C VAL D 229 13.89 -23.23 -29.12
N LEU D 230 13.47 -23.51 -27.89
CA LEU D 230 14.23 -23.09 -26.73
C LEU D 230 15.62 -23.72 -26.65
N GLY D 231 16.60 -22.89 -26.31
CA GLY D 231 17.97 -23.38 -26.19
C GLY D 231 18.01 -24.50 -25.18
N THR D 232 18.87 -25.49 -25.39
CA THR D 232 18.95 -26.61 -24.47
C THR D 232 20.11 -26.55 -23.47
N PHE D 233 20.03 -27.41 -22.46
CA PHE D 233 21.04 -27.49 -21.41
C PHE D 233 22.14 -28.51 -21.65
N ALA D 234 23.34 -28.17 -21.18
CA ALA D 234 24.50 -29.04 -21.28
C ALA D 234 25.03 -29.11 -19.86
N LEU D 235 25.37 -30.29 -19.38
CA LEU D 235 25.86 -30.41 -18.01
C LEU D 235 27.32 -30.83 -17.89
N VAL D 236 28.05 -30.16 -17.01
CA VAL D 236 29.45 -30.49 -16.78
C VAL D 236 29.54 -31.67 -15.82
N SER D 237 30.43 -32.61 -16.10
CA SER D 237 30.59 -33.78 -15.24
C SER D 237 31.72 -33.57 -14.23
N TYR D 238 31.62 -34.27 -13.12
CA TYR D 238 32.64 -34.18 -12.08
C TYR D 238 32.91 -35.61 -11.63
N ILE D 239 33.67 -36.32 -12.44
CA ILE D 239 34.03 -37.71 -12.19
C ILE D 239 34.32 -37.98 -10.71
N ALA D 240 33.75 -39.06 -10.20
CA ALA D 240 33.92 -39.47 -8.81
C ALA D 240 33.51 -38.47 -7.74
N ASN D 241 32.54 -37.61 -8.02
CA ASN D 241 32.08 -36.66 -7.00
C ASN D 241 30.55 -36.57 -6.99
N LYS D 242 29.94 -37.40 -6.17
CA LYS D 242 28.49 -37.44 -6.05
C LYS D 242 27.86 -36.10 -5.69
N VAL D 243 28.40 -35.44 -4.67
CA VAL D 243 27.88 -34.13 -4.26
C VAL D 243 27.84 -33.18 -5.44
N LEU D 244 28.96 -33.04 -6.15
CA LEU D 244 29.00 -32.16 -7.31
C LEU D 244 28.05 -32.63 -8.41
N THR D 245 27.95 -33.94 -8.62
CA THR D 245 27.06 -34.48 -9.66
C THR D 245 25.59 -34.10 -9.38
N VAL D 246 25.12 -34.47 -8.19
CA VAL D 246 23.76 -34.18 -7.79
C VAL D 246 23.50 -32.67 -7.78
N GLN D 247 24.52 -31.92 -7.35
CA GLN D 247 24.39 -30.48 -7.28
C GLN D 247 24.13 -29.85 -8.63
N THR D 248 24.75 -30.37 -9.69
CA THR D 248 24.51 -29.77 -11.00
C THR D 248 23.19 -30.25 -11.60
N ILE D 249 22.72 -31.44 -11.18
CA ILE D 249 21.44 -31.97 -11.66
C ILE D 249 20.33 -31.08 -11.09
N ASP D 250 20.44 -30.78 -9.79
CA ASP D 250 19.48 -29.91 -9.12
C ASP D 250 19.53 -28.55 -9.81
N ASN D 251 20.73 -28.00 -9.99
CA ASN D 251 20.89 -26.71 -10.65
C ASN D 251 20.20 -26.74 -12.01
N ALA D 252 20.22 -27.89 -12.66
CA ALA D 252 19.58 -28.03 -13.97
C ALA D 252 18.06 -27.95 -13.86
N LEU D 253 17.49 -28.70 -12.92
CA LEU D 253 16.06 -28.69 -12.71
C LEU D 253 15.59 -27.32 -12.28
N SER D 254 16.37 -26.67 -11.43
CA SER D 254 16.07 -25.34 -10.95
C SER D 254 16.06 -24.34 -12.12
N LYS D 255 17.13 -24.35 -12.91
CA LYS D 255 17.23 -23.44 -14.05
C LYS D 255 16.12 -23.69 -15.08
N ARG D 256 15.53 -24.88 -15.05
CA ARG D 256 14.46 -25.23 -15.97
C ARG D 256 13.18 -24.48 -15.60
N ASN D 257 12.91 -24.40 -14.30
CA ASN D 257 11.74 -23.69 -13.81
C ASN D 257 11.87 -22.22 -14.21
N GLU D 258 13.09 -21.71 -14.08
CA GLU D 258 13.38 -20.34 -14.44
C GLU D 258 13.13 -20.14 -15.93
N LYS D 259 13.26 -21.21 -16.70
CA LYS D 259 13.04 -21.15 -18.14
C LYS D 259 11.56 -20.95 -18.45
N TRP D 260 10.70 -21.66 -17.72
CA TRP D 260 9.27 -21.54 -17.94
C TRP D 260 8.85 -20.11 -17.60
N ASP D 261 9.33 -19.62 -16.46
CA ASP D 261 9.01 -18.28 -16.01
C ASP D 261 9.42 -17.21 -17.03
N GLU D 262 10.55 -17.42 -17.68
CA GLU D 262 11.06 -16.49 -18.69
C GLU D 262 10.13 -16.38 -19.89
N VAL D 263 9.73 -17.53 -20.43
CA VAL D 263 8.85 -17.60 -21.59
C VAL D 263 7.51 -16.93 -21.31
N TYR D 264 6.89 -17.30 -20.19
CA TYR D 264 5.61 -16.73 -19.79
C TYR D 264 5.72 -15.22 -19.73
N LYS D 265 6.77 -14.77 -19.05
CA LYS D 265 7.06 -13.36 -18.89
C LYS D 265 7.28 -12.71 -20.24
N TYR D 266 7.91 -13.42 -21.15
CA TYR D 266 8.14 -12.86 -22.48
C TYR D 266 6.80 -12.68 -23.18
N ILE D 267 6.01 -13.75 -23.19
CA ILE D 267 4.69 -13.73 -23.81
C ILE D 267 3.81 -12.58 -23.31
N VAL D 268 3.77 -12.41 -21.98
CA VAL D 268 2.97 -11.36 -21.37
C VAL D 268 3.37 -9.97 -21.84
N THR D 269 4.67 -9.77 -22.02
CA THR D 269 5.18 -8.49 -22.48
C THR D 269 4.66 -8.24 -23.88
N ASN D 270 4.63 -9.29 -24.70
CA ASN D 270 4.13 -9.17 -26.06
C ASN D 270 2.63 -8.89 -26.03
N TRP D 271 1.91 -9.65 -25.21
CA TRP D 271 0.47 -9.49 -25.04
C TRP D 271 0.09 -8.08 -24.62
N LEU D 272 0.83 -7.52 -23.67
CA LEU D 272 0.56 -6.18 -23.17
C LEU D 272 0.77 -5.10 -24.23
N ALA D 273 1.85 -5.24 -25.00
CA ALA D 273 2.17 -4.24 -26.00
C ALA D 273 1.41 -4.35 -27.32
N LYS D 274 1.07 -5.56 -27.73
CA LYS D 274 0.38 -5.76 -29.00
C LYS D 274 -1.14 -5.94 -28.96
N VAL D 275 -1.63 -6.77 -28.04
CA VAL D 275 -3.06 -7.04 -27.94
C VAL D 275 -3.80 -6.11 -26.97
N ASN D 276 -3.38 -6.12 -25.71
CA ASN D 276 -4.01 -5.29 -24.70
C ASN D 276 -4.07 -3.80 -25.06
N THR D 277 -3.10 -3.31 -25.83
CA THR D 277 -3.12 -1.90 -26.23
C THR D 277 -4.27 -1.67 -27.22
N GLN D 278 -4.51 -2.66 -28.07
CA GLN D 278 -5.58 -2.55 -29.06
C GLN D 278 -6.93 -2.49 -28.34
N ILE D 279 -7.16 -3.46 -27.47
CA ILE D 279 -8.39 -3.56 -26.69
C ILE D 279 -8.66 -2.24 -25.98
N ASP D 280 -7.64 -1.68 -25.32
CA ASP D 280 -7.81 -0.43 -24.61
C ASP D 280 -8.31 0.68 -25.52
N LEU D 281 -7.76 0.77 -26.73
CA LEU D 281 -8.19 1.81 -27.65
C LEU D 281 -9.64 1.58 -28.11
N ILE D 282 -10.04 0.32 -28.20
CA ILE D 282 -11.41 0.03 -28.59
C ILE D 282 -12.37 0.46 -27.48
N ARG D 283 -11.92 0.39 -26.22
CA ARG D 283 -12.73 0.80 -25.07
C ARG D 283 -13.07 2.27 -25.26
N LYS D 284 -12.02 3.03 -25.60
CA LYS D 284 -12.09 4.46 -25.82
C LYS D 284 -12.99 4.77 -27.02
N LYS D 285 -12.91 3.90 -28.02
CA LYS D 285 -13.68 4.03 -29.24
C LYS D 285 -15.16 3.86 -28.92
N MET D 286 -15.46 2.83 -28.14
CA MET D 286 -16.83 2.52 -27.74
C MET D 286 -17.41 3.65 -26.87
N LYS D 287 -16.54 4.27 -26.07
CA LYS D 287 -16.93 5.37 -25.20
C LYS D 287 -17.38 6.57 -26.02
N GLU D 288 -16.66 6.83 -27.10
CA GLU D 288 -17.00 7.96 -27.96
C GLU D 288 -18.32 7.69 -28.67
N ALA D 289 -18.44 6.52 -29.27
CA ALA D 289 -19.64 6.13 -29.98
C ALA D 289 -20.86 6.44 -29.11
N LEU D 290 -20.84 5.97 -27.87
CA LEU D 290 -21.93 6.19 -26.92
C LEU D 290 -22.14 7.67 -26.65
N GLU D 291 -21.07 8.38 -26.32
CA GLU D 291 -21.20 9.80 -26.04
C GLU D 291 -21.58 10.56 -27.31
N ASN D 292 -21.67 9.87 -28.43
CA ASN D 292 -22.07 10.51 -29.67
C ASN D 292 -23.57 10.33 -29.83
N GLN D 293 -24.03 9.12 -29.52
CA GLN D 293 -25.45 8.78 -29.61
C GLN D 293 -26.28 9.63 -28.66
N ALA D 294 -25.74 9.87 -27.47
CA ALA D 294 -26.43 10.68 -26.48
C ALA D 294 -26.49 12.14 -26.92
N GLU D 295 -25.39 12.63 -27.49
CA GLU D 295 -25.33 14.01 -27.95
C GLU D 295 -26.28 14.24 -29.12
N ALA D 296 -26.54 13.17 -29.87
CA ALA D 296 -27.40 13.24 -31.03
C ALA D 296 -28.87 13.25 -30.63
N THR D 297 -29.30 12.28 -29.82
CA THR D 297 -30.69 12.25 -29.42
C THR D 297 -31.02 13.51 -28.63
N LYS D 298 -30.03 14.05 -27.92
CA LYS D 298 -30.28 15.27 -27.16
C LYS D 298 -30.53 16.39 -28.16
N ALA D 299 -29.65 16.52 -29.13
CA ALA D 299 -29.77 17.54 -30.16
C ALA D 299 -31.17 17.46 -30.79
N ILE D 300 -31.61 16.24 -31.06
CA ILE D 300 -32.92 15.99 -31.65
C ILE D 300 -33.99 16.56 -30.71
N ILE D 301 -34.10 15.95 -29.53
CA ILE D 301 -35.07 16.40 -28.53
C ILE D 301 -35.00 17.91 -28.36
N ASN D 302 -33.83 18.40 -27.96
CA ASN D 302 -33.65 19.83 -27.77
C ASN D 302 -34.22 20.62 -28.94
N TYR D 303 -33.99 20.13 -30.15
CA TYR D 303 -34.48 20.80 -31.35
C TYR D 303 -36.00 20.91 -31.25
N GLN D 304 -36.65 19.78 -30.99
CA GLN D 304 -38.09 19.72 -30.86
C GLN D 304 -38.50 20.32 -29.53
N TYR D 305 -38.20 21.60 -29.34
CA TYR D 305 -38.52 22.28 -28.10
C TYR D 305 -38.34 23.79 -28.24
N ASN D 306 -37.40 24.20 -29.07
CA ASN D 306 -37.16 25.62 -29.28
C ASN D 306 -38.30 26.21 -30.10
N GLN D 307 -38.85 27.32 -29.62
CA GLN D 307 -39.97 27.99 -30.29
C GLN D 307 -41.08 26.96 -30.44
N TYR D 308 -41.55 26.55 -29.26
CA TYR D 308 -42.59 25.53 -29.06
C TYR D 308 -43.91 26.19 -28.69
N THR D 309 -44.60 26.83 -29.63
CA THR D 309 -45.84 27.53 -29.30
C THR D 309 -45.64 28.39 -28.08
N GLU D 310 -44.43 28.90 -27.90
CA GLU D 310 -44.13 29.73 -26.76
C GLU D 310 -44.57 28.96 -25.51
N GLU D 311 -44.35 27.65 -25.53
CA GLU D 311 -44.74 26.78 -24.41
C GLU D 311 -43.89 27.11 -23.17
N GLU D 312 -44.14 28.29 -22.63
CA GLU D 312 -43.41 28.77 -21.46
C GLU D 312 -43.56 27.86 -20.25
N LYS D 313 -44.74 27.91 -19.64
CA LYS D 313 -45.06 27.16 -18.43
C LYS D 313 -44.81 25.65 -18.47
N ASN D 314 -44.11 25.17 -19.50
CA ASN D 314 -43.80 23.74 -19.60
C ASN D 314 -42.31 23.48 -19.72
N ASN D 315 -41.83 22.47 -18.98
CA ASN D 315 -40.42 22.09 -19.00
C ASN D 315 -39.52 23.30 -18.83
N PHE D 318 -36.16 16.30 -17.56
CA PHE D 318 -36.42 17.68 -17.17
C PHE D 318 -35.84 18.65 -18.20
N ASN D 319 -34.99 19.58 -17.73
CA ASN D 319 -34.35 20.55 -18.62
C ASN D 319 -33.05 19.94 -19.14
N ILE D 320 -32.58 20.42 -20.28
CA ILE D 320 -31.35 19.91 -20.89
C ILE D 320 -30.38 19.35 -19.86
N ASP D 321 -29.85 20.23 -19.01
CA ASP D 321 -28.90 19.83 -17.97
C ASP D 321 -29.26 18.50 -17.34
N ASP D 322 -30.52 18.38 -16.92
CA ASP D 322 -31.01 17.17 -16.29
C ASP D 322 -31.00 15.98 -17.24
N LEU D 323 -31.46 16.19 -18.48
CA LEU D 323 -31.49 15.12 -19.48
C LEU D 323 -30.09 14.57 -19.70
N SER D 324 -29.16 15.47 -19.99
CA SER D 324 -27.78 15.11 -20.23
C SER D 324 -27.30 14.17 -19.14
N SER D 325 -27.49 14.59 -17.89
CA SER D 325 -27.07 13.80 -16.72
C SER D 325 -27.62 12.39 -16.73
N LYS D 326 -28.88 12.26 -17.10
CA LYS D 326 -29.54 10.97 -17.16
C LYS D 326 -28.86 10.06 -18.17
N LEU D 327 -28.70 10.57 -19.39
CA LEU D 327 -28.07 9.81 -20.45
C LEU D 327 -26.63 9.47 -20.09
N ASN D 328 -25.91 10.46 -19.57
CA ASN D 328 -24.52 10.26 -19.19
C ASN D 328 -24.41 9.13 -18.18
N GLU D 329 -25.33 9.11 -17.22
CA GLU D 329 -25.35 8.08 -16.20
C GLU D 329 -25.59 6.71 -16.83
N SER D 330 -26.33 6.69 -17.93
CA SER D 330 -26.62 5.43 -18.63
C SER D 330 -25.44 5.03 -19.49
N ILE D 331 -24.66 6.02 -19.92
CA ILE D 331 -23.49 5.76 -20.73
C ILE D 331 -22.49 5.02 -19.87
N ASN D 332 -22.23 5.55 -18.68
CA ASN D 332 -21.28 4.93 -17.78
C ASN D 332 -21.66 3.50 -17.49
N LYS D 333 -22.95 3.25 -17.32
CA LYS D 333 -23.43 1.91 -17.02
C LYS D 333 -23.13 0.97 -18.18
N ALA D 334 -23.20 1.48 -19.40
CA ALA D 334 -22.91 0.69 -20.59
C ALA D 334 -21.42 0.36 -20.63
N MET D 335 -20.60 1.40 -20.45
CA MET D 335 -19.15 1.24 -20.46
C MET D 335 -18.69 0.23 -19.41
N ILE D 336 -19.44 0.14 -18.31
CA ILE D 336 -19.08 -0.81 -17.25
C ILE D 336 -19.18 -2.22 -17.80
N ASN D 337 -20.21 -2.50 -18.57
CA ASN D 337 -20.40 -3.83 -19.14
C ASN D 337 -19.42 -4.01 -20.29
N ILE D 338 -19.21 -2.93 -21.04
CA ILE D 338 -18.28 -2.96 -22.16
C ILE D 338 -16.90 -3.35 -21.62
N ASN D 339 -16.47 -2.65 -20.58
CA ASN D 339 -15.16 -2.91 -19.98
C ASN D 339 -15.00 -4.31 -19.44
N LYS D 340 -16.07 -4.86 -18.86
CA LYS D 340 -15.97 -6.21 -18.35
C LYS D 340 -15.79 -7.11 -19.56
N PHE D 341 -16.59 -6.88 -20.60
CA PHE D 341 -16.51 -7.67 -21.82
C PHE D 341 -15.11 -7.66 -22.42
N LEU D 342 -14.63 -6.47 -22.76
CA LEU D 342 -13.32 -6.32 -23.34
C LEU D 342 -12.19 -6.89 -22.44
N ASN D 343 -12.36 -6.82 -21.12
CA ASN D 343 -11.33 -7.37 -20.23
C ASN D 343 -11.17 -8.86 -20.53
N GLN D 344 -12.28 -9.58 -20.46
CA GLN D 344 -12.26 -11.01 -20.72
C GLN D 344 -11.67 -11.31 -22.08
N CYS D 345 -11.90 -10.43 -23.04
CA CYS D 345 -11.38 -10.63 -24.38
C CYS D 345 -9.86 -10.56 -24.41
N SER D 346 -9.32 -9.48 -23.84
CA SER D 346 -7.89 -9.28 -23.79
C SER D 346 -7.19 -10.44 -23.09
N VAL D 347 -7.79 -10.91 -22.00
CA VAL D 347 -7.21 -12.00 -21.24
C VAL D 347 -7.51 -13.35 -21.89
N SER D 348 -8.59 -13.41 -22.66
CA SER D 348 -8.94 -14.66 -23.32
C SER D 348 -7.91 -14.90 -24.41
N TYR D 349 -7.63 -13.87 -25.21
CA TYR D 349 -6.67 -14.00 -26.29
C TYR D 349 -5.34 -14.49 -25.77
N LEU D 350 -4.84 -13.84 -24.72
CA LEU D 350 -3.58 -14.22 -24.11
C LEU D 350 -3.54 -15.72 -23.81
N MET D 351 -4.53 -16.20 -23.08
CA MET D 351 -4.60 -17.60 -22.66
C MET D 351 -4.89 -18.64 -23.74
N ASN D 352 -5.67 -18.30 -24.76
CA ASN D 352 -6.01 -19.25 -25.82
C ASN D 352 -5.18 -19.13 -27.07
N SER D 353 -4.64 -17.94 -27.34
CA SER D 353 -3.88 -17.74 -28.56
C SER D 353 -2.42 -17.35 -28.40
N MET D 354 -1.91 -17.31 -27.18
CA MET D 354 -0.52 -16.91 -26.97
C MET D 354 0.24 -17.84 -26.01
N ILE D 355 -0.31 -18.05 -24.82
CA ILE D 355 0.35 -18.94 -23.87
C ILE D 355 0.57 -20.33 -24.48
N PRO D 356 -0.45 -20.90 -25.15
CA PRO D 356 -0.30 -22.22 -25.77
C PRO D 356 0.98 -22.38 -26.58
N TYR D 357 1.33 -21.36 -27.37
CA TYR D 357 2.55 -21.42 -28.17
C TYR D 357 3.78 -21.52 -27.27
N GLY D 358 3.76 -20.80 -26.16
CA GLY D 358 4.89 -20.86 -25.24
C GLY D 358 4.95 -22.20 -24.52
N VAL D 359 3.80 -22.73 -24.15
CA VAL D 359 3.76 -23.99 -23.44
C VAL D 359 4.25 -25.15 -24.31
N LYS D 360 3.94 -25.10 -25.60
CA LYS D 360 4.39 -26.17 -26.50
C LYS D 360 5.92 -26.18 -26.53
N ARG D 361 6.52 -24.99 -26.71
CA ARG D 361 7.98 -24.87 -26.76
C ARG D 361 8.61 -25.38 -25.46
N LEU D 362 7.98 -25.05 -24.33
CA LEU D 362 8.45 -25.45 -23.02
C LEU D 362 8.32 -26.94 -22.77
N GLU D 363 7.27 -27.57 -23.28
CA GLU D 363 7.12 -28.99 -23.08
C GLU D 363 8.17 -29.69 -23.93
N ASP D 364 8.52 -29.08 -25.06
CA ASP D 364 9.54 -29.66 -25.92
C ASP D 364 10.85 -29.58 -25.15
N PHE D 365 11.12 -28.40 -24.60
CA PHE D 365 12.32 -28.17 -23.82
C PHE D 365 12.45 -29.23 -22.73
N ASP D 366 11.39 -29.42 -21.96
CA ASP D 366 11.42 -30.39 -20.88
C ASP D 366 11.79 -31.78 -21.40
N ALA D 367 11.30 -32.11 -22.59
CA ALA D 367 11.58 -33.40 -23.20
C ALA D 367 13.08 -33.52 -23.43
N SER D 368 13.66 -32.50 -24.06
CA SER D 368 15.08 -32.49 -24.33
C SER D 368 15.91 -32.55 -23.06
N LEU D 369 15.47 -31.83 -22.03
CA LEU D 369 16.19 -31.81 -20.76
C LEU D 369 16.07 -33.14 -20.02
N LYS D 370 14.92 -33.79 -20.15
CA LYS D 370 14.73 -35.05 -19.49
C LYS D 370 15.76 -36.04 -20.04
N ASP D 371 15.85 -36.08 -21.37
CA ASP D 371 16.79 -36.96 -22.05
C ASP D 371 18.20 -36.59 -21.60
N ALA D 372 18.48 -35.29 -21.61
CA ALA D 372 19.77 -34.77 -21.21
C ALA D 372 20.17 -35.28 -19.83
N LEU D 373 19.27 -35.11 -18.87
CA LEU D 373 19.49 -35.54 -17.50
C LEU D 373 19.62 -37.06 -17.38
N LEU D 374 18.77 -37.80 -18.08
CA LEU D 374 18.85 -39.25 -18.03
C LEU D 374 20.24 -39.66 -18.53
N LYS D 375 20.68 -39.02 -19.62
CA LYS D 375 21.99 -39.30 -20.19
C LYS D 375 23.10 -38.92 -19.21
N TYR D 376 22.90 -37.82 -18.48
CA TYR D 376 23.87 -37.34 -17.51
C TYR D 376 24.01 -38.35 -16.38
N ILE D 377 22.89 -38.88 -15.90
CA ILE D 377 22.89 -39.85 -14.83
C ILE D 377 23.59 -41.12 -15.29
N TYR D 378 23.34 -41.52 -16.52
CA TYR D 378 23.97 -42.71 -17.06
C TYR D 378 25.48 -42.50 -17.12
N ASP D 379 25.88 -41.39 -17.75
CA ASP D 379 27.28 -41.04 -17.91
C ASP D 379 28.02 -40.94 -16.59
N ASN D 380 27.28 -40.99 -15.49
CA ASN D 380 27.92 -40.90 -14.18
C ASN D 380 27.34 -41.93 -13.22
N ARG D 381 26.66 -42.93 -13.78
CA ARG D 381 26.04 -43.97 -12.99
C ARG D 381 26.99 -44.50 -11.93
N GLY D 382 28.27 -44.56 -12.25
CA GLY D 382 29.25 -45.05 -11.30
C GLY D 382 29.36 -44.18 -10.05
N THR D 383 29.57 -42.88 -10.28
CA THR D 383 29.68 -41.94 -9.17
C THR D 383 28.33 -41.53 -8.65
N LEU D 384 27.27 -42.26 -8.94
CA LEU D 384 25.97 -41.85 -8.42
C LEU D 384 25.33 -42.95 -7.60
N ILE D 385 26.01 -44.10 -7.65
CA ILE D 385 25.81 -45.38 -6.95
C ILE D 385 24.75 -45.52 -5.87
N GLY D 386 23.45 -45.56 -6.06
CA GLY D 386 22.66 -45.66 -4.85
C GLY D 386 21.63 -44.57 -4.84
N GLN D 387 21.41 -44.14 -6.06
CA GLN D 387 20.45 -43.15 -6.39
C GLN D 387 19.92 -43.38 -7.79
N VAL D 388 20.78 -43.72 -8.73
CA VAL D 388 20.33 -43.88 -10.12
C VAL D 388 18.82 -43.93 -10.18
N ASP D 389 18.18 -44.76 -9.39
CA ASP D 389 16.72 -44.87 -9.44
C ASP D 389 16.08 -43.66 -8.76
N ARG D 390 16.58 -43.32 -7.57
CA ARG D 390 16.06 -42.18 -6.84
C ARG D 390 16.18 -40.93 -7.71
N LEU D 391 17.37 -40.70 -8.26
CA LEU D 391 17.60 -39.54 -9.11
C LEU D 391 16.79 -39.59 -10.39
N LYS D 392 16.68 -40.76 -11.01
CA LYS D 392 15.91 -40.85 -12.23
C LYS D 392 14.43 -40.52 -11.98
N ASP D 393 13.91 -40.94 -10.83
CA ASP D 393 12.52 -40.66 -10.49
C ASP D 393 12.31 -39.17 -10.24
N LYS D 394 13.31 -38.54 -9.64
CA LYS D 394 13.26 -37.11 -9.35
C LYS D 394 13.15 -36.35 -10.67
N VAL D 395 14.09 -36.63 -11.56
CA VAL D 395 14.13 -35.97 -12.86
C VAL D 395 12.85 -36.25 -13.63
N ASN D 396 12.48 -37.51 -13.68
CA ASN D 396 11.29 -37.93 -14.39
C ASN D 396 10.00 -37.33 -13.84
N ASN D 397 9.85 -37.30 -12.53
CA ASN D 397 8.64 -36.75 -11.93
C ASN D 397 8.56 -35.23 -12.09
N THR D 398 9.69 -34.56 -11.92
CA THR D 398 9.75 -33.11 -12.03
C THR D 398 9.38 -32.60 -13.42
N LEU D 399 10.00 -33.20 -14.43
CA LEU D 399 9.80 -32.78 -15.81
C LEU D 399 8.60 -33.39 -16.50
N SER D 400 7.65 -33.92 -15.73
CA SER D 400 6.48 -34.53 -16.34
C SER D 400 5.20 -33.77 -16.05
N THR D 401 5.35 -32.56 -15.51
CA THR D 401 4.20 -31.72 -15.20
C THR D 401 4.59 -30.26 -15.41
N ASP D 402 3.88 -29.63 -16.33
CA ASP D 402 4.09 -28.23 -16.65
C ASP D 402 4.10 -27.35 -15.40
N ILE D 403 4.64 -26.15 -15.54
CA ILE D 403 4.65 -25.19 -14.46
C ILE D 403 3.45 -24.32 -14.76
N PRO D 404 2.48 -24.26 -13.83
CA PRO D 404 1.29 -23.44 -14.05
C PRO D 404 1.58 -21.96 -14.27
N PHE D 405 0.78 -21.33 -15.12
CA PHE D 405 0.93 -19.92 -15.41
C PHE D 405 0.10 -19.07 -14.43
N GLN D 406 0.73 -18.07 -13.83
CA GLN D 406 0.07 -17.19 -12.89
C GLN D 406 0.29 -15.75 -13.32
N LEU D 407 -0.74 -15.16 -13.90
CA LEU D 407 -0.65 -13.79 -14.37
C LEU D 407 -0.11 -12.85 -13.31
N SER D 408 -0.52 -13.08 -12.07
CA SER D 408 -0.12 -12.25 -10.94
C SER D 408 1.35 -11.94 -10.82
N LYS D 409 2.21 -12.87 -11.22
CA LYS D 409 3.65 -12.64 -11.11
C LYS D 409 4.27 -11.94 -12.30
N TYR D 410 3.43 -11.54 -13.26
CA TYR D 410 3.91 -10.85 -14.45
C TYR D 410 3.19 -9.51 -14.57
N VAL D 411 1.98 -9.45 -14.05
CA VAL D 411 1.20 -8.23 -14.10
C VAL D 411 0.85 -7.72 -12.72
N ASP D 412 0.86 -6.40 -12.57
CA ASP D 412 0.53 -5.78 -11.29
C ASP D 412 -0.87 -5.18 -11.33
N ASN D 413 -1.39 -4.95 -12.53
CA ASN D 413 -2.71 -4.38 -12.74
C ASN D 413 -3.83 -5.24 -12.14
N GLN D 414 -4.52 -4.70 -11.15
CA GLN D 414 -5.58 -5.43 -10.48
C GLN D 414 -6.82 -5.68 -11.34
N ARG D 415 -7.12 -4.75 -12.24
CA ARG D 415 -8.27 -4.91 -13.14
C ARG D 415 -8.07 -6.22 -13.92
N LEU D 416 -6.87 -6.39 -14.49
CA LEU D 416 -6.55 -7.58 -15.27
C LEU D 416 -6.39 -8.79 -14.36
N LEU D 417 -5.63 -8.63 -13.28
CA LEU D 417 -5.40 -9.72 -12.33
C LEU D 417 -6.72 -10.31 -11.86
N SER D 418 -7.70 -9.45 -11.63
CA SER D 418 -9.00 -9.91 -11.17
C SER D 418 -9.70 -10.70 -12.26
N THR D 419 -9.65 -10.19 -13.49
CA THR D 419 -10.29 -10.87 -14.60
C THR D 419 -9.69 -12.26 -14.76
N PHE D 420 -8.39 -12.37 -14.50
CA PHE D 420 -7.72 -13.65 -14.61
C PHE D 420 -8.18 -14.57 -13.49
N THR D 421 -8.21 -14.06 -12.26
CA THR D 421 -8.64 -14.84 -11.12
C THR D 421 -10.00 -15.46 -11.41
N GLU D 422 -10.87 -14.69 -12.06
CA GLU D 422 -12.20 -15.14 -12.44
C GLU D 422 -12.08 -16.14 -13.59
N TYR D 423 -11.20 -15.83 -14.54
CA TYR D 423 -10.98 -16.68 -15.70
C TYR D 423 -10.51 -18.07 -15.25
N ILE D 424 -9.67 -18.10 -14.23
CA ILE D 424 -9.14 -19.34 -13.68
C ILE D 424 -10.28 -20.23 -13.18
N LYS D 425 -11.39 -19.60 -12.83
CA LYS D 425 -12.57 -20.28 -12.31
C LYS D 425 -12.45 -20.56 -10.83
N ASN D 426 -12.27 -19.49 -10.09
CA ASN D 426 -12.12 -19.55 -8.64
C ASN D 426 -12.86 -18.39 -7.97
N ILE D 427 -12.54 -17.23 -8.27
S SO4 E . -31.34 -8.65 19.23
O1 SO4 E . -30.17 -9.57 19.30
O2 SO4 E . -32.41 -9.17 20.10
O3 SO4 E . -31.83 -8.55 17.84
O4 SO4 E . -30.94 -7.32 19.71
ZN ZN F . -9.62 -2.87 22.88
CL CL G . 0.66 20.19 15.10
C1 GOL H . -17.93 28.36 31.97
O1 GOL H . -17.15 27.43 32.17
C2 GOL H . -19.25 28.41 32.39
O2 GOL H . -19.41 27.81 33.59
C3 GOL H . -19.93 28.97 31.57
O3 GOL H . -20.34 29.75 30.28
C1 GOL I . -32.18 19.56 31.01
O1 GOL I . -31.84 18.46 30.55
C2 GOL I . -32.43 19.86 32.35
O2 GOL I . -32.72 18.77 33.07
C3 GOL I . -32.33 21.06 32.52
O3 GOL I . -32.10 22.57 32.24
C1 GOL J . -19.12 30.70 19.29
O1 GOL J . -18.97 30.53 18.09
C2 GOL J . -19.22 31.94 19.94
O2 GOL J . -18.08 32.65 19.81
C3 GOL J . -20.31 32.05 20.44
O3 GOL J . -21.77 31.70 20.86
CL CL K . 5.18 20.75 28.92
S SO4 L . -13.46 -37.16 -27.05
O1 SO4 L . -12.88 -38.49 -27.27
O2 SO4 L . -14.72 -37.29 -26.31
O3 SO4 L . -13.73 -36.50 -28.35
O4 SO4 L . -12.51 -36.33 -26.27
C1 GOL M . -12.12 -23.94 8.88
O1 GOL M . -12.15 -23.62 10.08
C2 GOL M . -13.01 -24.79 8.21
O2 GOL M . -13.13 -25.99 8.82
C3 GOL M . -13.47 -24.24 7.24
O3 GOL M . -13.74 -23.13 6.17
C1 GOL N . 31.61 -10.12 15.21
O1 GOL N . 30.55 -10.32 14.65
C2 GOL N . 32.10 -8.86 15.61
O2 GOL N . 32.15 -7.99 14.58
C3 GOL N . 32.35 -8.89 16.79
O3 GOL N . 32.48 -9.44 18.24
C ACT O . 17.20 2.61 -0.15
O ACT O . 17.08 1.55 0.45
OXT ACT O . 17.12 3.67 0.45
CH3 ACT O . 17.41 2.61 -1.64
S SO4 P . 12.54 16.49 4.89
O1 SO4 P . 12.87 15.80 6.15
O2 SO4 P . 12.14 17.88 5.19
O3 SO4 P . 11.44 15.78 4.21
O4 SO4 P . 13.72 16.51 4.01
S SO4 Q . 30.67 7.49 -21.16
O1 SO4 Q . 31.07 6.80 -19.92
O2 SO4 Q . 30.50 8.92 -20.89
O3 SO4 Q . 29.42 6.90 -21.66
O4 SO4 Q . 31.72 7.31 -22.18
ZN ZN R . 8.45 12.26 -20.23
CL CL S . 20.56 -47.59 -7.20
#